data_3SNP
#
_entry.id   3SNP
#
_cell.length_a   109.555
_cell.length_b   80.851
_cell.length_c   142.873
_cell.angle_alpha   90.00
_cell.angle_beta   92.03
_cell.angle_gamma   90.00
#
_symmetry.space_group_name_H-M   'P 1 21 1'
#
loop_
_entity.id
_entity.type
_entity.pdbx_description
1 polymer 'Cytoplasmic aconitate hydratase'
2 polymer 'ferritin H IRE RNA'
3 water water
#
loop_
_entity_poly.entity_id
_entity_poly.type
_entity_poly.pdbx_seq_one_letter_code
_entity_poly.pdbx_strand_id
1 'polypeptide(L)'
;MGHHHHHHADDDDKDGVDKLSNPFAYLAEPLDPAQPGKKFFNLNKLDYSRYGRLPFSIRVLLEAAVRNCDKFLVKKEDIE
NILNWNVTQHMNIEVPFKPARVILQDFTGVPSVVDFAAMRDAVKKLGGDPEKINPICPVDLVIDHSIQVDFNRRADSLQK
NQDLEFERNRERFEFLKWGSKAFRNMRIIPPGSGIIHQVNLEYLARVVFDQDGYYYPDSLVGTDSHTTMIDGLGVLGWGV
GGIEAEAVMLGQPISMVLPQVIGYRLMGKPHPLVTSTDIVLTITKHLRQVGVVGKFVEFFGPGVAQLSIADRATIANMCP
EYGATATFFPVDEVSIKYLVQTGRDESKVKQIRKYLQAVGMFRDYSDPSQDPDFTQVVELDLKTVVPCCSGPKRPQDKVA
VSDMKKDFESCLGAKQGFKGFQVAPDHHNDHKTFIYNDSEFTLSHGSVVIAAITSSTNTSNPSVMLGAGLLAKKAVDAGL
NVKPYVKTSLSPGSGVVTYYLRESGVMPYLSQLGFDVVGYGSMTCIGNSGPLPEPVVEAITQGDLVAVGVLSGNRNFEGR
VHPNTRANYLASPPLVIAYAIAGTIRIDFEKEPLGTNAKGQQVFLRDIWPTREEIQAVERQYVIPGMFTEVYQKIETVNA
SWNALAAPSDKLYLWNPKSTYIKSPPFFENLTLDLQPPKSIVDAYVLLNLGDSVTTDHISPAGNIARNSPAARYLTNRGL
TPREFNSYGSRRGNDAIMARGTFANIRLLNRFLNKQAPQTIHLPSGETLDVFDAAERYQQEGHPLIVLAGKEYGSGSSRD
WAAKGPFLLGIKAVLAESYERIHRSNLVGMGVIPLEYLPGENADSLGLTGRERYTIIIPENLTPRMHVQVKLDTGKTFQA
VIRFDTDVELTYFHNGGILNYMIRKMAK
;
A,B
2 'polyribonucleotide' GUUCUUGCUUCAACAGUGUUUGAACGGAAC C,D
#
loop_
_chem_comp.id
_chem_comp.type
_chem_comp.name
_chem_comp.formula
A RNA linking ADENOSINE-5'-MONOPHOSPHATE 'C10 H14 N5 O7 P'
C RNA linking CYTIDINE-5'-MONOPHOSPHATE 'C9 H14 N3 O8 P'
G RNA linking GUANOSINE-5'-MONOPHOSPHATE 'C10 H14 N5 O8 P'
U RNA linking URIDINE-5'-MONOPHOSPHATE 'C9 H13 N2 O9 P'
#
# COMPACT_ATOMS: atom_id res chain seq x y z
N SER A 21 -61.10 1.87 -24.64
CA SER A 21 -61.75 3.09 -25.20
C SER A 21 -61.56 4.23 -24.19
N ASN A 22 -61.45 5.44 -24.70
CA ASN A 22 -61.27 6.60 -23.84
C ASN A 22 -62.63 7.11 -23.37
N PRO A 23 -62.96 6.90 -22.09
CA PRO A 23 -64.25 7.35 -21.55
C PRO A 23 -64.54 8.85 -21.69
N PHE A 24 -63.54 9.65 -22.05
CA PHE A 24 -63.74 11.09 -22.21
C PHE A 24 -63.67 11.54 -23.67
N ALA A 25 -63.82 10.61 -24.60
CA ALA A 25 -63.78 10.93 -26.03
C ALA A 25 -64.88 11.91 -26.42
N TYR A 26 -65.96 11.91 -25.65
CA TYR A 26 -67.09 12.79 -25.91
C TYR A 26 -66.72 14.27 -25.75
N LEU A 27 -65.53 14.53 -25.20
CA LEU A 27 -65.07 15.90 -24.99
C LEU A 27 -64.28 16.38 -26.20
N ALA A 28 -63.84 15.43 -27.02
CA ALA A 28 -63.08 15.76 -28.21
C ALA A 28 -63.98 16.39 -29.23
N GLU A 29 -63.57 17.54 -29.76
CA GLU A 29 -64.33 18.26 -30.77
C GLU A 29 -63.35 19.05 -31.61
N PRO A 30 -63.78 19.55 -32.77
CA PRO A 30 -62.86 20.33 -33.60
C PRO A 30 -62.63 21.71 -33.02
N LEU A 31 -61.40 22.19 -33.11
CA LEU A 31 -61.05 23.52 -32.63
C LEU A 31 -61.71 24.48 -33.62
N ASP A 32 -61.59 24.16 -34.89
CA ASP A 32 -62.15 24.96 -35.97
C ASP A 32 -62.95 24.06 -36.91
N PRO A 33 -64.29 24.22 -36.94
CA PRO A 33 -65.19 23.44 -37.80
C PRO A 33 -64.73 23.20 -39.24
N ALA A 34 -64.03 24.17 -39.81
CA ALA A 34 -63.54 24.04 -41.18
C ALA A 34 -62.45 22.97 -41.25
N GLN A 35 -62.01 22.53 -40.08
CA GLN A 35 -60.97 21.51 -39.94
C GLN A 35 -61.49 20.43 -38.98
N PRO A 36 -62.45 19.61 -39.44
CA PRO A 36 -63.01 18.55 -38.58
C PRO A 36 -61.96 17.58 -38.03
N GLY A 37 -60.88 17.39 -38.78
CA GLY A 37 -59.84 16.46 -38.36
C GLY A 37 -58.91 16.88 -37.24
N LYS A 38 -58.88 18.18 -36.93
CA LYS A 38 -58.04 18.68 -35.85
C LYS A 38 -58.90 18.96 -34.64
N LYS A 39 -58.79 18.09 -33.64
CA LYS A 39 -59.58 18.20 -32.42
C LYS A 39 -58.80 18.53 -31.15
N PHE A 40 -59.54 18.73 -30.07
CA PHE A 40 -58.94 19.03 -28.79
C PHE A 40 -59.95 18.66 -27.71
N PHE A 41 -59.48 18.19 -26.57
CA PHE A 41 -60.38 17.82 -25.48
C PHE A 41 -60.84 19.05 -24.76
N ASN A 42 -62.10 19.42 -24.96
CA ASN A 42 -62.64 20.59 -24.32
C ASN A 42 -62.84 20.37 -22.83
N LEU A 43 -61.83 20.75 -22.06
CA LEU A 43 -61.89 20.59 -20.63
C LEU A 43 -63.01 21.43 -20.03
N ASN A 44 -63.38 22.51 -20.73
CA ASN A 44 -64.44 23.39 -20.25
C ASN A 44 -65.72 22.62 -20.01
N LYS A 45 -66.04 21.71 -20.92
CA LYS A 45 -67.27 20.92 -20.82
C LYS A 45 -67.20 19.88 -19.72
N LEU A 46 -66.01 19.43 -19.37
CA LEU A 46 -65.85 18.42 -18.33
C LEU A 46 -66.54 18.81 -17.02
N ASP A 47 -66.27 20.04 -16.55
CA ASP A 47 -66.84 20.59 -15.32
C ASP A 47 -66.34 22.02 -15.12
N TYR A 48 -66.96 22.96 -15.82
CA TYR A 48 -66.58 24.37 -15.77
C TYR A 48 -66.41 24.97 -14.37
N SER A 49 -67.28 24.60 -13.45
CA SER A 49 -67.21 25.13 -12.09
C SER A 49 -65.86 24.90 -11.41
N ARG A 50 -65.37 23.67 -11.47
CA ARG A 50 -64.09 23.35 -10.84
C ARG A 50 -62.88 23.67 -11.72
N TYR A 51 -63.06 23.55 -13.02
CA TYR A 51 -61.97 23.80 -13.97
C TYR A 51 -61.52 25.25 -14.01
N GLY A 52 -62.49 26.16 -14.08
CA GLY A 52 -62.16 27.57 -14.14
C GLY A 52 -61.46 28.14 -12.92
N ARG A 53 -61.42 27.36 -11.84
CA ARG A 53 -60.78 27.80 -10.60
C ARG A 53 -59.43 27.12 -10.38
N LEU A 54 -59.08 26.20 -11.28
CA LEU A 54 -57.83 25.44 -11.20
C LEU A 54 -56.59 26.23 -11.62
N PRO A 55 -55.45 25.97 -10.96
CA PRO A 55 -54.21 26.66 -11.29
C PRO A 55 -53.87 26.16 -12.69
N PHE A 56 -53.36 27.03 -13.54
CA PHE A 56 -53.06 26.61 -14.90
C PHE A 56 -52.12 25.42 -14.97
N SER A 57 -51.15 25.35 -14.05
CA SER A 57 -50.23 24.23 -14.05
C SER A 57 -51.02 22.92 -13.87
N ILE A 58 -52.02 22.93 -12.99
CA ILE A 58 -52.82 21.73 -12.75
C ILE A 58 -53.67 21.38 -13.97
N ARG A 59 -54.06 22.40 -14.73
CA ARG A 59 -54.87 22.16 -15.92
C ARG A 59 -54.09 21.33 -16.93
N VAL A 60 -52.78 21.59 -17.02
CA VAL A 60 -51.95 20.83 -17.94
C VAL A 60 -51.94 19.35 -17.54
N LEU A 61 -51.93 19.08 -16.24
CA LEU A 61 -51.98 17.69 -15.76
C LEU A 61 -53.31 17.11 -16.16
N LEU A 62 -54.36 17.89 -15.91
CA LEU A 62 -55.71 17.45 -16.22
C LEU A 62 -55.83 17.06 -17.69
N GLU A 63 -55.59 18.00 -18.60
CA GLU A 63 -55.71 17.70 -20.02
C GLU A 63 -54.94 16.43 -20.42
N ALA A 64 -53.76 16.27 -19.84
CA ALA A 64 -52.91 15.12 -20.15
C ALA A 64 -53.55 13.79 -19.77
N ALA A 65 -54.16 13.72 -18.59
CA ALA A 65 -54.79 12.49 -18.14
C ALA A 65 -56.00 12.23 -19.02
N VAL A 66 -56.86 13.25 -19.16
CA VAL A 66 -58.07 13.14 -19.96
C VAL A 66 -57.82 12.60 -21.37
N ARG A 67 -56.90 13.22 -22.11
CA ARG A 67 -56.62 12.76 -23.46
C ARG A 67 -56.03 11.36 -23.52
N ASN A 68 -55.36 10.94 -22.46
CA ASN A 68 -54.75 9.60 -22.44
C ASN A 68 -55.48 8.61 -21.57
N CYS A 69 -56.75 8.89 -21.24
CA CYS A 69 -57.48 7.95 -20.41
C CYS A 69 -57.64 6.66 -21.19
N ASP A 70 -57.29 5.55 -20.54
CA ASP A 70 -57.39 4.24 -21.16
C ASP A 70 -57.86 3.22 -20.14
N LYS A 71 -58.53 3.70 -19.09
CA LYS A 71 -59.05 2.83 -18.06
C LYS A 71 -58.04 1.81 -17.51
N PHE A 72 -56.75 2.05 -17.74
CA PHE A 72 -55.71 1.14 -17.25
C PHE A 72 -54.53 1.92 -16.69
N LEU A 73 -53.64 2.39 -17.56
CA LEU A 73 -52.48 3.17 -17.13
C LEU A 73 -52.96 4.49 -16.53
N VAL A 74 -54.05 4.99 -17.09
CA VAL A 74 -54.68 6.23 -16.63
C VAL A 74 -56.16 5.92 -16.52
N LYS A 75 -56.67 5.82 -15.29
CA LYS A 75 -58.08 5.50 -15.06
C LYS A 75 -58.89 6.79 -14.93
N LYS A 76 -60.21 6.70 -14.99
CA LYS A 76 -61.01 7.91 -14.88
C LYS A 76 -61.10 8.46 -13.46
N GLU A 77 -60.73 7.68 -12.46
CA GLU A 77 -60.76 8.19 -11.09
C GLU A 77 -59.60 9.14 -10.98
N ASP A 78 -58.60 8.90 -11.82
CA ASP A 78 -57.40 9.72 -11.87
C ASP A 78 -57.77 11.10 -12.40
N ILE A 79 -58.55 11.14 -13.48
CA ILE A 79 -58.99 12.41 -14.04
C ILE A 79 -59.85 13.09 -13.01
N GLU A 80 -60.67 12.31 -12.30
CA GLU A 80 -61.54 12.88 -11.29
C GLU A 80 -60.71 13.48 -10.15
N ASN A 81 -59.66 12.77 -9.74
CA ASN A 81 -58.82 13.27 -8.67
C ASN A 81 -58.15 14.59 -9.01
N ILE A 82 -57.65 14.71 -10.23
CA ILE A 82 -56.99 15.94 -10.62
C ILE A 82 -58.00 17.09 -10.70
N LEU A 83 -59.13 16.85 -11.34
CA LEU A 83 -60.15 17.87 -11.49
C LEU A 83 -60.62 18.39 -10.12
N ASN A 84 -60.65 17.49 -9.14
CA ASN A 84 -61.07 17.85 -7.79
C ASN A 84 -59.86 18.33 -6.99
N TRP A 85 -58.91 18.97 -7.68
CA TRP A 85 -57.69 19.46 -7.07
C TRP A 85 -57.87 20.28 -5.80
N ASN A 86 -58.83 21.21 -5.81
CA ASN A 86 -59.02 22.07 -4.66
C ASN A 86 -59.14 21.27 -3.37
N VAL A 87 -59.75 20.11 -3.44
CA VAL A 87 -59.91 19.25 -2.28
C VAL A 87 -58.76 18.26 -2.12
N THR A 88 -58.53 17.49 -3.17
CA THR A 88 -57.50 16.46 -3.18
C THR A 88 -56.08 16.94 -2.88
N GLN A 89 -55.80 18.20 -3.14
CA GLN A 89 -54.45 18.72 -2.88
C GLN A 89 -54.08 18.44 -1.43
N HIS A 90 -55.08 18.40 -0.55
CA HIS A 90 -54.85 18.16 0.87
C HIS A 90 -54.90 16.70 1.34
N MET A 91 -55.16 15.78 0.43
CA MET A 91 -55.24 14.38 0.82
C MET A 91 -54.05 13.55 0.34
N ASN A 92 -53.00 14.22 -0.11
CA ASN A 92 -51.81 13.52 -0.59
C ASN A 92 -52.06 12.31 -1.48
N ILE A 93 -52.74 12.50 -2.60
CA ILE A 93 -53.01 11.38 -3.51
C ILE A 93 -52.12 11.34 -4.75
N GLU A 94 -51.78 10.12 -5.18
CA GLU A 94 -50.97 9.93 -6.37
C GLU A 94 -51.86 10.06 -7.61
N VAL A 95 -51.40 10.84 -8.59
CA VAL A 95 -52.10 11.03 -9.84
C VAL A 95 -51.09 10.79 -10.96
N PRO A 96 -51.54 10.41 -12.16
CA PRO A 96 -50.57 10.18 -13.23
C PRO A 96 -50.25 11.44 -14.05
N PHE A 97 -49.00 11.58 -14.46
CA PHE A 97 -48.58 12.69 -15.31
C PHE A 97 -48.00 12.07 -16.59
N LYS A 98 -48.65 12.29 -17.72
CA LYS A 98 -48.19 11.75 -18.99
C LYS A 98 -47.67 12.91 -19.86
N PRO A 99 -46.35 13.17 -19.81
CA PRO A 99 -45.68 14.25 -20.55
C PRO A 99 -45.89 14.10 -22.05
N ALA A 100 -45.87 15.22 -22.76
CA ALA A 100 -46.00 15.19 -24.21
C ALA A 100 -44.72 14.71 -24.89
N ARG A 101 -43.57 14.83 -24.23
CA ARG A 101 -42.30 14.41 -24.81
C ARG A 101 -41.23 14.20 -23.75
N VAL A 102 -40.06 13.72 -24.18
CA VAL A 102 -38.95 13.45 -23.30
C VAL A 102 -37.62 14.01 -23.83
N ILE A 103 -36.75 14.46 -22.92
CA ILE A 103 -35.43 14.94 -23.31
C ILE A 103 -34.39 14.07 -22.61
N LEU A 104 -33.47 13.51 -23.38
CA LEU A 104 -32.42 12.67 -22.82
C LEU A 104 -31.07 13.35 -23.05
N GLN A 105 -30.55 13.94 -21.98
CA GLN A 105 -29.31 14.71 -21.99
C GLN A 105 -28.04 13.92 -22.20
N ASP A 106 -27.16 14.47 -23.03
CA ASP A 106 -25.87 13.86 -23.32
C ASP A 106 -25.99 12.38 -23.70
N PHE A 107 -25.35 11.48 -22.95
CA PHE A 107 -25.44 10.06 -23.32
C PHE A 107 -26.32 9.26 -22.38
N THR A 108 -27.21 9.94 -21.67
CA THR A 108 -28.07 9.24 -20.73
C THR A 108 -29.14 8.40 -21.41
N GLY A 109 -29.34 8.62 -22.70
CA GLY A 109 -30.36 7.87 -23.43
C GLY A 109 -29.84 6.62 -24.10
N VAL A 110 -28.61 6.23 -23.79
CA VAL A 110 -28.04 5.04 -24.40
C VAL A 110 -28.75 3.75 -23.98
N PRO A 111 -28.83 3.48 -22.66
CA PRO A 111 -29.50 2.26 -22.21
C PRO A 111 -30.94 2.15 -22.69
N SER A 112 -31.56 3.31 -22.88
CA SER A 112 -32.95 3.39 -23.33
C SER A 112 -33.08 3.04 -24.81
N VAL A 113 -32.16 3.54 -25.63
CA VAL A 113 -32.20 3.23 -27.05
C VAL A 113 -31.82 1.76 -27.24
N VAL A 114 -30.92 1.27 -26.40
CA VAL A 114 -30.49 -0.13 -26.47
C VAL A 114 -31.68 -1.03 -26.15
N ASP A 115 -32.49 -0.63 -25.18
CA ASP A 115 -33.65 -1.43 -24.84
C ASP A 115 -34.60 -1.50 -26.02
N PHE A 116 -34.83 -0.36 -26.68
CA PHE A 116 -35.74 -0.35 -27.82
C PHE A 116 -35.20 -1.09 -29.03
N ALA A 117 -33.88 -1.06 -29.23
CA ALA A 117 -33.28 -1.78 -30.34
C ALA A 117 -33.47 -3.28 -30.06
N ALA A 118 -33.15 -3.68 -28.82
CA ALA A 118 -33.29 -5.07 -28.37
C ALA A 118 -34.75 -5.51 -28.39
N MET A 119 -35.66 -4.56 -28.22
CA MET A 119 -37.06 -4.88 -28.23
C MET A 119 -37.49 -5.21 -29.66
N ARG A 120 -36.88 -4.52 -30.63
CA ARG A 120 -37.19 -4.76 -32.04
C ARG A 120 -36.70 -6.14 -32.44
N ASP A 121 -35.49 -6.47 -32.03
CA ASP A 121 -34.96 -7.79 -32.35
C ASP A 121 -35.93 -8.82 -31.79
N ALA A 122 -36.37 -8.60 -30.55
CA ALA A 122 -37.29 -9.49 -29.86
C ALA A 122 -38.58 -9.72 -30.64
N VAL A 123 -39.17 -8.63 -31.15
CA VAL A 123 -40.41 -8.71 -31.92
C VAL A 123 -40.16 -9.44 -33.26
N LYS A 124 -38.99 -9.22 -33.82
CA LYS A 124 -38.62 -9.88 -35.07
C LYS A 124 -38.72 -11.38 -34.86
N LYS A 125 -37.90 -11.88 -33.93
CA LYS A 125 -37.86 -13.29 -33.58
C LYS A 125 -39.22 -13.91 -33.25
N LEU A 126 -40.25 -13.08 -33.07
CA LEU A 126 -41.58 -13.62 -32.77
C LEU A 126 -42.48 -13.47 -34.00
N GLY A 127 -41.85 -13.18 -35.13
CA GLY A 127 -42.59 -13.01 -36.36
C GLY A 127 -43.54 -11.82 -36.35
N GLY A 128 -43.03 -10.66 -35.96
CA GLY A 128 -43.86 -9.46 -35.94
C GLY A 128 -43.13 -8.32 -36.63
N ASP A 129 -43.81 -7.19 -36.81
CA ASP A 129 -43.18 -6.04 -37.44
C ASP A 129 -42.33 -5.26 -36.42
N PRO A 130 -41.00 -5.25 -36.60
CA PRO A 130 -40.12 -4.54 -35.67
C PRO A 130 -40.49 -3.06 -35.52
N GLU A 131 -40.92 -2.45 -36.62
CA GLU A 131 -41.27 -1.03 -36.61
C GLU A 131 -42.48 -0.67 -35.76
N LYS A 132 -43.19 -1.68 -35.29
CA LYS A 132 -44.33 -1.44 -34.43
C LYS A 132 -43.77 -0.97 -33.09
N ILE A 133 -42.52 -1.34 -32.82
CA ILE A 133 -41.80 -0.95 -31.59
C ILE A 133 -41.19 0.44 -31.75
N ASN A 134 -41.68 1.40 -30.97
CA ASN A 134 -41.17 2.77 -31.06
C ASN A 134 -41.58 3.56 -29.82
N PRO A 135 -40.81 4.61 -29.48
CA PRO A 135 -41.17 5.41 -28.31
C PRO A 135 -42.54 6.08 -28.48
N ILE A 136 -43.40 5.85 -27.50
CA ILE A 136 -44.74 6.40 -27.47
C ILE A 136 -44.79 7.90 -27.69
N CYS A 137 -43.73 8.59 -27.28
CA CYS A 137 -43.69 10.04 -27.41
C CYS A 137 -42.40 10.49 -28.10
N PRO A 138 -42.34 11.75 -28.54
CA PRO A 138 -41.14 12.27 -29.21
C PRO A 138 -40.03 12.33 -28.18
N VAL A 139 -38.80 12.05 -28.59
CA VAL A 139 -37.68 12.16 -27.67
C VAL A 139 -36.57 12.94 -28.35
N ASP A 140 -36.06 13.94 -27.65
CA ASP A 140 -35.00 14.78 -28.16
C ASP A 140 -33.72 14.42 -27.44
N LEU A 141 -32.75 13.89 -28.16
CA LEU A 141 -31.46 13.54 -27.58
C LEU A 141 -30.60 14.80 -27.65
N VAL A 142 -30.40 15.45 -26.51
CA VAL A 142 -29.63 16.68 -26.46
C VAL A 142 -28.22 16.43 -25.96
N ILE A 143 -27.28 16.33 -26.91
CA ILE A 143 -25.87 16.08 -26.61
C ILE A 143 -25.12 17.39 -26.83
N ASP A 144 -25.39 18.39 -25.99
CA ASP A 144 -24.77 19.68 -26.15
C ASP A 144 -23.71 20.12 -25.16
N HIS A 145 -22.91 19.20 -24.64
CA HIS A 145 -21.87 19.61 -23.72
C HIS A 145 -20.61 19.94 -24.51
N SER A 146 -19.78 20.82 -23.96
CA SER A 146 -18.54 21.22 -24.62
C SER A 146 -17.43 21.51 -23.60
N GLU A 165 -10.75 13.23 -25.65
CA GLU A 165 -11.81 12.34 -25.19
C GLU A 165 -13.01 12.33 -26.12
N PHE A 166 -12.95 13.12 -27.20
CA PHE A 166 -14.04 13.14 -28.16
C PHE A 166 -14.14 11.73 -28.74
N GLU A 167 -12.99 11.07 -28.82
CA GLU A 167 -12.92 9.71 -29.36
C GLU A 167 -13.52 8.71 -28.38
N ARG A 168 -13.47 9.03 -27.09
CA ARG A 168 -14.03 8.15 -26.07
C ARG A 168 -15.55 8.02 -26.23
N ASN A 169 -16.19 9.06 -26.73
CA ASN A 169 -17.64 9.07 -26.92
C ASN A 169 -18.10 8.73 -28.33
N ARG A 170 -17.17 8.64 -29.27
CA ARG A 170 -17.51 8.36 -30.66
C ARG A 170 -18.53 7.24 -30.87
N GLU A 171 -18.27 6.06 -30.30
CA GLU A 171 -19.18 4.94 -30.47
C GLU A 171 -20.58 5.23 -29.92
N ARG A 172 -20.65 5.68 -28.67
CA ARG A 172 -21.93 6.00 -28.09
C ARG A 172 -22.63 7.09 -28.90
N PHE A 173 -21.88 8.07 -29.41
CA PHE A 173 -22.51 9.10 -30.22
C PHE A 173 -23.09 8.47 -31.47
N GLU A 174 -22.32 7.58 -32.07
CA GLU A 174 -22.74 6.91 -33.29
C GLU A 174 -24.01 6.12 -33.03
N PHE A 175 -24.05 5.38 -31.93
CA PHE A 175 -25.22 4.58 -31.60
C PHE A 175 -26.50 5.38 -31.49
N LEU A 176 -26.41 6.55 -30.84
CA LEU A 176 -27.59 7.40 -30.69
C LEU A 176 -27.98 8.00 -32.03
N LYS A 177 -27.01 8.19 -32.91
CA LYS A 177 -27.31 8.76 -34.22
C LYS A 177 -28.13 7.74 -34.99
N TRP A 178 -27.71 6.49 -34.93
CA TRP A 178 -28.43 5.42 -35.61
C TRP A 178 -29.87 5.47 -35.11
N GLY A 179 -30.03 5.61 -33.81
CA GLY A 179 -31.34 5.67 -33.22
C GLY A 179 -32.23 6.80 -33.75
N SER A 180 -31.66 7.98 -33.92
CA SER A 180 -32.45 9.10 -34.41
C SER A 180 -33.03 8.81 -35.79
N LYS A 181 -32.37 7.95 -36.56
CA LYS A 181 -32.86 7.62 -37.89
C LYS A 181 -33.78 6.39 -37.88
N ALA A 182 -33.49 5.45 -36.99
CA ALA A 182 -34.26 4.21 -36.88
C ALA A 182 -35.62 4.33 -36.23
N PHE A 183 -35.80 5.30 -35.33
CA PHE A 183 -37.08 5.47 -34.66
C PHE A 183 -37.80 6.73 -35.09
N ARG A 184 -39.10 6.78 -34.87
CA ARG A 184 -39.88 7.92 -35.25
C ARG A 184 -39.91 9.00 -34.18
N ASN A 185 -40.03 10.25 -34.59
CA ASN A 185 -40.06 11.39 -33.69
C ASN A 185 -38.88 11.47 -32.73
N MET A 186 -37.78 10.80 -33.08
CA MET A 186 -36.59 10.85 -32.23
C MET A 186 -35.56 11.75 -32.90
N ARG A 187 -35.50 12.99 -32.44
CA ARG A 187 -34.59 13.99 -32.97
C ARG A 187 -33.31 14.06 -32.14
N ILE A 188 -32.27 14.69 -32.69
CA ILE A 188 -30.99 14.78 -31.98
C ILE A 188 -30.21 16.09 -32.19
N ILE A 189 -29.76 16.69 -31.09
CA ILE A 189 -28.95 17.91 -31.14
C ILE A 189 -27.53 17.39 -30.92
N PRO A 190 -26.74 17.29 -31.99
CA PRO A 190 -25.37 16.78 -31.95
C PRO A 190 -24.31 17.69 -31.32
N PRO A 191 -23.16 17.10 -30.93
CA PRO A 191 -22.04 17.81 -30.31
C PRO A 191 -21.46 18.64 -31.44
N GLY A 192 -21.11 19.90 -31.17
CA GLY A 192 -20.54 20.72 -32.22
C GLY A 192 -21.58 21.48 -33.03
N SER A 193 -22.57 22.01 -32.33
CA SER A 193 -23.62 22.80 -32.95
C SER A 193 -24.04 23.82 -31.89
N GLY A 194 -25.29 23.76 -31.43
CA GLY A 194 -25.71 24.69 -30.41
C GLY A 194 -25.15 24.27 -29.06
N ILE A 195 -24.28 25.08 -28.47
CA ILE A 195 -23.71 24.72 -27.17
C ILE A 195 -24.24 25.66 -26.09
N ILE A 196 -25.28 26.42 -26.44
CA ILE A 196 -25.93 27.32 -25.51
C ILE A 196 -27.20 26.55 -25.19
N HIS A 197 -27.12 25.74 -24.14
CA HIS A 197 -28.21 24.89 -23.69
C HIS A 197 -29.58 25.55 -23.73
N GLN A 198 -29.70 26.63 -22.97
CA GLN A 198 -30.93 27.40 -22.86
C GLN A 198 -31.63 27.56 -24.21
N VAL A 199 -30.89 28.01 -25.21
CA VAL A 199 -31.43 28.21 -26.54
C VAL A 199 -31.92 26.89 -27.13
N ASN A 200 -31.18 25.82 -26.92
CA ASN A 200 -31.59 24.53 -27.45
C ASN A 200 -32.90 24.03 -26.84
N LEU A 201 -33.10 24.29 -25.56
CA LEU A 201 -34.32 23.86 -24.90
C LEU A 201 -35.55 24.58 -25.41
N GLU A 202 -35.41 25.88 -25.62
CA GLU A 202 -36.54 26.65 -26.11
C GLU A 202 -36.77 26.30 -27.57
N TYR A 203 -35.69 25.92 -28.24
CA TYR A 203 -35.77 25.53 -29.64
C TYR A 203 -36.65 24.28 -29.75
N LEU A 204 -36.46 23.36 -28.80
CA LEU A 204 -37.19 22.10 -28.77
C LEU A 204 -38.58 22.24 -28.15
N ALA A 205 -38.91 23.41 -27.61
CA ALA A 205 -40.20 23.63 -26.98
C ALA A 205 -41.33 23.86 -27.97
N ARG A 206 -42.33 22.97 -27.95
CA ARG A 206 -43.47 23.13 -28.84
C ARG A 206 -44.46 24.13 -28.24
N VAL A 207 -44.61 24.09 -26.92
CA VAL A 207 -45.54 24.95 -26.19
C VAL A 207 -46.94 24.38 -26.35
N VAL A 208 -47.30 24.03 -27.58
CA VAL A 208 -48.57 23.41 -27.90
C VAL A 208 -48.32 22.47 -29.05
N PHE A 209 -48.83 21.25 -28.92
CA PHE A 209 -48.67 20.23 -29.95
C PHE A 209 -49.85 20.26 -30.91
N ASP A 210 -49.54 20.07 -32.19
CA ASP A 210 -50.52 20.00 -33.26
C ASP A 210 -50.08 18.68 -33.91
N GLN A 211 -50.54 17.57 -33.35
CA GLN A 211 -50.10 16.27 -33.83
C GLN A 211 -51.15 15.15 -33.86
N ASP A 212 -51.03 14.29 -34.86
CA ASP A 212 -51.93 13.16 -35.05
C ASP A 212 -53.40 13.51 -34.80
N GLY A 213 -53.83 14.64 -35.38
CA GLY A 213 -55.20 15.07 -35.26
C GLY A 213 -55.63 15.74 -33.98
N TYR A 214 -54.69 16.05 -33.09
CA TYR A 214 -55.04 16.71 -31.85
C TYR A 214 -54.15 17.86 -31.45
N TYR A 215 -54.72 18.76 -30.67
CA TYR A 215 -54.03 19.90 -30.11
C TYR A 215 -53.97 19.60 -28.62
N TYR A 216 -52.79 19.73 -28.04
CA TYR A 216 -52.66 19.49 -26.61
C TYR A 216 -51.44 20.28 -26.17
N PRO A 217 -51.36 20.61 -24.87
CA PRO A 217 -50.24 21.37 -24.34
C PRO A 217 -48.93 20.61 -24.36
N ASP A 218 -47.84 21.32 -24.61
CA ASP A 218 -46.53 20.72 -24.59
C ASP A 218 -46.20 20.52 -23.10
N SER A 219 -45.44 19.48 -22.79
CA SER A 219 -45.05 19.16 -21.42
C SER A 219 -43.99 18.08 -21.54
N LEU A 220 -43.12 17.95 -20.54
CA LEU A 220 -42.07 16.94 -20.61
C LEU A 220 -41.42 16.63 -19.29
N VAL A 221 -40.50 15.68 -19.36
CA VAL A 221 -39.67 15.30 -18.23
C VAL A 221 -38.37 14.95 -18.92
N GLY A 222 -37.24 15.27 -18.29
CA GLY A 222 -35.96 14.95 -18.91
C GLY A 222 -34.92 14.47 -17.90
N THR A 223 -33.85 13.87 -18.42
CA THR A 223 -32.79 13.41 -17.56
C THR A 223 -31.82 14.57 -17.44
N ASP A 224 -32.32 15.76 -17.69
CA ASP A 224 -31.52 16.97 -17.61
C ASP A 224 -32.04 17.81 -16.45
N SER A 225 -31.16 18.11 -15.50
CA SER A 225 -31.55 18.89 -14.33
C SER A 225 -32.11 20.28 -14.65
N HIS A 226 -31.70 20.87 -15.77
CA HIS A 226 -32.18 22.20 -16.16
C HIS A 226 -33.53 22.22 -16.83
N THR A 227 -34.15 21.05 -16.96
CA THR A 227 -35.44 20.93 -17.59
C THR A 227 -36.45 21.94 -17.07
N THR A 228 -36.43 22.20 -15.77
CA THR A 228 -37.39 23.13 -15.17
C THR A 228 -37.33 24.53 -15.74
N MET A 229 -36.31 24.82 -16.52
CA MET A 229 -36.15 26.15 -17.10
C MET A 229 -37.26 26.44 -18.09
N ILE A 230 -37.72 25.40 -18.76
CA ILE A 230 -38.74 25.57 -19.77
C ILE A 230 -40.13 25.92 -19.26
N ASP A 231 -40.32 25.92 -17.95
CA ASP A 231 -41.62 26.25 -17.38
C ASP A 231 -41.81 27.75 -17.40
N GLY A 232 -40.74 28.46 -17.75
CA GLY A 232 -40.82 29.91 -17.82
C GLY A 232 -41.51 30.30 -19.13
N LEU A 233 -41.57 29.36 -20.05
CA LEU A 233 -42.20 29.59 -21.34
C LEU A 233 -43.56 28.93 -21.43
N GLY A 234 -44.14 28.59 -20.28
CA GLY A 234 -45.45 27.95 -20.29
C GLY A 234 -45.48 26.44 -20.42
N VAL A 235 -44.32 25.81 -20.58
CA VAL A 235 -44.24 24.35 -20.72
C VAL A 235 -43.98 23.69 -19.37
N LEU A 236 -44.92 22.84 -18.94
CA LEU A 236 -44.79 22.16 -17.65
C LEU A 236 -43.82 21.01 -17.75
N GLY A 237 -42.94 20.86 -16.78
CA GLY A 237 -41.98 19.77 -16.82
C GLY A 237 -40.80 19.94 -15.88
N TRP A 238 -40.08 18.86 -15.61
CA TRP A 238 -38.93 18.91 -14.74
C TRP A 238 -38.06 17.68 -14.98
N GLY A 239 -36.88 17.65 -14.34
CA GLY A 239 -36.00 16.50 -14.50
C GLY A 239 -36.42 15.27 -13.68
N VAL A 240 -36.11 14.08 -14.20
CA VAL A 240 -36.44 12.82 -13.51
C VAL A 240 -35.32 11.82 -13.76
N GLY A 241 -35.41 10.68 -13.07
CA GLY A 241 -34.40 9.65 -13.25
C GLY A 241 -34.44 9.05 -14.63
N GLY A 242 -33.32 8.45 -15.06
CA GLY A 242 -33.24 7.83 -16.37
C GLY A 242 -34.32 6.77 -16.53
N ILE A 243 -34.51 5.94 -15.51
CA ILE A 243 -35.53 4.89 -15.56
C ILE A 243 -36.93 5.47 -15.74
N GLU A 244 -37.23 6.58 -15.06
CA GLU A 244 -38.56 7.17 -15.20
C GLU A 244 -38.74 7.74 -16.60
N ALA A 245 -37.68 8.28 -17.18
CA ALA A 245 -37.78 8.83 -18.52
C ALA A 245 -38.14 7.70 -19.48
N GLU A 246 -37.43 6.58 -19.37
CA GLU A 246 -37.69 5.44 -20.24
C GLU A 246 -39.11 4.93 -20.06
N ALA A 247 -39.59 4.91 -18.82
CA ALA A 247 -40.95 4.47 -18.52
C ALA A 247 -41.91 5.32 -19.35
N VAL A 248 -41.60 6.60 -19.50
CA VAL A 248 -42.46 7.47 -20.29
C VAL A 248 -42.40 7.05 -21.75
N MET A 249 -41.22 6.69 -22.23
CA MET A 249 -41.07 6.28 -23.60
C MET A 249 -41.82 4.98 -23.82
N LEU A 250 -42.06 4.25 -22.73
CA LEU A 250 -42.80 2.98 -22.80
C LEU A 250 -44.32 3.16 -22.57
N GLY A 251 -44.74 4.40 -22.36
CA GLY A 251 -46.16 4.67 -22.14
C GLY A 251 -46.62 4.75 -20.70
N GLN A 252 -45.68 4.59 -19.77
CA GLN A 252 -45.96 4.65 -18.34
C GLN A 252 -45.95 6.08 -17.80
N PRO A 253 -47.04 6.53 -17.17
CA PRO A 253 -47.11 7.88 -16.63
C PRO A 253 -46.19 8.02 -15.42
N ILE A 254 -45.78 9.26 -15.14
CA ILE A 254 -44.94 9.51 -14.01
C ILE A 254 -45.97 9.57 -12.94
N SER A 255 -45.71 8.88 -11.85
CA SER A 255 -46.61 8.88 -10.72
C SER A 255 -46.18 10.05 -9.84
N MET A 256 -47.13 10.82 -9.32
CA MET A 256 -46.76 11.96 -8.51
C MET A 256 -47.90 12.40 -7.61
N VAL A 257 -47.56 12.89 -6.42
CA VAL A 257 -48.59 13.37 -5.50
C VAL A 257 -49.15 14.66 -6.06
N LEU A 258 -50.48 14.76 -6.16
CA LEU A 258 -51.10 15.97 -6.65
C LEU A 258 -50.54 17.04 -5.74
N PRO A 259 -49.80 18.00 -6.30
CA PRO A 259 -49.16 19.09 -5.54
C PRO A 259 -49.98 20.29 -5.11
N GLN A 260 -49.51 20.95 -4.06
CA GLN A 260 -50.18 22.16 -3.65
C GLN A 260 -49.59 23.20 -4.62
N VAL A 261 -50.30 24.31 -4.82
CA VAL A 261 -49.78 25.32 -5.73
C VAL A 261 -49.75 26.71 -5.10
N ILE A 262 -48.52 27.19 -4.83
CA ILE A 262 -48.32 28.50 -4.24
C ILE A 262 -48.47 29.54 -5.36
N GLY A 263 -49.44 30.44 -5.24
CA GLY A 263 -49.61 31.47 -6.23
C GLY A 263 -48.73 32.66 -5.84
N TYR A 264 -47.85 33.08 -6.75
CA TYR A 264 -46.96 34.21 -6.47
C TYR A 264 -47.43 35.38 -7.34
N ARG A 265 -47.99 36.41 -6.71
CA ARG A 265 -48.51 37.56 -7.44
C ARG A 265 -47.54 38.72 -7.54
N LEU A 266 -47.48 39.29 -8.74
CA LEU A 266 -46.63 40.43 -9.05
C LEU A 266 -47.47 41.64 -9.43
N MET A 267 -47.30 42.76 -8.72
CA MET A 267 -48.05 43.96 -9.07
C MET A 267 -47.16 45.17 -8.90
N GLY A 268 -47.66 46.31 -9.36
CA GLY A 268 -46.89 47.53 -9.25
C GLY A 268 -45.82 47.63 -10.33
N LYS A 269 -45.01 48.68 -10.22
CA LYS A 269 -43.94 48.94 -11.16
C LYS A 269 -42.65 49.12 -10.37
N PRO A 270 -41.51 48.67 -10.92
CA PRO A 270 -40.24 48.82 -10.23
C PRO A 270 -39.65 50.20 -10.49
N HIS A 271 -38.88 50.72 -9.53
CA HIS A 271 -38.26 52.02 -9.71
C HIS A 271 -37.27 51.97 -10.88
N PRO A 272 -36.82 53.16 -11.35
CA PRO A 272 -35.89 53.33 -12.47
C PRO A 272 -34.59 52.55 -12.50
N LEU A 273 -33.85 52.54 -11.40
CA LEU A 273 -32.57 51.83 -11.37
C LEU A 273 -32.61 50.32 -11.16
N VAL A 274 -33.80 49.78 -10.88
CA VAL A 274 -33.99 48.35 -10.63
C VAL A 274 -33.77 47.49 -11.87
N THR A 275 -32.84 46.55 -11.77
CA THR A 275 -32.51 45.65 -12.89
C THR A 275 -33.15 44.28 -12.71
N SER A 276 -33.21 43.52 -13.80
CA SER A 276 -33.79 42.17 -13.78
C SER A 276 -33.24 41.34 -12.62
N THR A 277 -31.91 41.29 -12.51
CA THR A 277 -31.30 40.51 -11.43
C THR A 277 -31.86 40.88 -10.08
N ASP A 278 -32.14 42.17 -9.88
CA ASP A 278 -32.69 42.63 -8.60
C ASP A 278 -34.03 41.97 -8.33
N ILE A 279 -34.90 42.01 -9.34
CA ILE A 279 -36.22 41.40 -9.24
C ILE A 279 -36.14 39.89 -9.02
N VAL A 280 -35.37 39.21 -9.87
CA VAL A 280 -35.18 37.77 -9.76
C VAL A 280 -34.72 37.36 -8.36
N LEU A 281 -33.62 37.93 -7.90
CA LEU A 281 -33.10 37.58 -6.58
C LEU A 281 -34.10 37.86 -5.47
N THR A 282 -34.98 38.83 -5.66
CA THR A 282 -35.97 39.13 -4.63
C THR A 282 -37.01 38.02 -4.57
N ILE A 283 -37.53 37.66 -5.73
CA ILE A 283 -38.53 36.61 -5.87
C ILE A 283 -37.93 35.27 -5.45
N THR A 284 -36.70 35.05 -5.88
CA THR A 284 -35.96 33.84 -5.57
C THR A 284 -35.74 33.66 -4.07
N LYS A 285 -35.13 34.65 -3.46
CA LYS A 285 -34.84 34.63 -2.04
C LYS A 285 -36.12 34.49 -1.22
N HIS A 286 -37.18 35.17 -1.66
CA HIS A 286 -38.46 35.11 -0.95
C HIS A 286 -39.02 33.70 -0.93
N LEU A 287 -39.17 33.12 -2.12
CA LEU A 287 -39.71 31.76 -2.23
C LEU A 287 -39.05 30.80 -1.26
N ARG A 288 -37.76 30.97 -1.08
CA ARG A 288 -37.01 30.10 -0.18
C ARG A 288 -37.65 30.11 1.20
N GLN A 289 -37.90 31.30 1.72
CA GLN A 289 -38.48 31.48 3.05
C GLN A 289 -39.92 31.00 3.13
N VAL A 290 -40.69 31.30 2.09
CA VAL A 290 -42.09 30.90 2.05
C VAL A 290 -42.27 29.40 2.30
N GLY A 291 -41.26 28.61 1.88
CA GLY A 291 -41.33 27.18 2.06
C GLY A 291 -42.18 26.56 0.98
N VAL A 292 -41.56 26.25 -0.17
CA VAL A 292 -42.29 25.67 -1.28
C VAL A 292 -41.72 24.32 -1.69
N VAL A 293 -40.82 23.79 -0.88
CA VAL A 293 -40.24 22.49 -1.19
C VAL A 293 -41.36 21.49 -1.46
N GLY A 294 -41.22 20.71 -2.53
CA GLY A 294 -42.23 19.71 -2.85
C GLY A 294 -43.52 20.19 -3.49
N LYS A 295 -43.69 21.51 -3.57
CA LYS A 295 -44.90 22.08 -4.17
C LYS A 295 -44.64 22.68 -5.57
N PHE A 296 -45.69 23.21 -6.18
CA PHE A 296 -45.61 23.88 -7.48
C PHE A 296 -45.71 25.36 -7.15
N VAL A 297 -45.12 26.19 -7.99
CA VAL A 297 -45.23 27.63 -7.79
C VAL A 297 -45.75 28.11 -9.12
N GLU A 298 -46.83 28.89 -9.11
CA GLU A 298 -47.40 29.41 -10.34
C GLU A 298 -47.50 30.91 -10.20
N PHE A 299 -47.05 31.64 -11.22
CA PHE A 299 -47.09 33.10 -11.17
C PHE A 299 -48.36 33.74 -11.73
N PHE A 300 -48.65 34.94 -11.27
CA PHE A 300 -49.82 35.68 -11.73
C PHE A 300 -49.73 37.10 -11.24
N GLY A 301 -50.70 37.92 -11.62
CA GLY A 301 -50.68 39.31 -11.24
C GLY A 301 -50.27 40.11 -12.47
N PRO A 302 -50.70 41.37 -12.59
CA PRO A 302 -50.33 42.20 -13.76
C PRO A 302 -48.82 42.35 -13.99
N GLY A 303 -48.02 42.17 -12.93
CA GLY A 303 -46.58 42.29 -13.04
C GLY A 303 -45.89 41.28 -13.93
N VAL A 304 -46.45 40.08 -14.05
CA VAL A 304 -45.85 39.06 -14.87
C VAL A 304 -45.68 39.56 -16.30
N ALA A 305 -46.50 40.52 -16.71
CA ALA A 305 -46.41 41.05 -18.06
C ALA A 305 -45.11 41.83 -18.23
N GLN A 306 -44.44 42.14 -17.13
CA GLN A 306 -43.18 42.88 -17.16
C GLN A 306 -41.94 42.00 -17.19
N LEU A 307 -42.13 40.70 -17.04
CA LEU A 307 -41.00 39.77 -17.05
C LEU A 307 -40.87 39.14 -18.44
N SER A 308 -39.75 39.36 -19.10
CA SER A 308 -39.53 38.78 -20.42
C SER A 308 -39.38 37.27 -20.24
N ILE A 309 -39.34 36.54 -21.35
CA ILE A 309 -39.21 35.10 -21.25
C ILE A 309 -37.89 34.77 -20.61
N ALA A 310 -36.88 35.60 -20.86
CA ALA A 310 -35.55 35.39 -20.30
C ALA A 310 -35.63 35.50 -18.79
N ASP A 311 -36.40 36.46 -18.29
CA ASP A 311 -36.55 36.63 -16.85
C ASP A 311 -37.27 35.42 -16.25
N ARG A 312 -38.36 35.02 -16.88
CA ARG A 312 -39.14 33.88 -16.42
C ARG A 312 -38.29 32.60 -16.38
N ALA A 313 -37.61 32.34 -17.48
CA ALA A 313 -36.75 31.17 -17.59
C ALA A 313 -35.73 31.16 -16.45
N THR A 314 -35.15 32.32 -16.14
CA THR A 314 -34.17 32.41 -15.07
C THR A 314 -34.80 32.01 -13.74
N ILE A 315 -36.02 32.48 -13.49
CA ILE A 315 -36.67 32.15 -12.23
C ILE A 315 -37.00 30.65 -12.15
N ALA A 316 -37.62 30.14 -13.22
CA ALA A 316 -38.00 28.74 -13.26
C ALA A 316 -36.79 27.83 -13.14
N ASN A 317 -35.72 28.22 -13.81
CA ASN A 317 -34.51 27.42 -13.79
C ASN A 317 -33.85 27.31 -12.42
N MET A 318 -34.13 28.26 -11.55
CA MET A 318 -33.52 28.27 -10.22
C MET A 318 -34.41 27.62 -9.17
N CYS A 319 -35.47 26.94 -9.58
CA CYS A 319 -36.34 26.35 -8.58
C CYS A 319 -35.66 25.28 -7.73
N PRO A 320 -34.59 24.67 -8.25
CA PRO A 320 -33.94 23.67 -7.39
C PRO A 320 -33.47 24.39 -6.11
N GLU A 321 -33.11 25.66 -6.25
CA GLU A 321 -32.62 26.45 -5.12
C GLU A 321 -33.66 26.70 -4.05
N TYR A 322 -34.92 26.81 -4.44
CA TYR A 322 -35.95 27.03 -3.43
C TYR A 322 -36.83 25.81 -3.21
N GLY A 323 -36.38 24.67 -3.76
CA GLY A 323 -37.05 23.39 -3.61
C GLY A 323 -38.37 23.09 -4.29
N ALA A 324 -38.88 23.97 -5.15
CA ALA A 324 -40.15 23.68 -5.80
C ALA A 324 -39.94 22.64 -6.88
N THR A 325 -40.99 21.87 -7.17
CA THR A 325 -40.92 20.84 -8.21
C THR A 325 -40.83 21.59 -9.53
N ALA A 326 -41.68 22.60 -9.66
CA ALA A 326 -41.72 23.42 -10.85
C ALA A 326 -42.32 24.79 -10.57
N THR A 327 -41.86 25.78 -11.33
CA THR A 327 -42.34 27.14 -11.20
C THR A 327 -42.89 27.48 -12.57
N PHE A 328 -44.21 27.45 -12.68
CA PHE A 328 -44.94 27.65 -13.93
C PHE A 328 -45.38 29.08 -14.23
N PHE A 329 -45.17 29.48 -15.47
CA PHE A 329 -45.55 30.80 -15.99
C PHE A 329 -46.50 30.53 -17.16
N PRO A 330 -47.82 30.60 -16.93
CA PRO A 330 -48.80 30.35 -18.00
C PRO A 330 -48.47 31.05 -19.31
N VAL A 331 -48.94 30.48 -20.40
CA VAL A 331 -48.69 31.07 -21.70
C VAL A 331 -49.56 32.30 -21.86
N ASP A 332 -48.92 33.44 -22.05
CA ASP A 332 -49.64 34.69 -22.24
C ASP A 332 -49.14 35.30 -23.55
N GLU A 333 -49.55 36.53 -23.84
CA GLU A 333 -49.14 37.19 -25.09
C GLU A 333 -47.61 37.34 -25.19
N VAL A 334 -46.94 37.48 -24.05
CA VAL A 334 -45.50 37.60 -24.08
C VAL A 334 -44.93 36.30 -24.64
N SER A 335 -45.45 35.16 -24.18
CA SER A 335 -45.00 33.86 -24.64
C SER A 335 -45.21 33.75 -26.13
N ILE A 336 -46.45 33.98 -26.56
CA ILE A 336 -46.80 33.88 -27.98
C ILE A 336 -45.86 34.72 -28.82
N LYS A 337 -45.66 35.96 -28.43
CA LYS A 337 -44.77 36.84 -29.18
C LYS A 337 -43.34 36.28 -29.21
N TYR A 338 -42.98 35.54 -28.18
CA TYR A 338 -41.66 34.94 -28.11
C TYR A 338 -41.52 33.83 -29.15
N LEU A 339 -42.60 33.10 -29.37
CA LEU A 339 -42.58 32.03 -30.37
C LEU A 339 -42.27 32.64 -31.73
N VAL A 340 -42.87 33.80 -32.01
CA VAL A 340 -42.63 34.46 -33.28
C VAL A 340 -41.18 34.89 -33.33
N GLN A 341 -40.71 35.51 -32.26
CA GLN A 341 -39.33 35.96 -32.20
C GLN A 341 -38.35 34.82 -32.48
N THR A 342 -38.73 33.59 -32.20
CA THR A 342 -37.84 32.45 -32.42
C THR A 342 -37.95 31.81 -33.81
N GLY A 343 -38.83 32.33 -34.65
CA GLY A 343 -38.94 31.77 -35.98
C GLY A 343 -40.17 30.93 -36.29
N ARG A 344 -40.98 30.61 -35.29
CA ARG A 344 -42.20 29.83 -35.55
C ARG A 344 -43.02 30.72 -36.45
N ASP A 345 -43.77 30.17 -37.40
CA ASP A 345 -44.52 31.06 -38.29
C ASP A 345 -45.89 31.51 -37.80
N GLU A 346 -46.18 32.78 -38.09
CA GLU A 346 -47.41 33.44 -37.70
C GLU A 346 -48.67 32.59 -37.67
N SER A 347 -48.96 31.91 -38.77
CA SER A 347 -50.17 31.09 -38.81
C SER A 347 -50.16 30.02 -37.71
N LYS A 348 -49.08 29.24 -37.63
CA LYS A 348 -49.01 28.20 -36.62
C LYS A 348 -49.19 28.77 -35.22
N VAL A 349 -48.45 29.83 -34.92
CA VAL A 349 -48.54 30.48 -33.62
C VAL A 349 -49.95 30.98 -33.35
N LYS A 350 -50.59 31.57 -34.36
CA LYS A 350 -51.95 32.09 -34.20
C LYS A 350 -52.93 30.99 -33.85
N GLN A 351 -52.67 29.78 -34.37
CA GLN A 351 -53.54 28.63 -34.11
C GLN A 351 -53.30 28.19 -32.67
N ILE A 352 -52.05 28.22 -32.24
CA ILE A 352 -51.70 27.82 -30.88
C ILE A 352 -52.47 28.67 -29.87
N ARG A 353 -52.50 29.99 -30.09
CA ARG A 353 -53.21 30.90 -29.20
C ARG A 353 -54.71 30.63 -29.23
N LYS A 354 -55.21 30.29 -30.40
CA LYS A 354 -56.62 30.02 -30.57
C LYS A 354 -56.95 28.78 -29.75
N TYR A 355 -56.05 27.80 -29.80
CA TYR A 355 -56.25 26.58 -29.04
C TYR A 355 -56.25 26.87 -27.54
N LEU A 356 -55.19 27.53 -27.07
CA LEU A 356 -55.09 27.84 -25.67
C LEU A 356 -56.32 28.62 -25.15
N GLN A 357 -56.87 29.51 -25.97
CA GLN A 357 -58.05 30.29 -25.57
C GLN A 357 -59.29 29.42 -25.51
N ALA A 358 -59.37 28.45 -26.42
CA ALA A 358 -60.52 27.57 -26.49
C ALA A 358 -60.60 26.62 -25.31
N VAL A 359 -59.47 26.05 -24.92
CA VAL A 359 -59.45 25.09 -23.83
C VAL A 359 -59.36 25.80 -22.48
N GLY A 360 -59.04 27.08 -22.52
CA GLY A 360 -58.93 27.86 -21.31
C GLY A 360 -57.58 27.81 -20.64
N MET A 361 -56.53 27.79 -21.43
CA MET A 361 -55.19 27.74 -20.88
C MET A 361 -54.34 28.92 -21.35
N PHE A 362 -54.99 29.90 -21.97
CA PHE A 362 -54.28 31.09 -22.39
C PHE A 362 -54.41 32.11 -21.26
N ARG A 363 -53.29 32.63 -20.78
CA ARG A 363 -53.33 33.58 -19.67
C ARG A 363 -53.40 35.06 -20.05
N ASP A 364 -54.16 35.79 -19.25
CA ASP A 364 -54.34 37.23 -19.38
C ASP A 364 -54.13 37.68 -17.95
N TYR A 365 -52.87 37.98 -17.60
CA TYR A 365 -52.52 38.39 -16.25
C TYR A 365 -53.25 39.64 -15.75
N SER A 366 -53.65 40.51 -16.68
CA SER A 366 -54.34 41.73 -16.29
C SER A 366 -55.78 41.49 -15.84
N ASP A 367 -56.33 40.35 -16.19
CA ASP A 367 -57.71 39.99 -15.83
C ASP A 367 -57.76 39.13 -14.55
N PRO A 368 -58.04 39.77 -13.40
CA PRO A 368 -58.11 39.07 -12.10
C PRO A 368 -59.24 38.03 -12.02
N SER A 369 -60.32 38.27 -12.77
CA SER A 369 -61.47 37.37 -12.78
C SER A 369 -61.04 35.97 -13.22
N GLN A 370 -59.97 35.93 -14.02
CA GLN A 370 -59.44 34.68 -14.54
C GLN A 370 -58.57 33.96 -13.51
N ASP A 371 -58.03 34.69 -12.55
CA ASP A 371 -57.16 34.13 -11.51
C ASP A 371 -57.65 32.84 -10.85
N PRO A 372 -56.78 31.83 -10.76
CA PRO A 372 -57.06 30.53 -10.16
C PRO A 372 -57.26 30.65 -8.67
N ASP A 373 -57.51 29.51 -8.02
CA ASP A 373 -57.72 29.46 -6.60
C ASP A 373 -56.52 28.75 -5.95
N PHE A 374 -55.42 29.47 -5.82
CA PHE A 374 -54.21 28.89 -5.24
C PHE A 374 -54.36 28.40 -3.81
N THR A 375 -53.41 27.55 -3.41
CA THR A 375 -53.37 26.97 -2.07
C THR A 375 -53.04 28.09 -1.08
N GLN A 376 -52.11 28.93 -1.50
CA GLN A 376 -51.61 30.03 -0.70
C GLN A 376 -51.17 31.07 -1.70
N VAL A 377 -51.14 32.33 -1.27
CA VAL A 377 -50.71 33.38 -2.16
C VAL A 377 -49.66 34.23 -1.51
N VAL A 378 -48.55 34.40 -2.20
CA VAL A 378 -47.51 35.26 -1.68
C VAL A 378 -47.54 36.39 -2.69
N GLU A 379 -47.10 37.57 -2.30
CA GLU A 379 -47.17 38.71 -3.18
C GLU A 379 -45.92 39.57 -3.23
N LEU A 380 -45.78 40.34 -4.29
CA LEU A 380 -44.63 41.22 -4.43
C LEU A 380 -44.98 42.48 -5.20
N ASP A 381 -44.85 43.62 -4.54
CA ASP A 381 -45.09 44.90 -5.19
C ASP A 381 -43.72 45.30 -5.72
N LEU A 382 -43.57 45.35 -7.04
CA LEU A 382 -42.30 45.69 -7.65
C LEU A 382 -41.71 47.00 -7.15
N LYS A 383 -42.54 47.89 -6.65
CA LYS A 383 -42.05 49.18 -6.14
C LYS A 383 -41.22 48.98 -4.87
N THR A 384 -41.27 47.77 -4.33
CA THR A 384 -40.57 47.38 -3.11
C THR A 384 -39.07 47.06 -3.28
N VAL A 385 -38.68 46.62 -4.47
CA VAL A 385 -37.29 46.27 -4.74
C VAL A 385 -36.43 47.54 -4.67
N VAL A 386 -35.28 47.48 -4.01
CA VAL A 386 -34.41 48.65 -3.93
C VAL A 386 -33.00 48.32 -4.44
N PRO A 387 -32.51 49.10 -5.43
CA PRO A 387 -31.18 48.88 -6.01
C PRO A 387 -30.11 49.14 -4.96
N CYS A 388 -29.08 48.29 -4.91
CA CYS A 388 -28.01 48.47 -3.92
C CYS A 388 -26.62 48.19 -4.45
N CYS A 389 -25.65 48.54 -3.62
CA CYS A 389 -24.25 48.34 -3.89
C CYS A 389 -23.76 47.73 -2.60
N SER A 390 -22.64 47.03 -2.68
CA SER A 390 -22.06 46.39 -1.52
C SER A 390 -20.67 46.93 -1.35
N GLY A 391 -20.32 47.27 -0.11
CA GLY A 391 -19.02 47.81 0.19
C GLY A 391 -19.14 48.69 1.40
N PRO A 392 -18.14 49.55 1.67
CA PRO A 392 -16.90 49.70 0.90
C PRO A 392 -15.88 48.58 1.08
N LYS A 393 -16.11 47.71 2.07
CA LYS A 393 -15.16 46.63 2.31
C LYS A 393 -15.68 45.21 2.24
N ARG A 394 -16.95 44.99 2.55
CA ARG A 394 -17.52 43.64 2.51
C ARG A 394 -18.72 43.46 1.59
N PRO A 395 -18.74 42.37 0.82
CA PRO A 395 -19.85 42.10 -0.09
C PRO A 395 -21.19 42.00 0.61
N GLN A 396 -21.16 41.71 1.91
CA GLN A 396 -22.38 41.59 2.71
C GLN A 396 -22.98 42.93 3.09
N ASP A 397 -22.14 43.96 3.19
CA ASP A 397 -22.62 45.29 3.55
C ASP A 397 -23.33 45.96 2.39
N LYS A 398 -24.65 45.94 2.45
CA LYS A 398 -25.49 46.51 1.39
C LYS A 398 -25.80 47.96 1.69
N VAL A 399 -25.86 48.77 0.63
CA VAL A 399 -26.19 50.16 0.76
C VAL A 399 -27.00 50.53 -0.49
N ALA A 400 -28.19 51.08 -0.27
CA ALA A 400 -29.07 51.49 -1.35
C ALA A 400 -28.32 52.48 -2.24
N VAL A 401 -28.61 52.45 -3.53
CA VAL A 401 -27.96 53.35 -4.46
C VAL A 401 -28.20 54.83 -4.13
N SER A 402 -29.39 55.16 -3.66
CA SER A 402 -29.71 56.54 -3.33
C SER A 402 -29.00 57.03 -2.07
N ASP A 403 -28.42 56.11 -1.31
CA ASP A 403 -27.71 56.44 -0.07
C ASP A 403 -26.21 56.37 -0.19
N MET A 404 -25.71 56.04 -1.39
CA MET A 404 -24.28 55.93 -1.60
C MET A 404 -23.52 57.15 -1.09
N LYS A 405 -23.97 58.35 -1.47
CA LYS A 405 -23.30 59.57 -1.02
C LYS A 405 -23.24 59.69 0.50
N LYS A 406 -24.42 59.80 1.11
CA LYS A 406 -24.52 59.93 2.55
C LYS A 406 -23.71 58.86 3.25
N ASP A 407 -23.96 57.61 2.87
CA ASP A 407 -23.28 56.48 3.48
C ASP A 407 -21.76 56.56 3.32
N PHE A 408 -21.27 57.01 2.17
CA PHE A 408 -19.83 57.10 1.99
C PHE A 408 -19.26 58.20 2.87
N GLU A 409 -19.90 59.36 2.84
CA GLU A 409 -19.43 60.46 3.65
C GLU A 409 -19.43 60.14 5.14
N SER A 410 -20.31 59.24 5.56
CA SER A 410 -20.38 58.82 6.95
C SER A 410 -19.23 57.89 7.26
N CYS A 411 -18.83 57.12 6.26
CA CYS A 411 -17.73 56.18 6.43
C CYS A 411 -16.40 56.88 6.60
N LEU A 412 -16.28 58.06 5.99
CA LEU A 412 -15.06 58.85 6.11
C LEU A 412 -14.82 59.18 7.57
N GLY A 413 -15.88 59.62 8.24
CA GLY A 413 -15.78 59.97 9.65
C GLY A 413 -15.55 58.76 10.55
N ALA A 414 -16.55 57.89 10.58
CA ALA A 414 -16.55 56.66 11.39
C ALA A 414 -15.19 56.05 11.70
N LYS A 415 -15.08 55.50 12.90
CA LYS A 415 -13.87 54.88 13.39
C LYS A 415 -13.56 53.60 12.60
N GLN A 416 -12.31 53.48 12.18
CA GLN A 416 -11.83 52.34 11.41
C GLN A 416 -12.61 51.05 11.67
N GLY A 417 -13.65 50.81 10.88
CA GLY A 417 -14.46 49.61 11.00
C GLY A 417 -14.66 49.06 9.59
N PHE A 418 -15.60 48.15 9.41
CA PHE A 418 -15.82 47.62 8.06
C PHE A 418 -16.45 48.73 7.22
N LYS A 419 -17.06 49.70 7.91
CA LYS A 419 -17.71 50.83 7.26
C LYS A 419 -17.16 52.17 7.79
N GLY A 420 -15.83 52.29 7.75
CA GLY A 420 -15.17 53.50 8.21
C GLY A 420 -13.67 53.50 7.90
N PHE A 421 -13.14 54.69 7.63
CA PHE A 421 -11.71 54.83 7.32
C PHE A 421 -11.06 55.84 8.27
N GLN A 422 -11.90 56.58 8.98
CA GLN A 422 -11.47 57.60 9.92
C GLN A 422 -10.43 58.55 9.33
N VAL A 423 -10.84 59.79 9.12
CA VAL A 423 -9.98 60.82 8.55
C VAL A 423 -10.35 62.17 9.18
N ALA A 424 -9.38 62.80 9.86
CA ALA A 424 -9.59 64.08 10.51
C ALA A 424 -10.68 64.90 9.83
N PRO A 425 -11.80 65.15 10.53
CA PRO A 425 -12.97 65.89 10.06
C PRO A 425 -12.70 67.01 9.05
N ASP A 426 -11.54 67.63 9.14
CA ASP A 426 -11.17 68.72 8.24
C ASP A 426 -10.78 68.16 6.88
N HIS A 427 -10.10 67.01 6.90
CA HIS A 427 -9.63 66.35 5.69
C HIS A 427 -10.70 65.78 4.76
N HIS A 428 -11.92 65.60 5.25
CA HIS A 428 -12.99 65.06 4.42
C HIS A 428 -13.02 65.63 3.00
N ASN A 429 -12.99 66.96 2.89
CA ASN A 429 -13.04 67.61 1.59
C ASN A 429 -11.69 67.75 0.90
N ASP A 430 -10.74 66.93 1.32
CA ASP A 430 -9.40 66.94 0.74
C ASP A 430 -9.47 66.64 -0.76
N HIS A 431 -8.31 66.69 -1.41
CA HIS A 431 -8.16 66.38 -2.83
C HIS A 431 -6.86 66.92 -3.40
N LYS A 432 -6.24 66.14 -4.26
CA LYS A 432 -4.99 66.52 -4.90
C LYS A 432 -5.19 66.51 -6.41
N THR A 433 -4.25 67.07 -7.15
CA THR A 433 -4.35 67.11 -8.62
C THR A 433 -3.17 66.40 -9.27
N PHE A 434 -3.31 66.09 -10.54
CA PHE A 434 -2.26 65.38 -11.27
C PHE A 434 -2.44 65.53 -12.77
N ILE A 435 -1.40 65.17 -13.52
CA ILE A 435 -1.45 65.25 -14.98
C ILE A 435 -1.45 63.87 -15.59
N TYR A 436 -2.35 63.67 -16.56
CA TYR A 436 -2.48 62.41 -17.27
C TYR A 436 -2.70 62.71 -18.76
N ASN A 437 -1.78 62.26 -19.61
CA ASN A 437 -1.88 62.49 -21.05
C ASN A 437 -2.06 63.96 -21.41
N ASP A 438 -1.22 64.81 -20.83
CA ASP A 438 -1.23 66.25 -21.07
C ASP A 438 -2.54 66.93 -20.68
N SER A 439 -3.12 66.48 -19.57
CA SER A 439 -4.37 67.04 -19.07
C SER A 439 -4.36 67.04 -17.54
N GLU A 440 -5.15 67.92 -16.94
CA GLU A 440 -5.21 68.00 -15.49
C GLU A 440 -6.51 67.48 -14.93
N PHE A 441 -6.41 66.72 -13.84
CA PHE A 441 -7.58 66.16 -13.18
C PHE A 441 -7.40 66.24 -11.68
N THR A 442 -8.50 66.42 -10.96
CA THR A 442 -8.45 66.48 -9.50
C THR A 442 -8.93 65.12 -9.00
N LEU A 443 -8.47 64.71 -7.83
CA LEU A 443 -8.85 63.42 -7.31
C LEU A 443 -9.28 63.56 -5.85
N SER A 444 -10.55 63.89 -5.65
CA SER A 444 -11.07 64.03 -4.30
C SER A 444 -11.33 62.67 -3.64
N HIS A 445 -11.84 62.67 -2.41
CA HIS A 445 -12.16 61.44 -1.70
C HIS A 445 -13.38 60.82 -2.36
N GLY A 446 -13.36 59.50 -2.53
CA GLY A 446 -14.48 58.83 -3.16
C GLY A 446 -14.43 58.89 -4.67
N SER A 447 -13.26 59.24 -5.20
CA SER A 447 -13.09 59.30 -6.65
C SER A 447 -12.98 57.87 -7.16
N VAL A 448 -13.52 57.64 -8.36
CA VAL A 448 -13.50 56.33 -8.97
C VAL A 448 -12.29 56.15 -9.89
N VAL A 449 -11.45 55.18 -9.59
CA VAL A 449 -10.25 54.94 -10.40
C VAL A 449 -10.35 53.64 -11.20
N ILE A 450 -11.20 52.73 -10.76
CA ILE A 450 -11.39 51.47 -11.45
C ILE A 450 -12.88 51.22 -11.63
N ALA A 451 -13.27 50.85 -12.85
CA ALA A 451 -14.66 50.55 -13.18
C ALA A 451 -14.64 49.31 -14.05
N ALA A 452 -14.67 48.16 -13.40
CA ALA A 452 -14.61 46.88 -14.11
C ALA A 452 -15.93 46.14 -14.14
N ILE A 453 -16.29 45.66 -15.34
CA ILE A 453 -17.52 44.89 -15.55
C ILE A 453 -17.16 43.47 -15.92
N THR A 454 -17.64 42.51 -15.13
CA THR A 454 -17.40 41.11 -15.41
C THR A 454 -18.73 40.37 -15.35
N SER A 455 -18.71 39.14 -15.84
CA SER A 455 -19.88 38.29 -15.88
C SER A 455 -20.42 37.89 -14.52
N SER A 456 -21.75 37.78 -14.44
CA SER A 456 -22.43 37.35 -13.23
C SER A 456 -22.79 35.89 -13.48
N THR A 457 -22.91 35.09 -12.43
CA THR A 457 -23.28 33.69 -12.61
C THR A 457 -24.77 33.60 -12.84
N ASN A 458 -25.52 34.49 -12.19
CA ASN A 458 -26.98 34.52 -12.35
C ASN A 458 -27.35 34.70 -13.83
N THR A 459 -28.26 33.88 -14.31
CA THR A 459 -28.65 33.89 -15.73
C THR A 459 -29.49 35.03 -16.26
N SER A 460 -29.71 36.06 -15.47
CA SER A 460 -30.49 37.18 -16.00
C SER A 460 -29.51 38.28 -16.44
N ASN A 461 -28.22 37.98 -16.26
CA ASN A 461 -27.16 38.92 -16.59
C ASN A 461 -27.19 39.49 -18.00
N PRO A 462 -27.41 38.64 -19.01
CA PRO A 462 -27.45 39.12 -20.40
C PRO A 462 -28.30 40.38 -20.62
N SER A 463 -29.54 40.35 -20.16
CA SER A 463 -30.41 41.50 -20.31
C SER A 463 -29.81 42.71 -19.60
N VAL A 464 -29.25 42.48 -18.41
CA VAL A 464 -28.66 43.56 -17.65
C VAL A 464 -27.42 44.13 -18.34
N MET A 465 -26.68 43.29 -19.05
CA MET A 465 -25.50 43.77 -19.77
C MET A 465 -25.97 44.63 -20.93
N LEU A 466 -27.03 44.18 -21.59
CA LEU A 466 -27.58 44.93 -22.70
C LEU A 466 -28.01 46.29 -22.15
N GLY A 467 -28.53 46.29 -20.93
CA GLY A 467 -28.94 47.54 -20.33
C GLY A 467 -27.75 48.46 -20.15
N ALA A 468 -26.61 47.88 -19.77
CA ALA A 468 -25.39 48.67 -19.58
C ALA A 468 -24.99 49.29 -20.91
N GLY A 469 -25.09 48.50 -21.98
CA GLY A 469 -24.75 48.98 -23.29
C GLY A 469 -25.68 50.11 -23.73
N LEU A 470 -26.98 49.89 -23.67
CA LEU A 470 -27.93 50.91 -24.09
C LEU A 470 -27.70 52.20 -23.31
N LEU A 471 -27.15 52.08 -22.10
CA LEU A 471 -26.87 53.25 -21.29
C LEU A 471 -25.69 53.98 -21.92
N ALA A 472 -24.69 53.22 -22.34
CA ALA A 472 -23.51 53.78 -22.97
C ALA A 472 -23.96 54.58 -24.20
N LYS A 473 -24.68 53.91 -25.09
CA LYS A 473 -25.16 54.56 -26.30
C LYS A 473 -25.82 55.91 -26.00
N LYS A 474 -26.71 55.94 -25.01
CA LYS A 474 -27.40 57.18 -24.65
C LYS A 474 -26.46 58.22 -24.02
N ALA A 475 -25.41 57.76 -23.34
CA ALA A 475 -24.45 58.67 -22.73
C ALA A 475 -23.62 59.29 -23.85
N VAL A 476 -23.06 58.45 -24.71
CA VAL A 476 -22.27 58.91 -25.83
C VAL A 476 -23.07 59.89 -26.70
N ASP A 477 -24.33 59.56 -26.96
CA ASP A 477 -25.20 60.42 -27.76
C ASP A 477 -25.41 61.78 -27.10
N ALA A 478 -25.35 61.81 -25.78
CA ALA A 478 -25.56 63.04 -25.02
C ALA A 478 -24.25 63.80 -24.76
N GLY A 479 -23.17 63.40 -25.42
CA GLY A 479 -21.90 64.09 -25.24
C GLY A 479 -21.06 63.70 -24.04
N LEU A 480 -21.60 62.86 -23.16
CA LEU A 480 -20.86 62.43 -21.97
C LEU A 480 -19.65 61.58 -22.34
N ASN A 481 -18.82 61.28 -21.36
CA ASN A 481 -17.61 60.47 -21.56
C ASN A 481 -17.05 60.00 -20.21
N VAL A 482 -15.87 59.40 -20.23
CA VAL A 482 -15.23 58.93 -19.01
C VAL A 482 -13.77 59.38 -19.00
N LYS A 483 -13.39 60.09 -17.94
CA LYS A 483 -12.02 60.59 -17.82
C LYS A 483 -11.01 59.47 -18.15
N PRO A 484 -10.02 59.76 -19.02
CA PRO A 484 -8.96 58.87 -19.51
C PRO A 484 -8.22 58.02 -18.49
N TYR A 485 -7.90 58.60 -17.35
CA TYR A 485 -7.16 57.90 -16.30
C TYR A 485 -7.91 56.78 -15.58
N VAL A 486 -9.20 56.65 -15.86
CA VAL A 486 -9.99 55.62 -15.21
C VAL A 486 -9.75 54.27 -15.86
N LYS A 487 -9.34 53.29 -15.04
CA LYS A 487 -9.09 51.94 -15.53
C LYS A 487 -10.44 51.23 -15.73
N THR A 488 -10.89 51.18 -16.98
CA THR A 488 -12.16 50.55 -17.31
C THR A 488 -12.01 49.29 -18.14
N SER A 489 -12.69 48.21 -17.73
CA SER A 489 -12.62 46.94 -18.44
C SER A 489 -13.98 46.28 -18.62
N LEU A 490 -14.05 45.34 -19.56
CA LEU A 490 -15.29 44.64 -19.83
C LEU A 490 -15.06 43.20 -20.30
N SER A 491 -15.24 42.25 -19.40
CA SER A 491 -15.11 40.84 -19.76
C SER A 491 -16.44 40.19 -19.42
N PRO A 492 -17.38 40.20 -20.36
CA PRO A 492 -18.74 39.65 -20.25
C PRO A 492 -18.72 38.14 -20.14
N GLY A 493 -17.57 37.57 -20.48
CA GLY A 493 -17.45 36.13 -20.46
C GLY A 493 -18.01 35.61 -21.77
N SER A 494 -18.28 34.31 -21.81
CA SER A 494 -18.81 33.68 -23.02
C SER A 494 -20.30 33.37 -22.81
N GLY A 495 -20.96 32.89 -23.85
CA GLY A 495 -22.36 32.54 -23.71
C GLY A 495 -23.39 33.37 -24.44
N VAL A 496 -24.59 33.41 -23.86
CA VAL A 496 -25.72 34.15 -24.41
C VAL A 496 -25.44 35.65 -24.45
N VAL A 497 -24.72 36.14 -23.45
CA VAL A 497 -24.40 37.57 -23.39
C VAL A 497 -23.76 38.06 -24.70
N THR A 498 -22.99 37.19 -25.34
CA THR A 498 -22.36 37.55 -26.61
C THR A 498 -23.41 38.05 -27.60
N TYR A 499 -24.50 37.33 -27.70
CA TYR A 499 -25.55 37.72 -28.62
C TYR A 499 -26.16 39.05 -28.24
N TYR A 500 -26.39 39.24 -26.94
CA TYR A 500 -26.98 40.49 -26.48
C TYR A 500 -26.14 41.73 -26.79
N LEU A 501 -24.81 41.58 -26.76
CA LEU A 501 -23.94 42.71 -27.03
C LEU A 501 -23.79 42.99 -28.53
N ARG A 502 -23.45 41.93 -29.27
CA ARG A 502 -23.25 42.00 -30.71
C ARG A 502 -24.50 42.43 -31.49
N GLU A 503 -25.56 41.64 -31.37
CA GLU A 503 -26.82 41.90 -32.05
C GLU A 503 -27.44 43.29 -31.83
N SER A 504 -27.15 43.90 -30.70
CA SER A 504 -27.71 45.20 -30.38
C SER A 504 -26.84 46.35 -30.87
N GLY A 505 -25.70 46.01 -31.49
CA GLY A 505 -24.79 47.04 -31.96
C GLY A 505 -24.54 48.03 -30.85
N VAL A 506 -24.02 47.53 -29.74
CA VAL A 506 -23.76 48.38 -28.59
C VAL A 506 -22.27 48.44 -28.26
N MET A 507 -21.51 47.46 -28.75
CA MET A 507 -20.09 47.43 -28.47
C MET A 507 -19.36 48.69 -28.92
N PRO A 508 -19.76 49.28 -30.06
CA PRO A 508 -19.06 50.49 -30.49
C PRO A 508 -19.12 51.58 -29.41
N TYR A 509 -20.32 51.79 -28.85
CA TYR A 509 -20.50 52.80 -27.80
C TYR A 509 -19.78 52.44 -26.50
N LEU A 510 -19.84 51.17 -26.10
CA LEU A 510 -19.17 50.74 -24.89
C LEU A 510 -17.68 50.98 -25.06
N SER A 511 -17.20 50.74 -26.26
CA SER A 511 -15.78 50.93 -26.57
C SER A 511 -15.40 52.38 -26.42
N GLN A 512 -16.23 53.25 -26.97
CA GLN A 512 -15.98 54.68 -26.93
C GLN A 512 -15.84 55.18 -25.50
N LEU A 513 -16.52 54.54 -24.56
CA LEU A 513 -16.46 54.96 -23.16
C LEU A 513 -15.32 54.31 -22.38
N GLY A 514 -14.55 53.46 -23.05
CA GLY A 514 -13.43 52.80 -22.39
C GLY A 514 -13.65 51.34 -22.06
N PHE A 515 -14.80 50.81 -22.45
CA PHE A 515 -15.10 49.40 -22.17
C PHE A 515 -14.99 48.52 -23.40
N ASP A 516 -13.84 47.85 -23.53
CA ASP A 516 -13.58 46.97 -24.64
C ASP A 516 -13.41 45.53 -24.17
N VAL A 517 -13.89 44.59 -24.99
CA VAL A 517 -13.84 43.17 -24.67
C VAL A 517 -12.45 42.58 -24.34
N VAL A 518 -12.24 42.30 -23.05
CA VAL A 518 -10.99 41.72 -22.57
C VAL A 518 -11.17 40.25 -22.23
N PRO A 531 -3.32 47.48 -12.65
CA PRO A 531 -2.26 48.49 -12.64
C PRO A 531 -2.78 49.85 -13.10
N LEU A 532 -2.98 50.76 -12.15
CA LEU A 532 -3.47 52.09 -12.49
C LEU A 532 -2.34 53.05 -12.83
N PRO A 533 -2.60 54.05 -13.70
CA PRO A 533 -1.61 55.04 -14.12
C PRO A 533 -0.72 55.54 -12.99
N GLU A 534 0.57 55.69 -13.31
CA GLU A 534 1.54 56.16 -12.33
C GLU A 534 1.08 57.46 -11.67
N PRO A 535 0.58 58.41 -12.47
CA PRO A 535 0.10 59.70 -11.95
C PRO A 535 -0.97 59.53 -10.88
N VAL A 536 -1.93 58.66 -11.18
CA VAL A 536 -3.06 58.38 -10.28
C VAL A 536 -2.64 57.75 -8.95
N VAL A 537 -1.73 56.77 -8.99
CA VAL A 537 -1.28 56.12 -7.77
C VAL A 537 -0.59 57.15 -6.87
N GLU A 538 0.09 58.10 -7.51
CA GLU A 538 0.80 59.15 -6.80
C GLU A 538 -0.17 60.14 -6.14
N ALA A 539 -1.14 60.59 -6.92
CA ALA A 539 -2.14 61.53 -6.40
C ALA A 539 -2.91 60.91 -5.24
N ILE A 540 -3.14 59.61 -5.32
CA ILE A 540 -3.87 58.90 -4.28
C ILE A 540 -3.10 58.92 -2.98
N THR A 541 -1.86 58.45 -3.04
CA THR A 541 -0.98 58.37 -1.87
C THR A 541 -0.56 59.75 -1.33
N GLN A 542 -0.17 60.64 -2.24
CA GLN A 542 0.25 61.99 -1.86
C GLN A 542 -0.87 62.75 -1.16
N GLY A 543 -2.11 62.42 -1.49
CA GLY A 543 -3.24 63.09 -0.87
C GLY A 543 -3.81 62.18 0.22
N ASP A 544 -3.21 61.02 0.38
CA ASP A 544 -3.66 60.03 1.36
C ASP A 544 -5.17 59.94 1.23
N LEU A 545 -5.62 59.60 0.01
CA LEU A 545 -7.03 59.52 -0.31
C LEU A 545 -7.64 58.13 -0.34
N VAL A 546 -8.92 58.08 0.02
CA VAL A 546 -9.67 56.84 -0.01
C VAL A 546 -10.31 56.81 -1.40
N ALA A 547 -9.60 56.19 -2.34
CA ALA A 547 -10.03 56.07 -3.74
C ALA A 547 -11.01 54.91 -3.89
N VAL A 548 -11.91 55.00 -4.86
CA VAL A 548 -12.90 53.96 -5.03
C VAL A 548 -12.81 53.08 -6.28
N GLY A 549 -13.13 51.81 -6.09
CA GLY A 549 -13.14 50.86 -7.19
C GLY A 549 -14.58 50.40 -7.33
N VAL A 550 -15.07 50.35 -8.57
CA VAL A 550 -16.44 49.92 -8.84
C VAL A 550 -16.38 48.63 -9.63
N LEU A 551 -17.11 47.62 -9.17
CA LEU A 551 -17.09 46.33 -9.85
C LEU A 551 -18.47 45.70 -10.03
N SER A 552 -18.66 45.10 -11.20
CA SER A 552 -19.90 44.43 -11.54
C SER A 552 -19.52 42.96 -11.67
N GLY A 553 -20.45 42.08 -11.33
CA GLY A 553 -20.16 40.66 -11.40
C GLY A 553 -19.81 40.16 -10.02
N ASN A 554 -20.34 39.00 -9.66
CA ASN A 554 -20.10 38.41 -8.36
C ASN A 554 -18.86 37.50 -8.42
N ARG A 555 -18.49 37.12 -9.63
CA ARG A 555 -17.32 36.25 -9.87
C ARG A 555 -16.06 36.75 -9.18
N ASN A 556 -15.87 36.38 -7.92
CA ASN A 556 -14.68 36.76 -7.14
C ASN A 556 -14.56 38.26 -6.86
N PHE A 557 -14.56 38.60 -5.58
CA PHE A 557 -14.47 40.00 -5.14
C PHE A 557 -13.05 40.43 -4.80
N GLU A 558 -12.54 39.92 -3.67
CA GLU A 558 -11.19 40.25 -3.18
C GLU A 558 -10.07 39.94 -4.17
N GLY A 559 -10.43 39.47 -5.36
CA GLY A 559 -9.44 39.14 -6.37
C GLY A 559 -8.85 40.38 -7.01
N ARG A 560 -9.69 41.38 -7.27
CA ARG A 560 -9.22 42.61 -7.88
C ARG A 560 -9.49 43.84 -7.01
N VAL A 561 -8.95 43.81 -5.80
CA VAL A 561 -9.05 44.91 -4.84
C VAL A 561 -7.69 45.57 -4.81
N HIS A 562 -7.41 46.42 -5.81
CA HIS A 562 -6.14 47.12 -5.92
C HIS A 562 -5.64 47.63 -4.58
N PRO A 563 -4.32 47.55 -4.37
CA PRO A 563 -3.77 48.04 -3.10
C PRO A 563 -4.10 49.52 -2.95
N ASN A 564 -4.38 50.17 -4.08
CA ASN A 564 -4.69 51.60 -4.10
C ASN A 564 -6.14 51.96 -3.88
N THR A 565 -7.02 50.98 -3.96
CA THR A 565 -8.44 51.24 -3.74
C THR A 565 -8.85 50.88 -2.32
N ARG A 566 -8.87 51.87 -1.44
CA ARG A 566 -9.26 51.62 -0.05
C ARG A 566 -10.74 51.30 0.03
N ALA A 567 -11.49 51.77 -0.95
CA ALA A 567 -12.93 51.55 -1.02
C ALA A 567 -13.29 50.80 -2.29
N ASN A 568 -14.19 49.83 -2.17
CA ASN A 568 -14.63 49.05 -3.31
C ASN A 568 -16.09 48.64 -3.17
N TYR A 569 -16.83 48.80 -4.26
CA TYR A 569 -18.24 48.47 -4.27
C TYR A 569 -18.63 47.53 -5.40
N LEU A 570 -19.66 46.74 -5.15
CA LEU A 570 -20.22 45.84 -6.14
C LEU A 570 -21.55 46.48 -6.53
N ALA A 571 -21.78 46.62 -7.83
CA ALA A 571 -23.01 47.20 -8.35
C ALA A 571 -23.35 46.60 -9.72
N SER A 572 -24.53 46.92 -10.23
CA SER A 572 -24.98 46.41 -11.52
C SER A 572 -24.14 46.94 -12.68
N PRO A 573 -24.05 46.17 -13.77
CA PRO A 573 -23.28 46.61 -14.93
C PRO A 573 -23.54 48.08 -15.33
N PRO A 574 -24.80 48.44 -15.60
CA PRO A 574 -25.03 49.84 -15.98
C PRO A 574 -24.56 50.83 -14.90
N LEU A 575 -24.75 50.50 -13.63
CA LEU A 575 -24.35 51.40 -12.56
C LEU A 575 -22.83 51.61 -12.58
N VAL A 576 -22.09 50.57 -12.94
CA VAL A 576 -20.64 50.68 -13.01
C VAL A 576 -20.30 51.77 -14.02
N ILE A 577 -20.81 51.64 -15.24
CA ILE A 577 -20.55 52.63 -16.27
C ILE A 577 -20.94 54.02 -15.76
N ALA A 578 -22.12 54.13 -15.16
CA ALA A 578 -22.58 55.40 -14.63
C ALA A 578 -21.54 56.03 -13.71
N TYR A 579 -21.18 55.32 -12.64
CA TYR A 579 -20.20 55.82 -11.70
C TYR A 579 -18.88 56.18 -12.38
N ALA A 580 -18.63 55.62 -13.55
CA ALA A 580 -17.40 55.92 -14.28
C ALA A 580 -17.57 57.23 -15.06
N ILE A 581 -18.81 57.51 -15.45
CA ILE A 581 -19.10 58.74 -16.16
C ILE A 581 -19.00 59.87 -15.14
N ALA A 582 -19.50 59.60 -13.95
CA ALA A 582 -19.52 60.56 -12.86
C ALA A 582 -18.16 60.71 -12.19
N GLY A 583 -17.31 59.72 -12.35
CA GLY A 583 -15.99 59.77 -11.74
C GLY A 583 -15.96 59.78 -10.22
N THR A 584 -17.11 59.67 -9.58
CA THR A 584 -17.17 59.66 -8.12
C THR A 584 -18.46 59.06 -7.55
N ILE A 585 -18.37 58.47 -6.37
CA ILE A 585 -19.55 57.91 -5.74
C ILE A 585 -20.16 58.90 -4.75
N ARG A 586 -19.46 60.01 -4.52
CA ARG A 586 -19.98 61.03 -3.60
C ARG A 586 -20.95 61.91 -4.37
N ILE A 587 -21.82 61.28 -5.15
CA ILE A 587 -22.79 62.00 -5.97
C ILE A 587 -24.21 61.56 -5.65
N ASP A 588 -25.16 62.47 -5.89
CA ASP A 588 -26.58 62.21 -5.67
C ASP A 588 -27.25 62.35 -7.02
N PHE A 589 -27.42 61.23 -7.71
CA PHE A 589 -28.02 61.19 -9.04
C PHE A 589 -29.33 61.94 -9.25
N GLU A 590 -30.10 62.11 -8.18
CA GLU A 590 -31.38 62.80 -8.26
C GLU A 590 -31.25 64.30 -8.46
N LYS A 591 -30.29 64.92 -7.78
CA LYS A 591 -30.09 66.36 -7.90
C LYS A 591 -28.66 66.77 -8.21
N GLU A 592 -28.04 66.07 -9.16
CA GLU A 592 -26.68 66.38 -9.58
C GLU A 592 -26.40 65.80 -10.96
N PRO A 593 -25.98 66.66 -11.90
CA PRO A 593 -25.68 66.26 -13.27
C PRO A 593 -24.57 65.22 -13.34
N LEU A 594 -24.65 64.32 -14.31
CA LEU A 594 -23.62 63.30 -14.48
C LEU A 594 -22.43 64.03 -15.08
N GLY A 595 -22.73 65.07 -15.84
CA GLY A 595 -21.71 65.86 -16.48
C GLY A 595 -22.36 66.89 -17.37
N THR A 596 -21.64 67.98 -17.61
CA THR A 596 -22.17 69.04 -18.46
C THR A 596 -21.90 68.75 -19.92
N ASN A 597 -22.97 68.69 -20.71
CA ASN A 597 -22.89 68.43 -22.13
C ASN A 597 -21.67 69.11 -22.74
N ALA A 598 -20.89 68.34 -23.52
CA ALA A 598 -19.69 68.88 -24.17
C ALA A 598 -20.05 70.18 -24.88
N LYS A 599 -21.34 70.42 -25.02
CA LYS A 599 -21.87 71.60 -25.68
C LYS A 599 -22.47 72.56 -24.65
N GLY A 600 -23.79 72.47 -24.47
CA GLY A 600 -24.47 73.35 -23.55
C GLY A 600 -24.80 72.86 -22.16
N GLN A 601 -26.05 72.43 -21.98
CA GLN A 601 -26.59 71.98 -20.68
C GLN A 601 -25.98 70.74 -20.01
N GLN A 602 -26.58 70.38 -18.88
CA GLN A 602 -26.17 69.24 -18.07
C GLN A 602 -27.08 68.02 -18.25
N VAL A 603 -26.48 66.84 -18.17
CA VAL A 603 -27.18 65.57 -18.33
C VAL A 603 -27.28 64.81 -17.01
N PHE A 604 -28.47 64.31 -16.69
CA PHE A 604 -28.68 63.55 -15.47
C PHE A 604 -28.77 62.05 -15.76
N LEU A 605 -28.47 61.24 -14.75
CA LEU A 605 -28.53 59.79 -14.92
C LEU A 605 -29.86 59.36 -15.50
N ARG A 606 -30.94 59.94 -15.00
CA ARG A 606 -32.27 59.59 -15.49
C ARG A 606 -32.40 59.86 -16.98
N ASP A 607 -31.58 60.78 -17.49
CA ASP A 607 -31.64 61.11 -18.90
C ASP A 607 -31.07 60.01 -19.80
N ILE A 608 -30.11 59.22 -19.30
CA ILE A 608 -29.50 58.17 -20.09
C ILE A 608 -29.71 56.72 -19.66
N TRP A 609 -30.51 56.52 -18.60
CA TRP A 609 -30.78 55.17 -18.09
C TRP A 609 -31.97 54.54 -18.82
N PRO A 610 -31.72 53.42 -19.53
CA PRO A 610 -32.76 52.72 -20.28
C PRO A 610 -33.81 52.07 -19.41
N THR A 611 -35.08 52.24 -19.75
CA THR A 611 -36.16 51.62 -18.99
C THR A 611 -36.13 50.13 -19.36
N ARG A 612 -36.73 49.30 -18.50
CA ARG A 612 -36.75 47.87 -18.78
C ARG A 612 -37.45 47.58 -20.11
N GLU A 613 -38.42 48.42 -20.44
CA GLU A 613 -39.16 48.26 -21.68
C GLU A 613 -38.28 48.50 -22.90
N GLU A 614 -37.47 49.55 -22.85
CA GLU A 614 -36.58 49.86 -23.96
C GLU A 614 -35.68 48.67 -24.20
N ILE A 615 -35.12 48.14 -23.11
CA ILE A 615 -34.23 46.99 -23.18
C ILE A 615 -34.95 45.81 -23.78
N GLN A 616 -36.19 45.60 -23.36
CA GLN A 616 -36.95 44.47 -23.87
C GLN A 616 -37.30 44.63 -25.35
N ALA A 617 -37.40 45.88 -25.81
CA ALA A 617 -37.72 46.15 -27.21
C ALA A 617 -36.52 45.77 -28.11
N VAL A 618 -35.33 46.20 -27.71
CA VAL A 618 -34.12 45.89 -28.46
C VAL A 618 -33.94 44.38 -28.43
N GLU A 619 -34.23 43.80 -27.28
CA GLU A 619 -34.09 42.35 -27.11
C GLU A 619 -34.96 41.59 -28.08
N ARG A 620 -36.25 41.89 -28.10
CA ARG A 620 -37.16 41.16 -28.97
C ARG A 620 -37.05 41.42 -30.46
N GLN A 621 -36.52 42.55 -30.88
CA GLN A 621 -36.43 42.76 -32.33
C GLN A 621 -35.06 42.53 -32.95
N TYR A 622 -34.02 42.43 -32.11
CA TYR A 622 -32.68 42.21 -32.65
C TYR A 622 -31.93 41.02 -32.06
N VAL A 623 -31.98 40.90 -30.74
CA VAL A 623 -31.26 39.84 -30.07
C VAL A 623 -31.86 38.43 -30.17
N ILE A 624 -33.14 38.27 -29.83
CA ILE A 624 -33.73 36.94 -29.90
C ILE A 624 -33.83 36.37 -31.31
N PRO A 625 -34.34 37.15 -32.28
CA PRO A 625 -34.45 36.64 -33.64
C PRO A 625 -33.10 36.14 -34.18
N GLY A 626 -32.07 36.94 -33.99
CA GLY A 626 -30.76 36.55 -34.47
C GLY A 626 -30.27 35.27 -33.82
N MET A 627 -30.39 35.22 -32.50
CA MET A 627 -29.95 34.07 -31.71
C MET A 627 -30.56 32.74 -32.18
N PHE A 628 -31.84 32.74 -32.50
CA PHE A 628 -32.47 31.51 -32.94
C PHE A 628 -32.24 31.17 -34.40
N THR A 629 -32.00 32.17 -35.23
CA THR A 629 -31.73 31.90 -36.64
C THR A 629 -30.44 31.08 -36.71
N GLU A 630 -29.43 31.54 -35.98
CA GLU A 630 -28.15 30.86 -35.95
C GLU A 630 -28.29 29.41 -35.54
N VAL A 631 -29.25 29.12 -34.67
CA VAL A 631 -29.47 27.75 -34.20
C VAL A 631 -30.13 26.84 -35.24
N TYR A 632 -31.19 27.31 -35.89
CA TYR A 632 -31.86 26.50 -36.91
C TYR A 632 -30.77 26.05 -37.88
N GLN A 633 -29.86 26.96 -38.19
CA GLN A 633 -28.75 26.72 -39.12
C GLN A 633 -27.70 25.75 -38.60
N LYS A 634 -27.15 26.04 -37.42
CA LYS A 634 -26.12 25.18 -36.85
C LYS A 634 -26.61 23.74 -36.66
N ILE A 635 -27.93 23.57 -36.58
CA ILE A 635 -28.52 22.23 -36.42
C ILE A 635 -28.74 21.63 -37.80
N GLU A 636 -29.40 22.40 -38.66
CA GLU A 636 -29.70 21.96 -40.01
C GLU A 636 -28.47 21.45 -40.75
N THR A 637 -27.45 22.29 -40.85
CA THR A 637 -26.22 21.94 -41.56
C THR A 637 -25.31 20.92 -40.89
N VAL A 638 -25.61 20.52 -39.66
CA VAL A 638 -24.76 19.55 -38.97
C VAL A 638 -25.35 18.14 -39.01
N ASN A 639 -26.67 18.04 -39.11
CA ASN A 639 -27.35 16.76 -39.17
C ASN A 639 -27.31 16.25 -40.61
N ALA A 640 -26.79 17.09 -41.51
CA ALA A 640 -26.70 16.76 -42.92
C ALA A 640 -25.59 15.79 -43.32
N SER A 641 -24.47 15.82 -42.60
CA SER A 641 -23.35 14.94 -42.91
C SER A 641 -23.70 13.45 -42.83
N TRP A 642 -24.99 13.14 -42.81
CA TRP A 642 -25.43 11.75 -42.74
C TRP A 642 -26.20 11.38 -44.00
N LYS A 651 -32.89 -0.25 -39.73
CA LYS A 651 -33.88 -0.12 -38.66
C LYS A 651 -33.73 -1.10 -37.50
N LEU A 652 -32.81 -2.05 -37.67
CA LEU A 652 -32.49 -3.01 -36.63
C LEU A 652 -31.02 -2.70 -36.37
N TYR A 653 -30.56 -2.78 -35.13
CA TYR A 653 -29.17 -2.45 -34.89
C TYR A 653 -28.22 -3.61 -35.14
N LEU A 654 -27.14 -3.31 -35.87
CA LEU A 654 -26.14 -4.32 -36.18
C LEU A 654 -25.13 -4.40 -35.04
N TRP A 655 -25.54 -5.05 -33.95
CA TRP A 655 -24.68 -5.20 -32.79
C TRP A 655 -23.30 -5.70 -33.18
N ASN A 656 -22.28 -5.03 -32.67
CA ASN A 656 -20.89 -5.39 -32.92
C ASN A 656 -20.37 -6.19 -31.72
N PRO A 657 -20.00 -7.45 -31.93
CA PRO A 657 -19.49 -8.33 -30.86
C PRO A 657 -18.18 -7.85 -30.26
N LYS A 658 -17.39 -7.11 -31.04
CA LYS A 658 -16.10 -6.62 -30.57
C LYS A 658 -16.25 -5.38 -29.69
N SER A 659 -17.46 -4.83 -29.64
CA SER A 659 -17.73 -3.63 -28.85
C SER A 659 -17.81 -3.84 -27.34
N THR A 660 -17.36 -2.83 -26.60
CA THR A 660 -17.38 -2.86 -25.16
C THR A 660 -18.28 -1.75 -24.64
N TYR A 661 -18.90 -1.00 -25.57
CA TYR A 661 -19.81 0.08 -25.19
C TYR A 661 -21.29 -0.21 -25.43
N ILE A 662 -21.58 -0.97 -26.48
CA ILE A 662 -22.95 -1.31 -26.82
C ILE A 662 -23.06 -2.80 -26.96
N LYS A 663 -24.05 -3.39 -26.29
CA LYS A 663 -24.24 -4.83 -26.36
C LYS A 663 -25.71 -5.15 -26.22
N SER A 664 -26.15 -6.24 -26.84
CA SER A 664 -27.55 -6.62 -26.73
C SER A 664 -27.80 -7.27 -25.39
N PRO A 665 -28.78 -6.76 -24.62
CA PRO A 665 -29.13 -7.30 -23.30
C PRO A 665 -29.79 -8.67 -23.40
N PRO A 666 -29.64 -9.51 -22.38
CA PRO A 666 -30.20 -10.86 -22.29
C PRO A 666 -31.71 -10.87 -21.94
N PHE A 667 -32.21 -9.73 -21.49
CA PHE A 667 -33.61 -9.59 -21.08
C PHE A 667 -34.67 -10.43 -21.80
N PHE A 668 -34.53 -10.64 -23.11
CA PHE A 668 -35.57 -11.37 -23.82
C PHE A 668 -35.29 -12.80 -24.30
N GLU A 669 -34.33 -13.47 -23.70
CA GLU A 669 -34.03 -14.82 -24.11
C GLU A 669 -35.20 -15.75 -23.84
N ASN A 670 -35.59 -16.51 -24.84
CA ASN A 670 -36.71 -17.45 -24.70
C ASN A 670 -37.99 -16.76 -24.23
N LEU A 671 -38.26 -15.58 -24.76
CA LEU A 671 -39.47 -14.87 -24.40
C LEU A 671 -40.55 -15.49 -25.28
N THR A 672 -41.64 -15.93 -24.69
CA THR A 672 -42.69 -16.54 -25.48
C THR A 672 -43.87 -15.57 -25.59
N LEU A 673 -44.49 -15.55 -26.76
CA LEU A 673 -45.62 -14.66 -26.97
C LEU A 673 -46.72 -14.89 -25.94
N ASP A 674 -46.94 -16.14 -25.53
CA ASP A 674 -47.98 -16.44 -24.54
C ASP A 674 -47.46 -16.20 -23.13
N LEU A 675 -48.36 -15.84 -22.22
CA LEU A 675 -48.00 -15.61 -20.83
C LEU A 675 -48.04 -16.94 -20.06
N GLN A 676 -46.94 -17.30 -19.43
CA GLN A 676 -46.92 -18.52 -18.65
C GLN A 676 -47.26 -18.12 -17.23
N PRO A 677 -47.89 -19.03 -16.47
CA PRO A 677 -48.23 -18.71 -15.08
C PRO A 677 -46.98 -18.37 -14.27
N PRO A 678 -47.10 -17.43 -13.32
CA PRO A 678 -45.96 -17.02 -12.48
C PRO A 678 -45.28 -18.21 -11.84
N LYS A 679 -43.96 -18.21 -11.82
CA LYS A 679 -43.25 -19.32 -11.22
C LYS A 679 -42.81 -19.00 -9.80
N SER A 680 -43.02 -19.95 -8.90
CA SER A 680 -42.64 -19.77 -7.51
C SER A 680 -41.13 -19.77 -7.37
N ILE A 681 -40.64 -19.18 -6.29
CA ILE A 681 -39.21 -19.16 -6.03
C ILE A 681 -39.01 -20.33 -5.08
N VAL A 682 -38.21 -21.32 -5.50
CA VAL A 682 -38.00 -22.52 -4.69
C VAL A 682 -36.58 -22.75 -4.21
N ASP A 683 -36.45 -23.03 -2.91
CA ASP A 683 -35.17 -23.27 -2.28
C ASP A 683 -34.12 -22.31 -2.79
N ALA A 684 -34.42 -21.02 -2.68
CA ALA A 684 -33.51 -19.98 -3.13
C ALA A 684 -32.47 -19.72 -2.05
N TYR A 685 -31.37 -19.09 -2.46
CA TYR A 685 -30.29 -18.74 -1.54
C TYR A 685 -30.26 -17.22 -1.43
N VAL A 686 -29.82 -16.71 -0.27
CA VAL A 686 -29.76 -15.27 -0.09
C VAL A 686 -28.40 -14.81 -0.56
N LEU A 687 -28.37 -14.01 -1.62
CA LEU A 687 -27.12 -13.51 -2.19
C LEU A 687 -26.44 -12.46 -1.33
N LEU A 688 -27.25 -11.66 -0.66
CA LEU A 688 -26.73 -10.61 0.20
C LEU A 688 -27.68 -10.46 1.37
N ASN A 689 -27.11 -10.23 2.55
CA ASN A 689 -27.90 -10.02 3.76
C ASN A 689 -27.58 -8.57 4.15
N LEU A 690 -28.40 -7.63 3.72
CA LEU A 690 -28.13 -6.22 3.96
C LEU A 690 -28.87 -5.54 5.09
N GLY A 691 -28.35 -4.39 5.50
CA GLY A 691 -28.96 -3.64 6.58
C GLY A 691 -29.88 -2.51 6.15
N ASP A 692 -29.86 -1.41 6.88
CA ASP A 692 -30.70 -0.27 6.55
C ASP A 692 -30.03 0.72 5.60
N SER A 693 -30.86 1.55 4.99
CA SER A 693 -30.40 2.57 4.07
C SER A 693 -29.42 2.12 2.99
N VAL A 694 -29.74 1.05 2.26
CA VAL A 694 -28.86 0.62 1.18
C VAL A 694 -29.23 1.52 0.00
N THR A 695 -28.30 2.40 -0.35
CA THR A 695 -28.53 3.37 -1.42
C THR A 695 -28.36 2.80 -2.81
N THR A 696 -29.00 3.46 -3.77
CA THR A 696 -28.94 3.06 -5.17
C THR A 696 -27.49 3.03 -5.63
N ASP A 697 -26.64 3.83 -5.01
CA ASP A 697 -25.24 3.84 -5.41
C ASP A 697 -24.51 2.61 -4.88
N HIS A 698 -25.10 1.96 -3.88
CA HIS A 698 -24.53 0.73 -3.33
C HIS A 698 -24.94 -0.38 -4.31
N ILE A 699 -26.19 -0.33 -4.74
CA ILE A 699 -26.72 -1.31 -5.66
C ILE A 699 -26.06 -1.20 -7.03
N SER A 700 -25.83 0.03 -7.49
CA SER A 700 -25.24 0.26 -8.80
C SER A 700 -24.30 1.46 -8.75
N PRO A 701 -23.07 1.28 -8.27
CA PRO A 701 -22.11 2.37 -8.17
C PRO A 701 -21.84 3.20 -9.43
N ALA A 702 -21.44 4.45 -9.19
CA ALA A 702 -21.08 5.41 -10.22
C ALA A 702 -19.57 5.61 -10.09
N GLY A 703 -18.98 6.38 -10.99
CA GLY A 703 -17.55 6.62 -10.90
C GLY A 703 -16.70 5.55 -11.56
N ASN A 704 -15.40 5.62 -11.35
CA ASN A 704 -14.49 4.68 -11.96
C ASN A 704 -14.57 3.26 -11.44
N ILE A 705 -14.00 2.36 -12.23
CA ILE A 705 -13.97 0.93 -11.94
C ILE A 705 -12.70 0.58 -11.17
N ALA A 706 -12.88 -0.14 -10.06
CA ALA A 706 -11.76 -0.57 -9.22
C ALA A 706 -10.97 -1.60 -9.99
N ARG A 707 -9.65 -1.64 -9.78
CA ARG A 707 -8.85 -2.60 -10.53
C ARG A 707 -9.03 -4.04 -10.05
N ASN A 708 -9.60 -4.19 -8.86
CA ASN A 708 -9.84 -5.51 -8.25
C ASN A 708 -11.30 -5.94 -8.43
N SER A 709 -11.93 -5.54 -9.52
CA SER A 709 -13.33 -5.87 -9.72
C SER A 709 -13.69 -6.76 -10.90
N PRO A 710 -14.86 -7.44 -10.82
CA PRO A 710 -15.35 -8.32 -11.88
C PRO A 710 -15.40 -7.57 -13.21
N ALA A 711 -15.65 -6.26 -13.11
CA ALA A 711 -15.73 -5.43 -14.29
C ALA A 711 -14.33 -5.26 -14.87
N ALA A 712 -13.34 -5.07 -14.01
CA ALA A 712 -11.97 -4.89 -14.48
C ALA A 712 -11.44 -6.14 -15.16
N ARG A 713 -11.67 -7.29 -14.54
CA ARG A 713 -11.23 -8.56 -15.09
C ARG A 713 -11.88 -8.76 -16.46
N TYR A 714 -13.17 -8.46 -16.55
CA TYR A 714 -13.90 -8.58 -17.81
C TYR A 714 -13.22 -7.71 -18.86
N LEU A 715 -12.93 -6.46 -18.50
CA LEU A 715 -12.31 -5.53 -19.43
C LEU A 715 -10.88 -5.93 -19.77
N THR A 716 -10.18 -6.52 -18.81
CA THR A 716 -8.81 -6.94 -19.07
C THR A 716 -8.86 -8.05 -20.13
N ASN A 717 -9.68 -9.06 -19.88
CA ASN A 717 -9.84 -10.20 -20.80
C ASN A 717 -10.22 -9.82 -22.22
N ARG A 718 -10.36 -8.53 -22.49
CA ARG A 718 -10.73 -8.11 -23.84
C ARG A 718 -9.72 -7.16 -24.44
N GLY A 719 -8.53 -7.12 -23.85
CA GLY A 719 -7.47 -6.27 -24.37
C GLY A 719 -7.45 -4.84 -23.86
N LEU A 720 -8.21 -4.55 -22.83
CA LEU A 720 -8.20 -3.19 -22.31
C LEU A 720 -7.27 -3.06 -21.12
N THR A 721 -6.64 -1.90 -21.03
CA THR A 721 -5.72 -1.59 -19.94
C THR A 721 -6.49 -0.72 -18.94
N PRO A 722 -6.02 -0.64 -17.69
CA PRO A 722 -6.74 0.18 -16.69
C PRO A 722 -7.08 1.57 -17.22
N ARG A 723 -6.06 2.24 -17.73
CA ARG A 723 -6.18 3.59 -18.28
C ARG A 723 -7.36 3.79 -19.25
N GLU A 724 -7.82 2.71 -19.88
CA GLU A 724 -8.91 2.81 -20.83
C GLU A 724 -10.24 2.17 -20.39
N PHE A 725 -10.37 1.84 -19.10
CA PHE A 725 -11.62 1.23 -18.63
C PHE A 725 -12.78 2.21 -18.71
N ASN A 726 -12.52 3.44 -18.29
CA ASN A 726 -13.54 4.48 -18.26
C ASN A 726 -14.46 4.17 -17.09
N SER A 727 -15.51 4.96 -16.92
CA SER A 727 -16.44 4.78 -15.80
C SER A 727 -17.61 3.86 -16.07
N TYR A 728 -18.26 3.39 -15.01
CA TYR A 728 -19.42 2.51 -15.13
C TYR A 728 -20.49 3.29 -15.90
N GLY A 729 -20.56 4.59 -15.63
CA GLY A 729 -21.53 5.43 -16.29
C GLY A 729 -21.39 5.34 -17.79
N SER A 730 -20.15 5.43 -18.28
CA SER A 730 -19.89 5.38 -19.71
C SER A 730 -20.20 4.02 -20.32
N ARG A 731 -20.29 3.00 -19.47
CA ARG A 731 -20.54 1.63 -19.93
C ARG A 731 -22.00 1.20 -19.76
N ARG A 732 -22.91 2.16 -19.59
CA ARG A 732 -24.31 1.84 -19.39
C ARG A 732 -25.00 1.15 -20.56
N GLY A 733 -24.35 1.11 -21.71
CA GLY A 733 -24.94 0.44 -22.86
C GLY A 733 -24.43 -0.99 -22.98
N ASN A 734 -23.73 -1.46 -21.95
CA ASN A 734 -23.17 -2.82 -21.96
C ASN A 734 -23.55 -3.54 -20.67
N ASP A 735 -24.60 -4.36 -20.74
CA ASP A 735 -25.08 -5.10 -19.56
C ASP A 735 -23.98 -5.92 -18.90
N ALA A 736 -23.02 -6.36 -19.69
CA ALA A 736 -21.93 -7.16 -19.17
C ALA A 736 -21.18 -6.40 -18.07
N ILE A 737 -20.79 -5.16 -18.37
CA ILE A 737 -20.06 -4.37 -17.39
C ILE A 737 -20.93 -3.92 -16.22
N MET A 738 -22.16 -3.49 -16.52
CA MET A 738 -23.06 -3.02 -15.47
C MET A 738 -23.48 -4.14 -14.52
N ALA A 739 -23.67 -5.35 -15.05
CA ALA A 739 -24.06 -6.49 -14.22
C ALA A 739 -22.92 -6.79 -13.27
N ARG A 740 -21.70 -6.72 -13.79
CA ARG A 740 -20.51 -6.98 -13.00
C ARG A 740 -20.30 -5.87 -11.98
N GLY A 741 -20.93 -4.72 -12.20
CA GLY A 741 -20.77 -3.60 -11.28
C GLY A 741 -21.87 -3.57 -10.24
N THR A 742 -22.88 -4.41 -10.39
CA THR A 742 -23.98 -4.42 -9.45
C THR A 742 -23.48 -4.89 -8.09
N PHE A 743 -23.66 -4.06 -7.08
CA PHE A 743 -23.23 -4.37 -5.72
C PHE A 743 -21.71 -4.44 -5.63
N ALA A 744 -21.03 -3.64 -6.45
CA ALA A 744 -19.58 -3.59 -6.46
C ALA A 744 -19.06 -2.38 -5.69
N ASN A 745 -19.92 -1.73 -4.93
CA ASN A 745 -19.53 -0.56 -4.14
C ASN A 745 -18.66 -1.02 -2.97
N ILE A 746 -17.42 -0.53 -2.93
CA ILE A 746 -16.49 -0.90 -1.87
C ILE A 746 -17.04 -0.58 -0.47
N ARG A 747 -18.00 0.32 -0.42
CA ARG A 747 -18.59 0.71 0.85
C ARG A 747 -19.78 -0.17 1.23
N LEU A 748 -20.07 -1.17 0.41
CA LEU A 748 -21.18 -2.05 0.67
C LEU A 748 -20.98 -2.75 2.00
N LEU A 749 -22.03 -2.82 2.80
CA LEU A 749 -21.92 -3.47 4.10
C LEU A 749 -22.77 -4.73 4.23
N ASN A 750 -22.24 -5.84 3.70
CA ASN A 750 -22.92 -7.13 3.74
C ASN A 750 -22.86 -7.67 5.15
N ARG A 751 -24.01 -8.00 5.74
CA ARG A 751 -24.03 -8.52 7.11
C ARG A 751 -23.33 -9.88 7.21
N PHE A 752 -23.31 -10.65 6.11
CA PHE A 752 -22.64 -11.94 6.12
C PHE A 752 -21.17 -11.74 6.46
N LEU A 753 -20.68 -10.51 6.31
CA LEU A 753 -19.27 -10.20 6.57
C LEU A 753 -19.01 -9.13 7.62
N ASN A 754 -20.06 -8.43 8.04
CA ASN A 754 -19.90 -7.40 9.05
C ASN A 754 -18.69 -6.50 8.76
N LYS A 755 -18.66 -5.93 7.55
CA LYS A 755 -17.59 -5.01 7.16
C LYS A 755 -17.80 -4.56 5.72
N GLN A 756 -17.36 -3.34 5.43
CA GLN A 756 -17.50 -2.78 4.10
C GLN A 756 -16.66 -3.53 3.08
N ALA A 757 -17.34 -4.15 2.12
CA ALA A 757 -16.66 -4.91 1.07
C ALA A 757 -17.64 -5.30 -0.03
N PRO A 758 -17.22 -5.18 -1.30
CA PRO A 758 -18.08 -5.53 -2.42
C PRO A 758 -18.18 -7.03 -2.57
N GLN A 759 -18.57 -7.74 -1.50
CA GLN A 759 -18.64 -9.19 -1.60
C GLN A 759 -19.72 -9.88 -0.79
N THR A 760 -19.75 -11.19 -0.95
CA THR A 760 -20.69 -12.03 -0.24
C THR A 760 -20.10 -13.44 -0.15
N ILE A 761 -20.80 -14.31 0.58
CA ILE A 761 -20.35 -15.68 0.75
C ILE A 761 -21.14 -16.57 -0.18
N HIS A 762 -20.45 -17.34 -1.00
CA HIS A 762 -21.13 -18.29 -1.87
C HIS A 762 -21.36 -19.48 -0.94
N LEU A 763 -22.53 -19.48 -0.31
CA LEU A 763 -22.87 -20.51 0.66
C LEU A 763 -22.54 -21.98 0.36
N PRO A 764 -22.70 -22.42 -0.90
CA PRO A 764 -22.38 -23.83 -1.12
C PRO A 764 -20.90 -24.14 -0.81
N SER A 765 -20.03 -23.26 -1.26
CA SER A 765 -18.60 -23.43 -1.06
C SER A 765 -18.11 -22.77 0.22
N GLY A 766 -18.75 -21.67 0.60
CA GLY A 766 -18.33 -20.98 1.80
C GLY A 766 -17.26 -19.97 1.41
N GLU A 767 -16.94 -19.96 0.12
CA GLU A 767 -15.95 -19.02 -0.40
C GLU A 767 -16.51 -17.61 -0.38
N THR A 768 -15.63 -16.62 -0.33
CA THR A 768 -16.12 -15.25 -0.36
C THR A 768 -15.57 -14.65 -1.64
N LEU A 769 -16.48 -14.30 -2.56
CA LEU A 769 -16.11 -13.74 -3.84
C LEU A 769 -16.83 -12.41 -4.08
N ASP A 770 -16.37 -11.68 -5.09
CA ASP A 770 -17.02 -10.43 -5.45
C ASP A 770 -18.47 -10.84 -5.76
N VAL A 771 -19.43 -9.98 -5.42
CA VAL A 771 -20.86 -10.31 -5.61
C VAL A 771 -21.23 -10.91 -6.98
N PHE A 772 -20.86 -10.23 -8.06
CA PHE A 772 -21.18 -10.74 -9.38
C PHE A 772 -20.74 -12.19 -9.51
N ASP A 773 -19.49 -12.43 -9.14
CA ASP A 773 -18.88 -13.75 -9.21
C ASP A 773 -19.67 -14.79 -8.45
N ALA A 774 -20.09 -14.46 -7.23
CA ALA A 774 -20.86 -15.41 -6.46
C ALA A 774 -22.18 -15.70 -7.17
N ALA A 775 -22.78 -14.66 -7.74
CA ALA A 775 -24.05 -14.75 -8.47
C ALA A 775 -23.93 -15.63 -9.70
N GLU A 776 -22.80 -15.51 -10.38
CA GLU A 776 -22.53 -16.30 -11.58
C GLU A 776 -22.61 -17.77 -11.17
N ARG A 777 -21.75 -18.14 -10.22
CA ARG A 777 -21.68 -19.50 -9.70
C ARG A 777 -23.08 -20.01 -9.36
N TYR A 778 -23.84 -19.22 -8.62
CA TYR A 778 -25.20 -19.59 -8.24
C TYR A 778 -26.10 -19.88 -9.42
N GLN A 779 -25.95 -19.11 -10.50
CA GLN A 779 -26.80 -19.32 -11.66
C GLN A 779 -26.38 -20.57 -12.40
N GLN A 780 -25.08 -20.85 -12.39
CA GLN A 780 -24.58 -22.04 -13.05
C GLN A 780 -25.17 -23.28 -12.36
N GLU A 781 -25.17 -23.24 -11.03
CA GLU A 781 -25.68 -24.34 -10.23
C GLU A 781 -27.20 -24.43 -10.29
N GLY A 782 -27.83 -23.44 -10.89
CA GLY A 782 -29.28 -23.43 -11.02
C GLY A 782 -30.07 -23.04 -9.77
N HIS A 783 -29.45 -22.25 -8.88
CA HIS A 783 -30.10 -21.83 -7.64
C HIS A 783 -30.79 -20.46 -7.72
N PRO A 784 -32.09 -20.40 -7.37
CA PRO A 784 -32.72 -19.09 -7.43
C PRO A 784 -32.05 -18.21 -6.37
N LEU A 785 -32.16 -16.90 -6.49
CA LEU A 785 -31.56 -15.99 -5.53
C LEU A 785 -32.53 -14.91 -5.02
N ILE A 786 -32.26 -14.41 -3.83
CA ILE A 786 -33.04 -13.33 -3.23
C ILE A 786 -32.11 -12.51 -2.34
N VAL A 787 -32.52 -11.28 -2.03
CA VAL A 787 -31.75 -10.40 -1.19
C VAL A 787 -32.55 -10.00 0.04
N LEU A 788 -31.89 -9.99 1.19
CA LEU A 788 -32.54 -9.58 2.43
C LEU A 788 -32.05 -8.15 2.71
N ALA A 789 -32.93 -7.31 3.23
CA ALA A 789 -32.54 -5.93 3.49
C ALA A 789 -33.31 -5.28 4.63
N GLY A 790 -32.70 -4.27 5.23
CA GLY A 790 -33.32 -3.57 6.34
C GLY A 790 -34.40 -2.59 5.91
N LYS A 791 -34.27 -1.34 6.33
CA LYS A 791 -35.25 -0.31 6.01
C LYS A 791 -34.76 0.62 4.90
N GLU A 792 -35.71 1.32 4.29
CA GLU A 792 -35.41 2.26 3.22
C GLU A 792 -34.47 1.73 2.17
N TYR A 793 -34.82 0.58 1.60
CA TYR A 793 -34.01 -0.05 0.58
C TYR A 793 -34.11 0.76 -0.72
N GLY A 794 -32.96 1.03 -1.34
CA GLY A 794 -32.96 1.74 -2.61
C GLY A 794 -33.20 3.23 -2.56
N SER A 795 -32.78 3.87 -1.48
CA SER A 795 -32.92 5.30 -1.40
C SER A 795 -31.72 5.87 -2.16
N GLY A 796 -31.73 7.18 -2.42
CA GLY A 796 -30.60 7.76 -3.13
C GLY A 796 -30.93 8.29 -4.50
N SER A 797 -29.96 8.99 -5.09
CA SER A 797 -30.14 9.58 -6.40
C SER A 797 -30.28 8.53 -7.49
N SER A 798 -30.79 8.96 -8.64
CA SER A 798 -31.03 8.09 -9.78
C SER A 798 -29.82 7.29 -10.25
N ARG A 799 -30.05 5.99 -10.44
CA ARG A 799 -29.03 5.07 -10.93
C ARG A 799 -29.74 4.17 -11.94
N ASP A 800 -29.46 4.43 -13.22
CA ASP A 800 -30.06 3.70 -14.34
C ASP A 800 -30.17 2.18 -14.21
N TRP A 801 -29.16 1.55 -13.60
CA TRP A 801 -29.15 0.10 -13.46
C TRP A 801 -29.46 -0.49 -12.08
N ALA A 802 -30.11 0.29 -11.21
CA ALA A 802 -30.42 -0.22 -9.87
C ALA A 802 -31.44 -1.35 -9.87
N ALA A 803 -32.10 -1.56 -10.99
CA ALA A 803 -33.09 -2.63 -11.08
C ALA A 803 -32.63 -3.70 -12.09
N LYS A 804 -32.07 -3.24 -13.21
CA LYS A 804 -31.61 -4.15 -14.26
C LYS A 804 -30.43 -4.97 -13.77
N GLY A 805 -29.52 -4.32 -13.04
CA GLY A 805 -28.35 -5.02 -12.52
C GLY A 805 -28.77 -6.21 -11.68
N PRO A 806 -29.59 -5.99 -10.63
CA PRO A 806 -30.04 -7.11 -9.78
C PRO A 806 -30.75 -8.16 -10.60
N PHE A 807 -31.38 -7.75 -11.69
CA PHE A 807 -32.09 -8.70 -12.53
C PHE A 807 -31.11 -9.62 -13.24
N LEU A 808 -29.96 -9.07 -13.61
CA LEU A 808 -28.95 -9.88 -14.30
C LEU A 808 -28.07 -10.71 -13.36
N LEU A 809 -28.22 -10.49 -12.06
CA LEU A 809 -27.44 -11.27 -11.09
C LEU A 809 -28.28 -12.49 -10.67
N GLY A 810 -29.47 -12.60 -11.22
CA GLY A 810 -30.33 -13.72 -10.89
C GLY A 810 -31.27 -13.49 -9.73
N ILE A 811 -31.27 -12.29 -9.17
CA ILE A 811 -32.16 -11.98 -8.07
C ILE A 811 -33.63 -11.97 -8.52
N LYS A 812 -34.43 -12.85 -7.92
CA LYS A 812 -35.85 -12.94 -8.28
C LYS A 812 -36.72 -12.19 -7.29
N ALA A 813 -36.14 -11.85 -6.13
CA ALA A 813 -36.94 -11.13 -5.14
C ALA A 813 -36.09 -10.45 -4.08
N VAL A 814 -36.72 -9.54 -3.36
CA VAL A 814 -36.07 -8.79 -2.28
C VAL A 814 -37.02 -8.81 -1.09
N LEU A 815 -36.47 -8.93 0.10
CA LEU A 815 -37.27 -8.96 1.32
C LEU A 815 -36.69 -7.87 2.19
N ALA A 816 -37.44 -6.79 2.33
CA ALA A 816 -37.00 -5.65 3.13
C ALA A 816 -38.06 -5.22 4.13
N GLU A 817 -37.64 -4.41 5.08
CA GLU A 817 -38.56 -3.90 6.08
C GLU A 817 -39.23 -2.70 5.44
N SER A 818 -38.46 -2.01 4.61
CA SER A 818 -38.97 -0.80 3.95
C SER A 818 -38.37 -0.54 2.56
N TYR A 819 -39.18 0.03 1.67
CA TYR A 819 -38.72 0.36 0.33
C TYR A 819 -38.90 1.83 0.03
N GLU A 820 -37.93 2.38 -0.68
CA GLU A 820 -38.01 3.76 -1.10
C GLU A 820 -38.98 3.69 -2.31
N ARG A 821 -39.96 4.58 -2.35
CA ARG A 821 -40.97 4.61 -3.40
C ARG A 821 -40.55 4.29 -4.85
N ILE A 822 -39.73 5.13 -5.44
CA ILE A 822 -39.28 4.96 -6.82
C ILE A 822 -38.68 3.58 -7.06
N HIS A 823 -37.62 3.27 -6.34
CA HIS A 823 -36.95 1.99 -6.50
C HIS A 823 -37.89 0.79 -6.47
N ARG A 824 -38.87 0.81 -5.58
CA ARG A 824 -39.79 -0.31 -5.51
C ARG A 824 -40.41 -0.48 -6.89
N SER A 825 -40.79 0.64 -7.49
CA SER A 825 -41.40 0.63 -8.80
C SER A 825 -40.43 0.08 -9.85
N ASN A 826 -39.20 0.57 -9.79
CA ASN A 826 -38.17 0.13 -10.72
C ASN A 826 -38.01 -1.39 -10.70
N LEU A 827 -38.04 -1.98 -9.51
CA LEU A 827 -37.88 -3.42 -9.38
C LEU A 827 -39.04 -4.14 -10.05
N VAL A 828 -40.26 -3.69 -9.78
CA VAL A 828 -41.45 -4.28 -10.39
C VAL A 828 -41.26 -4.24 -11.92
N GLY A 829 -40.83 -3.09 -12.41
CA GLY A 829 -40.61 -2.92 -13.82
C GLY A 829 -39.75 -3.99 -14.45
N MET A 830 -38.74 -4.46 -13.72
CA MET A 830 -37.85 -5.50 -14.24
C MET A 830 -38.26 -6.93 -13.89
N GLY A 831 -39.48 -7.11 -13.38
CA GLY A 831 -39.94 -8.44 -13.06
C GLY A 831 -39.62 -8.93 -11.67
N VAL A 832 -38.74 -8.23 -10.95
CA VAL A 832 -38.36 -8.60 -9.60
C VAL A 832 -39.49 -8.40 -8.59
N ILE A 833 -39.64 -9.36 -7.67
CA ILE A 833 -40.71 -9.32 -6.66
C ILE A 833 -40.32 -8.59 -5.40
N PRO A 834 -41.02 -7.49 -5.08
CA PRO A 834 -40.64 -6.78 -3.86
C PRO A 834 -41.48 -7.27 -2.66
N LEU A 835 -40.82 -7.95 -1.72
CA LEU A 835 -41.50 -8.47 -0.55
C LEU A 835 -41.21 -7.60 0.67
N GLU A 836 -42.23 -7.41 1.51
CA GLU A 836 -42.05 -6.59 2.70
C GLU A 836 -42.52 -7.33 3.96
N TYR A 837 -41.69 -7.27 5.00
CA TYR A 837 -42.02 -7.91 6.28
C TYR A 837 -43.30 -7.30 6.83
N LEU A 838 -43.99 -8.05 7.68
CA LEU A 838 -45.21 -7.52 8.27
C LEU A 838 -44.80 -6.43 9.26
N PRO A 839 -45.72 -5.49 9.54
CA PRO A 839 -45.40 -4.42 10.48
C PRO A 839 -44.88 -5.01 11.80
N GLY A 840 -43.68 -4.60 12.18
CA GLY A 840 -43.11 -5.09 13.43
C GLY A 840 -42.08 -6.20 13.30
N GLU A 841 -42.08 -6.90 12.17
CA GLU A 841 -41.13 -7.99 11.97
C GLU A 841 -39.98 -7.66 11.05
N ASN A 842 -38.92 -8.44 11.17
CA ASN A 842 -37.74 -8.26 10.34
C ASN A 842 -36.74 -9.40 10.60
N ALA A 843 -35.62 -9.38 9.90
CA ALA A 843 -34.62 -10.42 10.03
C ALA A 843 -34.37 -10.89 11.46
N ASP A 844 -33.97 -9.97 12.36
CA ASP A 844 -33.68 -10.32 13.75
C ASP A 844 -34.88 -10.86 14.52
N SER A 845 -36.02 -10.18 14.38
CA SER A 845 -37.23 -10.62 15.06
C SER A 845 -37.52 -12.07 14.72
N LEU A 846 -37.41 -12.41 13.43
CA LEU A 846 -37.68 -13.76 12.95
C LEU A 846 -36.53 -14.75 13.10
N GLY A 847 -35.34 -14.25 13.45
CA GLY A 847 -34.20 -15.13 13.63
C GLY A 847 -33.44 -15.39 12.35
N LEU A 848 -34.04 -15.07 11.21
CA LEU A 848 -33.41 -15.28 9.92
C LEU A 848 -31.91 -14.99 9.95
N THR A 849 -31.10 -15.95 9.51
CA THR A 849 -29.64 -15.79 9.49
C THR A 849 -29.15 -15.44 8.09
N GLY A 850 -29.91 -15.87 7.08
CA GLY A 850 -29.53 -15.61 5.71
C GLY A 850 -28.80 -16.79 5.10
N ARG A 851 -28.75 -17.87 5.85
CA ARG A 851 -28.08 -19.07 5.38
C ARG A 851 -29.10 -20.17 5.10
N GLU A 852 -30.35 -19.93 5.48
CA GLU A 852 -31.41 -20.90 5.22
C GLU A 852 -31.73 -20.82 3.73
N ARG A 853 -32.54 -21.74 3.23
CA ARG A 853 -32.91 -21.66 1.83
C ARG A 853 -34.37 -21.28 1.83
N TYR A 854 -34.69 -20.22 1.07
CA TYR A 854 -36.04 -19.68 1.00
C TYR A 854 -36.91 -20.15 -0.15
N THR A 855 -38.17 -20.41 0.17
CA THR A 855 -39.15 -20.84 -0.79
C THR A 855 -40.39 -19.99 -0.67
N ILE A 856 -40.83 -19.41 -1.79
CA ILE A 856 -42.00 -18.57 -1.82
C ILE A 856 -42.92 -19.06 -2.93
N ILE A 857 -44.14 -19.42 -2.57
CA ILE A 857 -45.08 -19.96 -3.53
C ILE A 857 -46.08 -18.92 -3.99
N ILE A 858 -45.88 -18.42 -5.20
CA ILE A 858 -46.77 -17.41 -5.78
C ILE A 858 -48.07 -18.00 -6.32
N PRO A 859 -49.21 -17.40 -5.96
CA PRO A 859 -50.53 -17.85 -6.44
C PRO A 859 -50.73 -17.21 -7.81
N GLU A 860 -51.58 -17.80 -8.66
CA GLU A 860 -51.82 -17.22 -9.98
C GLU A 860 -52.88 -16.12 -9.89
N ASN A 861 -53.61 -16.09 -8.78
CA ASN A 861 -54.64 -15.07 -8.55
C ASN A 861 -54.16 -14.02 -7.54
N LEU A 862 -53.06 -13.36 -7.90
CA LEU A 862 -52.43 -12.32 -7.11
C LEU A 862 -53.32 -11.09 -7.03
N THR A 863 -53.33 -10.48 -5.85
CA THR A 863 -54.10 -9.27 -5.62
C THR A 863 -53.12 -8.27 -5.03
N PRO A 864 -53.33 -6.98 -5.30
CA PRO A 864 -52.41 -5.96 -4.76
C PRO A 864 -52.10 -6.17 -3.27
N ARG A 865 -50.85 -5.95 -2.91
CA ARG A 865 -50.40 -6.08 -1.52
C ARG A 865 -50.85 -7.35 -0.81
N MET A 866 -51.08 -8.42 -1.57
CA MET A 866 -51.50 -9.70 -1.00
C MET A 866 -50.44 -10.25 -0.05
N HIS A 867 -50.86 -11.13 0.86
CA HIS A 867 -49.91 -11.72 1.80
C HIS A 867 -49.55 -13.12 1.32
N VAL A 868 -48.28 -13.49 1.48
CA VAL A 868 -47.84 -14.82 1.06
C VAL A 868 -47.01 -15.44 2.16
N GLN A 869 -46.85 -16.76 2.10
CA GLN A 869 -46.06 -17.45 3.09
C GLN A 869 -44.64 -17.68 2.58
N VAL A 870 -43.69 -17.68 3.51
CA VAL A 870 -42.29 -17.94 3.18
C VAL A 870 -41.89 -19.11 4.05
N LYS A 871 -41.62 -20.27 3.44
CA LYS A 871 -41.21 -21.42 4.24
C LYS A 871 -39.73 -21.70 4.04
N LEU A 872 -39.01 -21.79 5.16
CA LEU A 872 -37.59 -22.05 5.17
C LEU A 872 -37.30 -23.56 5.18
N ASP A 873 -36.07 -23.92 4.80
CA ASP A 873 -35.67 -25.31 4.76
C ASP A 873 -35.29 -25.80 6.16
N THR A 874 -35.68 -25.04 7.18
CA THR A 874 -35.40 -25.42 8.56
C THR A 874 -36.76 -25.59 9.23
N GLY A 875 -37.79 -25.75 8.40
CA GLY A 875 -39.14 -25.91 8.91
C GLY A 875 -39.82 -24.59 9.20
N LYS A 876 -39.04 -23.57 9.56
CA LYS A 876 -39.61 -22.27 9.89
C LYS A 876 -40.55 -21.73 8.81
N THR A 877 -41.48 -20.87 9.24
CA THR A 877 -42.46 -20.28 8.34
C THR A 877 -42.83 -18.86 8.78
N PHE A 878 -43.23 -18.02 7.84
CA PHE A 878 -43.65 -16.65 8.15
C PHE A 878 -44.31 -15.95 6.97
N GLN A 879 -45.11 -14.91 7.26
CA GLN A 879 -45.79 -14.14 6.23
C GLN A 879 -44.95 -12.96 5.74
N ALA A 880 -45.36 -12.37 4.64
CA ALA A 880 -44.67 -11.22 4.06
C ALA A 880 -45.63 -10.63 3.06
N VAL A 881 -45.49 -9.34 2.80
CA VAL A 881 -46.38 -8.68 1.85
C VAL A 881 -45.72 -8.66 0.50
N ILE A 882 -46.45 -9.11 -0.51
CA ILE A 882 -45.93 -9.10 -1.87
C ILE A 882 -46.36 -7.72 -2.38
N ARG A 883 -45.38 -6.82 -2.43
CA ARG A 883 -45.62 -5.44 -2.79
C ARG A 883 -45.84 -5.01 -4.23
N PHE A 884 -46.92 -5.50 -4.82
CA PHE A 884 -47.32 -5.09 -6.16
C PHE A 884 -48.51 -4.26 -5.71
N ASP A 885 -48.45 -2.96 -5.96
CA ASP A 885 -49.51 -2.09 -5.50
C ASP A 885 -50.72 -1.83 -6.38
N THR A 886 -50.61 -2.12 -7.68
CA THR A 886 -51.74 -1.88 -8.57
C THR A 886 -51.84 -2.93 -9.66
N ASP A 887 -52.98 -2.93 -10.35
CA ASP A 887 -53.23 -3.88 -11.42
C ASP A 887 -52.24 -3.70 -12.57
N VAL A 888 -51.79 -2.47 -12.78
CA VAL A 888 -50.82 -2.21 -13.84
C VAL A 888 -49.56 -2.96 -13.43
N GLU A 889 -49.16 -2.78 -12.18
CA GLU A 889 -47.98 -3.44 -11.64
C GLU A 889 -48.10 -4.96 -11.72
N LEU A 890 -49.31 -5.48 -11.46
CA LEU A 890 -49.51 -6.92 -11.54
C LEU A 890 -49.32 -7.35 -12.99
N THR A 891 -49.77 -6.53 -13.92
CA THR A 891 -49.63 -6.87 -15.32
C THR A 891 -48.15 -6.97 -15.69
N TYR A 892 -47.35 -6.00 -15.26
CA TYR A 892 -45.94 -6.05 -15.55
C TYR A 892 -45.35 -7.32 -14.96
N PHE A 893 -45.79 -7.71 -13.76
CA PHE A 893 -45.27 -8.92 -13.14
C PHE A 893 -45.58 -10.13 -14.00
N HIS A 894 -46.84 -10.28 -14.39
CA HIS A 894 -47.22 -11.42 -15.20
C HIS A 894 -46.47 -11.48 -16.51
N ASN A 895 -46.12 -10.32 -17.06
CA ASN A 895 -45.41 -10.24 -18.34
C ASN A 895 -43.93 -10.35 -18.16
N GLY A 896 -43.47 -10.31 -16.91
CA GLY A 896 -42.05 -10.42 -16.65
C GLY A 896 -41.33 -9.10 -16.71
N GLY A 897 -42.09 -8.02 -16.73
CA GLY A 897 -41.48 -6.71 -16.80
C GLY A 897 -42.16 -5.79 -17.79
N ILE A 898 -41.94 -4.49 -17.65
CA ILE A 898 -42.56 -3.52 -18.54
C ILE A 898 -42.07 -3.64 -19.98
N LEU A 899 -40.79 -3.96 -20.16
CA LEU A 899 -40.26 -4.11 -21.50
C LEU A 899 -40.93 -5.28 -22.21
N ASN A 900 -41.03 -6.42 -21.50
CA ASN A 900 -41.65 -7.61 -22.06
C ASN A 900 -43.11 -7.30 -22.41
N TYR A 901 -43.82 -6.64 -21.51
CA TYR A 901 -45.21 -6.28 -21.75
C TYR A 901 -45.32 -5.53 -23.08
N MET A 902 -44.42 -4.57 -23.29
CA MET A 902 -44.43 -3.77 -24.50
C MET A 902 -44.18 -4.64 -25.73
N ILE A 903 -43.29 -5.61 -25.61
CA ILE A 903 -43.01 -6.50 -26.74
C ILE A 903 -44.25 -7.30 -27.17
N ARG A 904 -44.99 -7.85 -26.21
CA ARG A 904 -46.19 -8.64 -26.52
C ARG A 904 -47.30 -7.80 -27.12
N LYS A 905 -47.48 -6.60 -26.55
CA LYS A 905 -48.51 -5.69 -27.02
C LYS A 905 -48.26 -5.26 -28.47
N MET A 906 -47.02 -5.40 -28.93
CA MET A 906 -46.68 -5.01 -30.30
C MET A 906 -46.64 -6.13 -31.31
N ALA A 907 -46.23 -7.31 -30.91
CA ALA A 907 -46.16 -8.44 -31.84
C ALA A 907 -47.50 -9.14 -32.02
N LYS A 908 -48.41 -8.52 -32.78
CA LYS A 908 -49.73 -9.11 -33.01
C LYS A 908 -50.24 -8.84 -34.44
N SER B 21 34.11 -32.05 47.85
CA SER B 21 35.55 -32.43 47.69
C SER B 21 35.74 -33.13 46.36
N ASN B 22 36.91 -32.93 45.75
CA ASN B 22 37.21 -33.54 44.46
C ASN B 22 37.75 -34.96 44.68
N PRO B 23 36.96 -35.98 44.38
CA PRO B 23 37.38 -37.37 44.54
C PRO B 23 38.66 -37.77 43.80
N PHE B 24 39.16 -36.90 42.91
CA PHE B 24 40.39 -37.21 42.17
C PHE B 24 41.55 -36.31 42.56
N ALA B 25 41.46 -35.67 43.73
CA ALA B 25 42.52 -34.79 44.20
C ALA B 25 43.83 -35.53 44.41
N TYR B 26 43.73 -36.84 44.63
CA TYR B 26 44.91 -37.67 44.84
C TYR B 26 45.78 -37.76 43.60
N LEU B 27 45.28 -37.26 42.47
CA LEU B 27 46.03 -37.29 41.22
C LEU B 27 46.83 -36.01 41.07
N ALA B 28 46.46 -34.99 41.85
CA ALA B 28 47.15 -33.71 41.79
C ALA B 28 48.52 -33.85 42.41
N GLU B 29 49.54 -33.39 41.70
CA GLU B 29 50.92 -33.44 42.18
C GLU B 29 51.69 -32.31 41.53
N PRO B 30 52.88 -31.99 42.04
CA PRO B 30 53.63 -30.91 41.42
C PRO B 30 54.24 -31.35 40.09
N LEU B 31 54.25 -30.44 39.13
CA LEU B 31 54.85 -30.72 37.83
C LEU B 31 56.36 -30.76 38.09
N ASP B 32 56.82 -29.79 38.87
CA ASP B 32 58.23 -29.66 39.21
C ASP B 32 58.37 -29.51 40.74
N PRO B 33 58.95 -30.53 41.41
CA PRO B 33 59.15 -30.52 42.87
C PRO B 33 59.67 -29.22 43.48
N ALA B 34 60.51 -28.49 42.75
CA ALA B 34 61.06 -27.23 43.24
C ALA B 34 59.93 -26.19 43.34
N GLN B 35 58.79 -26.53 42.78
CA GLN B 35 57.61 -25.67 42.76
C GLN B 35 56.42 -26.49 43.28
N PRO B 36 56.38 -26.77 44.60
CA PRO B 36 55.28 -27.55 45.16
C PRO B 36 53.89 -26.95 44.91
N GLY B 37 53.84 -25.62 44.80
CA GLY B 37 52.57 -24.94 44.60
C GLY B 37 51.92 -25.04 43.22
N LYS B 38 52.70 -25.42 42.21
CA LYS B 38 52.17 -25.56 40.87
C LYS B 38 51.95 -27.04 40.57
N LYS B 39 50.68 -27.44 40.56
CA LYS B 39 50.31 -28.83 40.33
C LYS B 39 49.55 -29.09 39.03
N PHE B 40 49.29 -30.36 38.78
CA PHE B 40 48.58 -30.79 37.60
C PHE B 40 48.02 -32.19 37.87
N PHE B 41 46.85 -32.47 37.32
CA PHE B 41 46.22 -33.77 37.53
C PHE B 41 46.85 -34.79 36.63
N ASN B 42 47.65 -35.67 37.22
CA ASN B 42 48.34 -36.68 36.45
C ASN B 42 47.36 -37.73 35.96
N LEU B 43 46.87 -37.53 34.75
CA LEU B 43 45.92 -38.47 34.17
C LEU B 43 46.56 -39.82 33.97
N ASN B 44 47.89 -39.85 33.82
CA ASN B 44 48.61 -41.11 33.63
C ASN B 44 48.32 -42.10 34.73
N LYS B 45 48.30 -41.60 35.97
CA LYS B 45 48.05 -42.46 37.12
C LYS B 45 46.61 -42.94 37.20
N LEU B 46 45.67 -42.17 36.64
CA LEU B 46 44.26 -42.53 36.67
C LEU B 46 43.99 -43.94 36.15
N ASP B 47 44.55 -44.24 34.97
CA ASP B 47 44.43 -45.57 34.33
C ASP B 47 45.20 -45.57 33.01
N TYR B 48 46.51 -45.74 33.12
CA TYR B 48 47.41 -45.74 31.96
C TYR B 48 47.00 -46.59 30.77
N SER B 49 46.45 -47.77 31.05
CA SER B 49 46.05 -48.67 29.97
C SER B 49 45.03 -48.06 29.01
N ARG B 50 43.99 -47.43 29.55
CA ARG B 50 42.97 -46.81 28.70
C ARG B 50 43.32 -45.40 28.25
N TYR B 51 44.05 -44.67 29.09
CA TYR B 51 44.44 -43.30 28.79
C TYR B 51 45.39 -43.19 27.61
N GLY B 52 46.41 -44.04 27.59
CA GLY B 52 47.40 -44.00 26.52
C GLY B 52 46.88 -44.35 25.15
N ARG B 53 45.67 -44.86 25.09
CA ARG B 53 45.08 -45.23 23.80
C ARG B 53 43.99 -44.24 23.38
N LEU B 54 43.73 -43.25 24.22
CA LEU B 54 42.71 -42.22 23.95
C LEU B 54 43.14 -41.17 22.95
N PRO B 55 42.19 -40.69 22.12
CA PRO B 55 42.49 -39.66 21.13
C PRO B 55 42.83 -38.43 21.96
N PHE B 56 43.81 -37.65 21.54
CA PHE B 56 44.19 -36.49 22.31
C PHE B 56 43.04 -35.53 22.59
N SER B 57 42.14 -35.38 21.61
CA SER B 57 41.01 -34.49 21.81
C SER B 57 40.18 -34.96 23.02
N ILE B 58 39.98 -36.27 23.14
CA ILE B 58 39.21 -36.82 24.25
C ILE B 58 39.95 -36.65 25.58
N ARG B 59 41.28 -36.62 25.54
CA ARG B 59 42.07 -36.44 26.75
C ARG B 59 41.78 -35.07 27.34
N VAL B 60 41.61 -34.07 26.48
CA VAL B 60 41.31 -32.73 26.96
C VAL B 60 39.97 -32.74 27.72
N LEU B 61 39.01 -33.51 27.24
CA LEU B 61 37.72 -33.59 27.92
C LEU B 61 37.95 -34.25 29.25
N LEU B 62 38.70 -35.34 29.22
CA LEU B 62 39.00 -36.08 30.44
C LEU B 62 39.62 -35.17 31.50
N GLU B 63 40.77 -34.57 31.21
CA GLU B 63 41.42 -33.70 32.19
C GLU B 63 40.47 -32.66 32.77
N ALA B 64 39.61 -32.11 31.90
CA ALA B 64 38.66 -31.09 32.31
C ALA B 64 37.66 -31.55 33.35
N ALA B 65 37.12 -32.74 33.14
CA ALA B 65 36.15 -33.32 34.08
C ALA B 65 36.86 -33.63 35.39
N VAL B 66 37.98 -34.35 35.28
CA VAL B 66 38.77 -34.73 36.45
C VAL B 66 39.11 -33.56 37.36
N ARG B 67 39.72 -32.50 36.82
CA ARG B 67 40.07 -31.35 37.64
C ARG B 67 38.88 -30.63 38.23
N ASN B 68 37.72 -30.71 37.58
CA ASN B 68 36.52 -30.04 38.09
C ASN B 68 35.50 -30.98 38.72
N CYS B 69 35.92 -32.18 39.11
CA CYS B 69 34.98 -33.10 39.71
C CYS B 69 34.52 -32.51 41.01
N ASP B 70 33.20 -32.46 41.21
CA ASP B 70 32.63 -31.91 42.42
C ASP B 70 31.42 -32.74 42.85
N LYS B 71 31.39 -33.99 42.39
CA LYS B 71 30.30 -34.90 42.71
C LYS B 71 28.90 -34.31 42.51
N PHE B 72 28.79 -33.23 41.75
CA PHE B 72 27.49 -32.60 41.49
C PHE B 72 27.36 -32.20 40.03
N LEU B 73 27.95 -31.07 39.66
CA LEU B 73 27.88 -30.60 38.28
C LEU B 73 28.67 -31.56 37.38
N VAL B 74 29.72 -32.13 37.97
CA VAL B 74 30.57 -33.10 37.30
C VAL B 74 30.75 -34.25 38.30
N LYS B 75 30.13 -35.38 38.03
CA LYS B 75 30.22 -36.54 38.92
C LYS B 75 31.36 -37.44 38.49
N LYS B 76 31.75 -38.40 39.33
CA LYS B 76 32.86 -39.27 38.96
C LYS B 76 32.47 -40.33 37.93
N GLU B 77 31.17 -40.55 37.73
CA GLU B 77 30.75 -41.53 36.73
C GLU B 77 31.02 -40.90 35.39
N ASP B 78 31.01 -39.56 35.40
CA ASP B 78 31.26 -38.77 34.20
C ASP B 78 32.72 -38.97 33.80
N ILE B 79 33.63 -38.84 34.75
CA ILE B 79 35.05 -39.03 34.46
C ILE B 79 35.23 -40.48 33.99
N GLU B 80 34.50 -41.40 34.61
CA GLU B 80 34.60 -42.81 34.23
C GLU B 80 34.12 -43.02 32.81
N ASN B 81 33.02 -42.37 32.46
CA ASN B 81 32.49 -42.50 31.11
C ASN B 81 33.46 -42.00 30.05
N ILE B 82 34.09 -40.87 30.29
CA ILE B 82 35.03 -40.33 29.31
C ILE B 82 36.25 -41.24 29.18
N LEU B 83 36.82 -41.64 30.32
CA LEU B 83 37.99 -42.50 30.32
C LEU B 83 37.72 -43.79 29.56
N ASN B 84 36.50 -44.28 29.65
CA ASN B 84 36.11 -45.52 28.99
C ASN B 84 35.60 -45.20 27.59
N TRP B 85 36.18 -44.17 26.99
CA TRP B 85 35.80 -43.71 25.65
C TRP B 85 35.73 -44.79 24.60
N ASN B 86 36.73 -45.66 24.54
CA ASN B 86 36.75 -46.70 23.52
C ASN B 86 35.45 -47.47 23.45
N VAL B 87 34.80 -47.68 24.60
CA VAL B 87 33.54 -48.41 24.63
C VAL B 87 32.36 -47.46 24.54
N THR B 88 32.32 -46.49 25.45
CA THR B 88 31.23 -45.54 25.52
C THR B 88 30.94 -44.75 24.26
N GLN B 89 31.95 -44.56 23.42
CA GLN B 89 31.73 -43.82 22.18
C GLN B 89 30.57 -44.40 21.41
N HIS B 90 30.33 -45.71 21.57
CA HIS B 90 29.25 -46.41 20.87
C HIS B 90 27.92 -46.49 21.61
N MET B 91 27.86 -45.95 22.80
CA MET B 91 26.61 -46.02 23.56
C MET B 91 25.88 -44.68 23.66
N ASN B 92 26.30 -43.70 22.86
CA ASN B 92 25.68 -42.38 22.86
C ASN B 92 25.38 -41.81 24.24
N ILE B 93 26.40 -41.63 25.08
CA ILE B 93 26.17 -41.08 26.41
C ILE B 93 26.59 -39.61 26.56
N GLU B 94 25.83 -38.87 27.36
CA GLU B 94 26.11 -37.47 27.62
C GLU B 94 27.22 -37.37 28.67
N VAL B 95 28.22 -36.54 28.40
CA VAL B 95 29.33 -36.30 29.32
C VAL B 95 29.48 -34.79 29.44
N PRO B 96 30.06 -34.30 30.55
CA PRO B 96 30.20 -32.85 30.68
C PRO B 96 31.50 -32.30 30.10
N PHE B 97 31.44 -31.11 29.52
CA PHE B 97 32.63 -30.45 28.98
C PHE B 97 32.72 -29.10 29.68
N LYS B 98 33.76 -28.91 30.48
CA LYS B 98 33.96 -27.66 31.21
C LYS B 98 35.15 -26.91 30.60
N PRO B 99 34.89 -26.01 29.64
CA PRO B 99 35.90 -25.20 28.95
C PRO B 99 36.74 -24.37 29.91
N ALA B 100 37.97 -24.09 29.53
CA ALA B 100 38.85 -23.29 30.36
C ALA B 100 38.48 -21.80 30.27
N ARG B 101 37.81 -21.40 29.20
CA ARG B 101 37.43 -20.00 29.04
C ARG B 101 36.30 -19.83 28.03
N VAL B 102 35.83 -18.60 27.89
CA VAL B 102 34.74 -18.27 26.98
C VAL B 102 35.05 -17.03 26.12
N ILE B 103 34.57 -17.03 24.88
CA ILE B 103 34.73 -15.87 24.00
C ILE B 103 33.33 -15.38 23.61
N LEU B 104 33.06 -14.09 23.83
CA LEU B 104 31.76 -13.51 23.49
C LEU B 104 31.95 -12.47 22.41
N GLN B 105 31.61 -12.87 21.19
CA GLN B 105 31.78 -12.07 19.98
C GLN B 105 30.91 -10.83 19.86
N ASP B 106 31.52 -9.75 19.41
CA ASP B 106 30.82 -8.49 19.23
C ASP B 106 29.98 -8.09 20.44
N PHE B 107 28.68 -7.90 20.28
CA PHE B 107 27.87 -7.51 21.42
C PHE B 107 27.01 -8.63 21.97
N THR B 108 27.38 -9.87 21.69
CA THR B 108 26.58 -11.00 22.17
C THR B 108 26.70 -11.22 23.68
N GLY B 109 27.70 -10.58 24.29
CA GLY B 109 27.90 -10.76 25.71
C GLY B 109 27.18 -9.73 26.58
N VAL B 110 26.31 -8.93 25.95
CA VAL B 110 25.60 -7.91 26.70
C VAL B 110 24.62 -8.48 27.73
N PRO B 111 23.69 -9.34 27.30
CA PRO B 111 22.72 -9.93 28.24
C PRO B 111 23.39 -10.69 29.38
N SER B 112 24.56 -11.25 29.08
CA SER B 112 25.35 -12.00 30.06
C SER B 112 25.98 -11.08 31.10
N VAL B 113 26.53 -9.96 30.66
CA VAL B 113 27.14 -9.03 31.59
C VAL B 113 26.04 -8.39 32.42
N VAL B 114 24.90 -8.15 31.79
CA VAL B 114 23.76 -7.56 32.49
C VAL B 114 23.28 -8.49 33.60
N ASP B 115 23.27 -9.79 33.32
CA ASP B 115 22.86 -10.75 34.32
C ASP B 115 23.81 -10.69 35.52
N PHE B 116 25.12 -10.65 35.25
CA PHE B 116 26.11 -10.61 36.34
C PHE B 116 26.09 -9.29 37.10
N ALA B 117 25.80 -8.19 36.42
CA ALA B 117 25.71 -6.90 37.11
C ALA B 117 24.49 -6.97 38.04
N ALA B 118 23.36 -7.44 37.50
CA ALA B 118 22.12 -7.59 38.25
C ALA B 118 22.28 -8.60 39.39
N MET B 119 23.17 -9.55 39.20
CA MET B 119 23.39 -10.55 40.23
C MET B 119 24.12 -9.90 41.39
N ARG B 120 25.01 -8.95 41.08
CA ARG B 120 25.75 -8.25 42.13
C ARG B 120 24.80 -7.40 42.95
N ASP B 121 23.92 -6.68 42.27
CA ASP B 121 22.95 -5.85 42.97
C ASP B 121 22.16 -6.77 43.91
N ALA B 122 21.75 -7.92 43.40
CA ALA B 122 20.99 -8.91 44.15
C ALA B 122 21.70 -9.34 45.44
N VAL B 123 22.99 -9.66 45.33
CA VAL B 123 23.78 -10.07 46.48
C VAL B 123 23.94 -8.91 47.47
N LYS B 124 24.06 -7.70 46.93
CA LYS B 124 24.19 -6.53 47.80
C LYS B 124 22.96 -6.48 48.71
N LYS B 125 21.79 -6.38 48.10
CA LYS B 125 20.53 -6.31 48.82
C LYS B 125 20.32 -7.44 49.83
N LEU B 126 21.16 -8.47 49.79
CA LEU B 126 21.01 -9.56 50.76
C LEU B 126 22.12 -9.48 51.79
N GLY B 127 22.81 -8.34 51.81
CA GLY B 127 23.91 -8.15 52.74
C GLY B 127 25.09 -9.07 52.51
N GLY B 128 25.56 -9.13 51.28
CA GLY B 128 26.69 -9.98 50.96
C GLY B 128 27.72 -9.19 50.17
N ASP B 129 28.87 -9.78 49.90
CA ASP B 129 29.88 -9.11 49.12
C ASP B 129 29.59 -9.26 47.61
N PRO B 130 29.29 -8.14 46.94
CA PRO B 130 28.99 -8.20 45.50
C PRO B 130 30.11 -8.81 44.69
N GLU B 131 31.36 -8.55 45.09
CA GLU B 131 32.51 -9.07 44.37
C GLU B 131 32.68 -10.56 44.40
N LYS B 132 31.88 -11.22 45.23
CA LYS B 132 31.94 -12.67 45.30
C LYS B 132 31.32 -13.19 43.99
N ILE B 133 30.49 -12.34 43.37
CA ILE B 133 29.82 -12.65 42.10
C ILE B 133 30.75 -12.33 40.93
N ASN B 134 31.15 -13.35 40.18
CA ASN B 134 32.05 -13.16 39.06
C ASN B 134 32.07 -14.39 38.16
N PRO B 135 32.38 -14.21 36.87
CA PRO B 135 32.41 -15.37 35.96
C PRO B 135 33.46 -16.41 36.40
N ILE B 136 33.00 -17.65 36.56
CA ILE B 136 33.83 -18.76 36.97
C ILE B 136 35.08 -18.91 36.14
N CYS B 137 35.02 -18.49 34.88
CA CYS B 137 36.16 -18.62 33.97
C CYS B 137 36.48 -17.30 33.29
N PRO B 138 37.65 -17.19 32.66
CA PRO B 138 38.02 -15.94 31.98
C PRO B 138 37.09 -15.79 30.78
N VAL B 139 36.75 -14.55 30.45
CA VAL B 139 35.92 -14.31 29.29
C VAL B 139 36.55 -13.18 28.48
N ASP B 140 36.73 -13.42 27.19
CA ASP B 140 37.31 -12.43 26.30
C ASP B 140 36.20 -11.87 25.43
N LEU B 141 35.91 -10.58 25.58
CA LEU B 141 34.89 -9.93 24.78
C LEU B 141 35.59 -9.45 23.50
N VAL B 142 35.34 -10.15 22.40
CA VAL B 142 35.98 -9.81 21.13
C VAL B 142 35.06 -9.01 20.23
N ILE B 143 35.23 -7.69 20.25
CA ILE B 143 34.40 -6.78 19.46
C ILE B 143 35.24 -6.29 18.28
N ASP B 144 35.58 -7.20 17.37
CA ASP B 144 36.45 -6.86 16.26
C ASP B 144 35.86 -6.77 14.86
N HIS B 145 34.61 -6.33 14.75
CA HIS B 145 34.04 -6.20 13.42
C HIS B 145 34.32 -4.80 12.88
N SER B 146 34.40 -4.69 11.56
CA SER B 146 34.68 -3.41 10.91
C SER B 146 33.94 -3.27 9.58
N GLU B 165 26.82 4.49 12.14
CA GLU B 165 26.22 3.55 13.08
C GLU B 165 27.16 3.24 14.25
N PHE B 166 28.35 3.84 14.25
CA PHE B 166 29.28 3.62 15.35
C PHE B 166 28.60 4.16 16.60
N GLU B 167 27.78 5.19 16.42
CA GLU B 167 27.07 5.81 17.52
C GLU B 167 25.96 4.91 18.03
N ARG B 168 25.43 4.08 17.14
CA ARG B 168 24.36 3.15 17.51
C ARG B 168 24.83 2.14 18.56
N ASN B 169 26.11 1.79 18.50
CA ASN B 169 26.69 0.82 19.41
C ASN B 169 27.43 1.44 20.61
N ARG B 170 27.61 2.75 20.61
CA ARG B 170 28.32 3.43 21.69
C ARG B 170 27.93 2.98 23.10
N GLU B 171 26.63 3.03 23.42
CA GLU B 171 26.20 2.63 24.75
C GLU B 171 26.55 1.18 25.08
N ARG B 172 26.18 0.26 24.20
CA ARG B 172 26.50 -1.14 24.43
C ARG B 172 28.01 -1.34 24.55
N PHE B 173 28.79 -0.61 23.76
CA PHE B 173 30.24 -0.76 23.85
C PHE B 173 30.69 -0.28 25.23
N GLU B 174 30.13 0.84 25.67
CA GLU B 174 30.48 1.40 26.95
C GLU B 174 30.17 0.42 28.06
N PHE B 175 28.98 -0.18 28.00
CA PHE B 175 28.56 -1.13 29.02
C PHE B 175 29.51 -2.31 29.16
N LEU B 176 29.97 -2.85 28.04
CA LEU B 176 30.89 -3.97 28.08
C LEU B 176 32.25 -3.53 28.60
N LYS B 177 32.58 -2.26 28.38
CA LYS B 177 33.88 -1.75 28.84
C LYS B 177 33.83 -1.70 30.35
N TRP B 178 32.72 -1.22 30.90
CA TRP B 178 32.56 -1.14 32.33
C TRP B 178 32.78 -2.54 32.87
N GLY B 179 32.18 -3.51 32.20
CA GLY B 179 32.31 -4.89 32.63
C GLY B 179 33.73 -5.41 32.69
N SER B 180 34.53 -5.10 31.68
CA SER B 180 35.91 -5.58 31.65
C SER B 180 36.69 -5.08 32.87
N LYS B 181 36.29 -3.95 33.44
CA LYS B 181 36.97 -3.40 34.60
C LYS B 181 36.35 -3.88 35.91
N ALA B 182 35.04 -4.08 35.90
CA ALA B 182 34.29 -4.51 37.09
C ALA B 182 34.44 -5.97 37.47
N PHE B 183 34.70 -6.83 36.49
CA PHE B 183 34.86 -8.26 36.79
C PHE B 183 36.28 -8.74 36.59
N ARG B 184 36.60 -9.86 37.20
CA ARG B 184 37.94 -10.41 37.11
C ARG B 184 38.11 -11.30 35.87
N ASN B 185 39.33 -11.33 35.35
CA ASN B 185 39.65 -12.13 34.17
C ASN B 185 38.78 -11.86 32.97
N MET B 186 38.13 -10.71 32.94
CA MET B 186 37.29 -10.37 31.81
C MET B 186 38.00 -9.31 30.97
N ARG B 187 38.63 -9.79 29.90
CA ARG B 187 39.40 -8.94 28.99
C ARG B 187 38.55 -8.51 27.80
N ILE B 188 38.98 -7.48 27.08
CA ILE B 188 38.23 -6.98 25.93
C ILE B 188 39.06 -6.50 24.74
N ILE B 189 38.72 -6.96 23.54
CA ILE B 189 39.41 -6.53 22.32
C ILE B 189 38.43 -5.51 21.72
N PRO B 190 38.73 -4.21 21.88
CA PRO B 190 37.88 -3.12 21.39
C PRO B 190 37.84 -2.88 19.89
N PRO B 191 36.82 -2.17 19.41
CA PRO B 191 36.62 -1.84 18.00
C PRO B 191 37.70 -0.82 17.69
N GLY B 192 38.37 -0.95 16.56
CA GLY B 192 39.41 0.01 16.22
C GLY B 192 40.77 -0.39 16.73
N SER B 193 41.07 -1.68 16.59
CA SER B 193 42.37 -2.21 17.00
C SER B 193 42.65 -3.37 16.06
N GLY B 194 42.75 -4.58 16.58
CA GLY B 194 42.98 -5.72 15.70
C GLY B 194 41.69 -6.08 14.98
N ILE B 195 41.67 -5.93 13.66
CA ILE B 195 40.46 -6.28 12.91
C ILE B 195 40.70 -7.53 12.07
N ILE B 196 41.80 -8.20 12.34
CA ILE B 196 42.13 -9.44 11.67
C ILE B 196 41.79 -10.48 12.73
N HIS B 197 40.55 -10.94 12.67
CA HIS B 197 40.00 -11.90 13.62
C HIS B 197 40.95 -13.03 14.00
N GLN B 198 41.35 -13.79 12.99
CA GLN B 198 42.26 -14.91 13.13
C GLN B 198 43.40 -14.61 14.12
N VAL B 199 44.08 -13.49 13.90
CA VAL B 199 45.18 -13.10 14.76
C VAL B 199 44.71 -12.88 16.19
N ASN B 200 43.55 -12.25 16.36
CA ASN B 200 43.02 -11.98 17.69
C ASN B 200 42.74 -13.29 18.45
N LEU B 201 42.24 -14.30 17.76
CA LEU B 201 41.92 -15.56 18.40
C LEU B 201 43.16 -16.28 18.90
N GLU B 202 44.21 -16.28 18.10
CA GLU B 202 45.43 -16.96 18.49
C GLU B 202 46.08 -16.13 19.58
N TYR B 203 45.85 -14.83 19.54
CA TYR B 203 46.41 -13.94 20.55
C TYR B 203 45.82 -14.30 21.92
N LEU B 204 44.53 -14.60 21.93
CA LEU B 204 43.83 -14.95 23.15
C LEU B 204 44.03 -16.41 23.55
N ALA B 205 44.67 -17.19 22.69
CA ALA B 205 44.87 -18.61 22.98
C ALA B 205 45.98 -18.87 23.98
N ARG B 206 45.64 -19.51 25.11
CA ARG B 206 46.64 -19.81 26.10
C ARG B 206 47.36 -21.11 25.73
N VAL B 207 46.62 -22.05 25.17
CA VAL B 207 47.13 -23.37 24.78
C VAL B 207 47.26 -24.23 26.04
N VAL B 208 47.83 -23.64 27.08
CA VAL B 208 47.97 -24.29 28.38
C VAL B 208 47.87 -23.22 29.43
N PHE B 209 47.05 -23.47 30.44
CA PHE B 209 46.83 -22.54 31.53
C PHE B 209 47.79 -22.82 32.67
N ASP B 210 48.31 -21.73 33.24
CA ASP B 210 49.19 -21.77 34.39
C ASP B 210 48.45 -20.80 35.32
N GLN B 211 47.45 -21.32 36.03
CA GLN B 211 46.62 -20.46 36.86
C GLN B 211 46.15 -21.04 38.19
N ASP B 212 46.05 -20.16 39.18
CA ASP B 212 45.62 -20.52 40.53
C ASP B 212 46.22 -21.85 41.01
N GLY B 213 47.52 -21.99 40.83
CA GLY B 213 48.22 -23.18 41.28
C GLY B 213 48.11 -24.44 40.44
N TYR B 214 47.52 -24.35 39.25
CA TYR B 214 47.40 -25.52 38.40
C TYR B 214 47.73 -25.28 36.95
N TYR B 215 48.10 -26.38 36.30
CA TYR B 215 48.42 -26.40 34.89
C TYR B 215 47.29 -27.25 34.30
N TYR B 216 46.65 -26.75 33.25
CA TYR B 216 45.62 -27.51 32.59
C TYR B 216 45.55 -27.02 31.16
N PRO B 217 45.02 -27.85 30.25
CA PRO B 217 44.93 -27.47 28.84
C PRO B 217 43.93 -26.34 28.59
N ASP B 218 44.26 -25.48 27.64
CA ASP B 218 43.37 -24.41 27.28
C ASP B 218 42.24 -25.07 26.47
N SER B 219 41.04 -24.51 26.56
CA SER B 219 39.88 -25.03 25.85
C SER B 219 38.80 -23.97 26.00
N LEU B 220 37.83 -23.93 25.08
CA LEU B 220 36.79 -22.92 25.17
C LEU B 220 35.57 -23.22 24.32
N VAL B 221 34.61 -22.32 24.43
CA VAL B 221 33.40 -22.35 23.65
C VAL B 221 33.11 -20.86 23.47
N GLY B 222 32.63 -20.47 22.31
CA GLY B 222 32.33 -19.07 22.08
C GLY B 222 31.04 -18.84 21.30
N THR B 223 30.55 -17.60 21.34
CA THR B 223 29.36 -17.27 20.59
C THR B 223 29.83 -16.82 19.21
N ASP B 224 31.04 -17.25 18.85
CA ASP B 224 31.63 -16.91 17.57
C ASP B 224 31.74 -18.19 16.74
N SER B 225 31.13 -18.17 15.57
CA SER B 225 31.15 -19.34 14.69
C SER B 225 32.55 -19.80 14.29
N HIS B 226 33.50 -18.87 14.23
CA HIS B 226 34.89 -19.21 13.84
C HIS B 226 35.74 -19.81 14.95
N THR B 227 35.15 -19.98 16.12
CA THR B 227 35.84 -20.54 17.26
C THR B 227 36.61 -21.80 16.92
N THR B 228 36.04 -22.66 16.09
CA THR B 228 36.68 -23.94 15.73
C THR B 228 38.04 -23.77 15.08
N MET B 229 38.38 -22.54 14.69
CA MET B 229 39.66 -22.29 14.05
C MET B 229 40.82 -22.54 14.99
N ILE B 230 40.59 -22.28 16.27
CA ILE B 230 41.63 -22.43 17.26
C ILE B 230 42.03 -23.87 17.57
N ASP B 231 41.31 -24.85 17.03
CA ASP B 231 41.66 -26.24 17.26
C ASP B 231 42.86 -26.62 16.41
N GLY B 232 43.25 -25.72 15.51
CA GLY B 232 44.39 -25.99 14.66
C GLY B 232 45.66 -25.75 15.45
N LEU B 233 45.52 -25.04 16.56
CA LEU B 233 46.66 -24.74 17.41
C LEU B 233 46.65 -25.59 18.67
N GLY B 234 45.93 -26.70 18.64
CA GLY B 234 45.88 -27.57 19.80
C GLY B 234 44.85 -27.25 20.86
N VAL B 235 44.11 -26.15 20.70
CA VAL B 235 43.07 -25.76 21.67
C VAL B 235 41.71 -26.31 21.27
N LEU B 236 41.12 -27.15 22.13
CA LEU B 236 39.82 -27.75 21.85
C LEU B 236 38.70 -26.74 22.10
N GLY B 237 37.74 -26.68 21.18
CA GLY B 237 36.64 -25.74 21.37
C GLY B 237 35.84 -25.48 20.11
N TRP B 238 34.64 -24.93 20.27
CA TRP B 238 33.78 -24.63 19.13
C TRP B 238 32.73 -23.61 19.54
N GLY B 239 31.95 -23.14 18.57
CA GLY B 239 30.92 -22.17 18.89
C GLY B 239 29.66 -22.79 19.51
N VAL B 240 28.98 -22.03 20.36
CA VAL B 240 27.75 -22.49 21.01
C VAL B 240 26.77 -21.32 21.14
N GLY B 241 25.56 -21.63 21.58
CA GLY B 241 24.57 -20.58 21.75
C GLY B 241 24.94 -19.61 22.87
N GLY B 242 24.38 -18.40 22.82
CA GLY B 242 24.67 -17.42 23.85
C GLY B 242 24.32 -17.94 25.23
N ILE B 243 23.17 -18.61 25.36
CA ILE B 243 22.75 -19.14 26.64
C ILE B 243 23.74 -20.18 27.16
N GLU B 244 24.25 -21.03 26.28
CA GLU B 244 25.21 -22.03 26.73
C GLU B 244 26.53 -21.39 27.17
N ALA B 245 26.92 -20.32 26.50
CA ALA B 245 28.15 -19.63 26.89
C ALA B 245 27.98 -19.10 28.31
N GLU B 246 26.85 -18.44 28.57
CA GLU B 246 26.60 -17.89 29.89
C GLU B 246 26.57 -18.98 30.95
N ALA B 247 25.99 -20.13 30.61
CA ALA B 247 25.92 -21.27 31.52
C ALA B 247 27.36 -21.60 31.95
N VAL B 248 28.29 -21.52 31.01
CA VAL B 248 29.67 -21.79 31.34
C VAL B 248 30.19 -20.75 32.33
N MET B 249 29.83 -19.49 32.11
CA MET B 249 30.27 -18.43 32.99
C MET B 249 29.66 -18.63 34.37
N LEU B 250 28.57 -19.39 34.43
CA LEU B 250 27.93 -19.67 35.70
C LEU B 250 28.41 -20.98 36.34
N GLY B 251 29.36 -21.67 35.68
CA GLY B 251 29.88 -22.91 36.21
C GLY B 251 29.24 -24.19 35.68
N GLN B 252 28.27 -24.05 34.78
CA GLN B 252 27.58 -25.18 34.20
C GLN B 252 28.32 -25.74 32.99
N PRO B 253 28.64 -27.05 33.01
CA PRO B 253 29.35 -27.69 31.90
C PRO B 253 28.47 -27.79 30.66
N ILE B 254 29.09 -27.84 29.49
CA ILE B 254 28.33 -27.99 28.28
C ILE B 254 28.07 -29.46 28.29
N SER B 255 26.83 -29.84 28.03
CA SER B 255 26.48 -31.23 27.99
C SER B 255 26.69 -31.67 26.54
N MET B 256 27.28 -32.84 26.32
CA MET B 256 27.52 -33.30 24.96
C MET B 256 27.69 -34.80 24.87
N VAL B 257 27.25 -35.38 23.77
CA VAL B 257 27.40 -36.82 23.59
C VAL B 257 28.86 -37.11 23.35
N LEU B 258 29.42 -38.06 24.10
CA LEU B 258 30.82 -38.42 23.93
C LEU B 258 30.89 -38.76 22.44
N PRO B 259 31.70 -38.01 21.68
CA PRO B 259 31.85 -38.20 20.24
C PRO B 259 32.75 -39.31 19.72
N GLN B 260 32.49 -39.74 18.49
CA GLN B 260 33.37 -40.71 17.88
C GLN B 260 34.51 -39.83 17.36
N VAL B 261 35.69 -40.41 17.14
CA VAL B 261 36.81 -39.62 16.66
C VAL B 261 37.46 -40.24 15.42
N ILE B 262 37.25 -39.60 14.27
CA ILE B 262 37.82 -40.05 13.01
C ILE B 262 39.30 -39.61 12.97
N GLY B 263 40.19 -40.57 12.88
CA GLY B 263 41.61 -40.25 12.82
C GLY B 263 41.97 -40.04 11.37
N TYR B 264 42.54 -38.87 11.05
CA TYR B 264 42.94 -38.55 9.68
C TYR B 264 44.46 -38.55 9.62
N ARG B 265 45.03 -39.56 8.95
CA ARG B 265 46.48 -39.68 8.87
C ARG B 265 47.10 -39.10 7.62
N LEU B 266 48.20 -38.38 7.84
CA LEU B 266 48.96 -37.75 6.77
C LEU B 266 50.36 -38.36 6.66
N MET B 267 50.71 -38.87 5.50
CA MET B 267 52.05 -39.42 5.31
C MET B 267 52.56 -39.07 3.92
N GLY B 268 53.85 -39.33 3.71
CA GLY B 268 54.45 -39.04 2.43
C GLY B 268 54.81 -37.57 2.29
N LYS B 269 55.25 -37.21 1.10
CA LYS B 269 55.64 -35.84 0.79
C LYS B 269 54.90 -35.40 -0.47
N PRO B 270 54.52 -34.13 -0.55
CA PRO B 270 53.81 -33.62 -1.73
C PRO B 270 54.81 -33.26 -2.82
N HIS B 271 54.38 -33.38 -4.09
CA HIS B 271 55.27 -33.02 -5.19
C HIS B 271 55.59 -31.54 -5.14
N PRO B 272 56.60 -31.09 -5.92
CA PRO B 272 57.06 -29.71 -6.01
C PRO B 272 56.08 -28.58 -6.23
N LEU B 273 55.18 -28.73 -7.19
CA LEU B 273 54.24 -27.65 -7.49
C LEU B 273 53.01 -27.57 -6.59
N VAL B 274 52.84 -28.55 -5.71
CA VAL B 274 51.69 -28.60 -4.81
C VAL B 274 51.70 -27.49 -3.75
N THR B 275 50.65 -26.68 -3.74
CA THR B 275 50.53 -25.58 -2.76
C THR B 275 49.61 -25.94 -1.60
N SER B 276 49.71 -25.17 -0.52
CA SER B 276 48.87 -25.39 0.66
C SER B 276 47.38 -25.56 0.30
N THR B 277 46.84 -24.63 -0.47
CA THR B 277 45.44 -24.71 -0.87
C THR B 277 45.10 -26.06 -1.47
N ASP B 278 46.04 -26.61 -2.24
CA ASP B 278 45.82 -27.91 -2.87
C ASP B 278 45.59 -28.98 -1.81
N ILE B 279 46.49 -29.00 -0.82
CA ILE B 279 46.41 -29.96 0.27
C ILE B 279 45.13 -29.78 1.09
N VAL B 280 44.88 -28.54 1.51
CA VAL B 280 43.69 -28.21 2.28
C VAL B 280 42.40 -28.68 1.58
N LEU B 281 42.21 -28.26 0.34
CA LEU B 281 41.02 -28.64 -0.38
C LEU B 281 40.89 -30.15 -0.55
N THR B 282 42.01 -30.86 -0.57
CA THR B 282 41.95 -32.31 -0.72
C THR B 282 41.41 -32.93 0.55
N ILE B 283 42.01 -32.53 1.67
CA ILE B 283 41.64 -33.01 2.98
C ILE B 283 40.21 -32.60 3.30
N THR B 284 39.89 -31.36 2.94
CA THR B 284 38.58 -30.80 3.15
C THR B 284 37.48 -31.55 2.40
N LYS B 285 37.67 -31.65 1.08
CA LYS B 285 36.72 -32.32 0.23
C LYS B 285 36.57 -33.78 0.64
N HIS B 286 37.66 -34.41 1.03
CA HIS B 286 37.62 -35.82 1.43
C HIS B 286 36.74 -36.02 2.65
N LEU B 287 37.04 -35.29 3.72
CA LEU B 287 36.28 -35.37 4.97
C LEU B 287 34.78 -35.33 4.72
N ARG B 288 34.38 -34.49 3.80
CA ARG B 288 32.97 -34.36 3.48
C ARG B 288 32.39 -35.72 3.13
N GLN B 289 33.04 -36.45 2.23
CA GLN B 289 32.58 -37.75 1.79
C GLN B 289 32.65 -38.80 2.88
N VAL B 290 33.72 -38.78 3.66
CA VAL B 290 33.91 -39.73 4.74
C VAL B 290 32.70 -39.77 5.68
N GLY B 291 32.04 -38.63 5.82
CA GLY B 291 30.88 -38.53 6.69
C GLY B 291 31.33 -38.37 8.13
N VAL B 292 31.57 -37.13 8.54
CA VAL B 292 32.03 -36.87 9.91
C VAL B 292 31.08 -35.95 10.66
N VAL B 293 29.92 -35.68 10.08
CA VAL B 293 28.96 -34.83 10.74
C VAL B 293 28.74 -35.33 12.16
N GLY B 294 28.75 -34.41 13.13
CA GLY B 294 28.51 -34.79 14.51
C GLY B 294 29.66 -35.43 15.26
N LYS B 295 30.73 -35.77 14.54
CA LYS B 295 31.90 -36.38 15.17
C LYS B 295 33.09 -35.41 15.35
N PHE B 296 34.18 -35.91 15.91
CA PHE B 296 35.42 -35.13 16.08
C PHE B 296 36.35 -35.68 15.01
N VAL B 297 37.27 -34.85 14.56
CA VAL B 297 38.24 -35.30 13.59
C VAL B 297 39.56 -34.91 14.24
N GLU B 298 40.47 -35.87 14.35
CA GLU B 298 41.76 -35.60 14.97
C GLU B 298 42.84 -36.03 13.98
N PHE B 299 43.84 -35.16 13.78
CA PHE B 299 44.90 -35.47 12.84
C PHE B 299 46.11 -36.17 13.43
N PHE B 300 46.83 -36.91 12.58
CA PHE B 300 48.03 -37.61 13.01
C PHE B 300 48.75 -38.11 11.77
N GLY B 301 49.92 -38.74 12.00
CA GLY B 301 50.73 -39.22 10.90
C GLY B 301 51.89 -38.25 10.76
N PRO B 302 53.05 -38.71 10.27
CA PRO B 302 54.23 -37.84 10.11
C PRO B 302 53.98 -36.58 9.26
N GLY B 303 52.97 -36.62 8.39
CA GLY B 303 52.66 -35.49 7.54
C GLY B 303 52.20 -34.23 8.25
N VAL B 304 51.57 -34.38 9.41
CA VAL B 304 51.09 -33.22 10.13
C VAL B 304 52.24 -32.26 10.42
N ALA B 305 53.46 -32.81 10.50
CA ALA B 305 54.62 -31.97 10.77
C ALA B 305 54.88 -30.99 9.62
N GLN B 306 54.25 -31.26 8.46
CA GLN B 306 54.42 -30.41 7.29
C GLN B 306 53.37 -29.30 7.16
N LEU B 307 52.37 -29.33 8.03
CA LEU B 307 51.32 -28.31 8.00
C LEU B 307 51.63 -27.22 9.02
N SER B 308 51.81 -25.99 8.56
CA SER B 308 52.07 -24.89 9.48
C SER B 308 50.80 -24.63 10.29
N ILE B 309 50.89 -23.78 11.30
CA ILE B 309 49.72 -23.48 12.11
C ILE B 309 48.66 -22.82 11.23
N ALA B 310 49.12 -22.05 10.25
CA ALA B 310 48.20 -21.38 9.34
C ALA B 310 47.42 -22.43 8.55
N ASP B 311 48.11 -23.50 8.12
CA ASP B 311 47.44 -24.55 7.37
C ASP B 311 46.41 -25.27 8.26
N ARG B 312 46.83 -25.63 9.47
CA ARG B 312 45.96 -26.32 10.43
C ARG B 312 44.73 -25.46 10.75
N ALA B 313 44.96 -24.19 11.07
CA ALA B 313 43.87 -23.28 11.38
C ALA B 313 42.87 -23.24 10.23
N THR B 314 43.36 -23.20 9.01
CA THR B 314 42.48 -23.16 7.85
C THR B 314 41.61 -24.41 7.78
N ILE B 315 42.19 -25.56 8.04
CA ILE B 315 41.42 -26.80 8.00
C ILE B 315 40.38 -26.83 9.13
N ALA B 316 40.82 -26.56 10.35
CA ALA B 316 39.93 -26.58 11.49
C ALA B 316 38.80 -25.58 11.32
N ASN B 317 39.13 -24.42 10.79
CA ASN B 317 38.13 -23.37 10.62
C ASN B 317 37.04 -23.71 9.62
N MET B 318 37.33 -24.64 8.71
CA MET B 318 36.35 -25.02 7.70
C MET B 318 35.54 -26.26 8.10
N CYS B 319 35.62 -26.68 9.35
CA CYS B 319 34.89 -27.88 9.73
C CYS B 319 33.37 -27.72 9.61
N PRO B 320 32.87 -26.47 9.64
CA PRO B 320 31.42 -26.35 9.48
C PRO B 320 31.05 -26.94 8.10
N GLU B 321 31.97 -26.79 7.13
CA GLU B 321 31.73 -27.27 5.78
C GLU B 321 31.64 -28.79 5.68
N TYR B 322 32.35 -29.51 6.54
CA TYR B 322 32.24 -30.97 6.47
C TYR B 322 31.48 -31.56 7.65
N GLY B 323 30.84 -30.67 8.42
CA GLY B 323 30.01 -31.09 9.54
C GLY B 323 30.62 -31.58 10.84
N ALA B 324 31.94 -31.57 10.98
CA ALA B 324 32.51 -32.06 12.24
C ALA B 324 32.29 -31.02 13.33
N THR B 325 32.21 -31.49 14.59
CA THR B 325 32.04 -30.60 15.73
C THR B 325 33.35 -29.82 15.85
N ALA B 326 34.46 -30.55 15.76
CA ALA B 326 35.78 -29.96 15.83
C ALA B 326 36.82 -30.85 15.16
N THR B 327 37.85 -30.20 14.63
CA THR B 327 38.95 -30.87 13.97
C THR B 327 40.18 -30.46 14.76
N PHE B 328 40.65 -31.39 15.60
CA PHE B 328 41.76 -31.17 16.52
C PHE B 328 43.14 -31.56 16.00
N PHE B 329 44.11 -30.68 16.25
CA PHE B 329 45.51 -30.87 15.87
C PHE B 329 46.31 -30.80 17.17
N PRO B 330 46.65 -31.95 17.76
CA PRO B 330 47.40 -31.95 19.02
C PRO B 330 48.57 -30.98 19.04
N VAL B 331 48.95 -30.54 20.24
CA VAL B 331 50.06 -29.63 20.37
C VAL B 331 51.36 -30.41 20.15
N ASP B 332 52.11 -29.99 19.13
CA ASP B 332 53.39 -30.63 18.84
C ASP B 332 54.45 -29.53 18.82
N GLU B 333 55.66 -29.87 18.40
CA GLU B 333 56.73 -28.89 18.37
C GLU B 333 56.42 -27.71 17.46
N VAL B 334 55.64 -27.94 16.40
CA VAL B 334 55.27 -26.85 15.52
C VAL B 334 54.46 -25.84 16.30
N SER B 335 53.51 -26.35 17.10
CA SER B 335 52.66 -25.48 17.92
C SER B 335 53.53 -24.67 18.87
N ILE B 336 54.36 -25.37 19.66
CA ILE B 336 55.21 -24.72 20.63
C ILE B 336 56.02 -23.61 19.97
N LYS B 337 56.67 -23.93 18.86
CA LYS B 337 57.46 -22.94 18.16
C LYS B 337 56.61 -21.74 17.73
N TYR B 338 55.33 -22.00 17.47
CA TYR B 338 54.41 -20.94 17.06
C TYR B 338 54.16 -19.99 18.23
N LEU B 339 54.08 -20.54 19.44
CA LEU B 339 53.87 -19.71 20.60
C LEU B 339 55.02 -18.72 20.73
N VAL B 340 56.24 -19.18 20.47
CA VAL B 340 57.40 -18.31 20.54
C VAL B 340 57.28 -17.26 19.45
N GLN B 341 56.96 -17.69 18.25
CA GLN B 341 56.81 -16.77 17.13
C GLN B 341 55.81 -15.66 17.44
N THR B 342 54.86 -15.92 18.32
CA THR B 342 53.85 -14.92 18.67
C THR B 342 54.21 -14.00 19.84
N GLY B 343 55.38 -14.22 20.44
CA GLY B 343 55.77 -13.36 21.53
C GLY B 343 55.74 -13.93 22.93
N ARG B 344 55.18 -15.12 23.10
CA ARG B 344 55.14 -15.75 24.42
C ARG B 344 56.62 -15.95 24.77
N ASP B 345 57.01 -15.80 26.04
CA ASP B 345 58.43 -15.95 26.34
C ASP B 345 58.91 -17.38 26.59
N GLU B 346 60.12 -17.63 26.09
CA GLU B 346 60.78 -18.93 26.17
C GLU B 346 60.53 -19.75 27.41
N SER B 347 60.76 -19.16 28.59
CA SER B 347 60.56 -19.90 29.83
C SER B 347 59.12 -20.40 29.96
N LYS B 348 58.16 -19.50 29.81
CA LYS B 348 56.76 -19.91 29.93
C LYS B 348 56.43 -21.04 28.96
N VAL B 349 56.81 -20.85 27.70
CA VAL B 349 56.56 -21.85 26.67
C VAL B 349 57.23 -23.18 27.02
N LYS B 350 58.46 -23.12 27.51
CA LYS B 350 59.20 -24.33 27.88
C LYS B 350 58.48 -25.10 28.97
N GLN B 351 57.82 -24.37 29.86
CA GLN B 351 57.10 -24.99 30.96
C GLN B 351 55.85 -25.66 30.40
N ILE B 352 55.19 -24.99 29.45
CA ILE B 352 54.00 -25.53 28.81
C ILE B 352 54.28 -26.90 28.20
N ARG B 353 55.40 -27.00 27.47
CA ARG B 353 55.79 -28.26 26.84
C ARG B 353 56.11 -29.32 27.89
N LYS B 354 56.71 -28.89 28.99
CA LYS B 354 57.05 -29.81 30.06
C LYS B 354 55.75 -30.36 30.62
N TYR B 355 54.76 -29.48 30.78
CA TYR B 355 53.47 -29.91 31.31
C TYR B 355 52.81 -30.91 30.35
N LEU B 356 52.68 -30.52 29.09
CA LEU B 356 52.07 -31.40 28.10
C LEU B 356 52.73 -32.78 28.06
N GLN B 357 54.06 -32.82 28.21
CA GLN B 357 54.77 -34.11 28.18
C GLN B 357 54.51 -34.93 29.44
N ALA B 358 54.35 -34.24 30.56
CA ALA B 358 54.11 -34.90 31.83
C ALA B 358 52.74 -35.55 31.90
N VAL B 359 51.71 -34.84 31.42
CA VAL B 359 50.36 -35.36 31.47
C VAL B 359 50.06 -36.28 30.30
N GLY B 360 50.93 -36.23 29.28
CA GLY B 360 50.77 -37.07 28.11
C GLY B 360 49.90 -36.47 27.03
N MET B 361 50.02 -35.16 26.84
CA MET B 361 49.22 -34.49 25.81
C MET B 361 50.09 -33.78 24.80
N PHE B 362 51.39 -34.04 24.84
CA PHE B 362 52.30 -33.43 23.88
C PHE B 362 52.44 -34.42 22.75
N ARG B 363 52.18 -33.97 21.53
CA ARG B 363 52.25 -34.85 20.38
C ARG B 363 53.59 -34.93 19.66
N ASP B 364 53.92 -36.13 19.22
CA ASP B 364 55.12 -36.43 18.46
C ASP B 364 54.55 -37.27 17.33
N TYR B 365 54.18 -36.59 16.23
CA TYR B 365 53.56 -37.25 15.08
C TYR B 365 54.44 -38.32 14.44
N SER B 366 55.75 -38.19 14.57
CA SER B 366 56.66 -39.17 13.99
C SER B 366 56.68 -40.50 14.73
N ASP B 367 56.22 -40.50 15.98
CA ASP B 367 56.18 -41.70 16.81
C ASP B 367 54.83 -42.41 16.75
N PRO B 368 54.70 -43.45 15.92
CA PRO B 368 53.45 -44.22 15.77
C PRO B 368 53.01 -44.94 17.03
N SER B 369 53.97 -45.32 17.88
CA SER B 369 53.68 -46.01 19.13
C SER B 369 52.75 -45.17 20.00
N GLN B 370 52.84 -43.86 19.83
CA GLN B 370 52.04 -42.90 20.58
C GLN B 370 50.62 -42.77 20.03
N ASP B 371 50.43 -43.11 18.75
CA ASP B 371 49.12 -43.02 18.09
C ASP B 371 47.94 -43.59 18.87
N PRO B 372 46.85 -42.81 18.98
CA PRO B 372 45.62 -43.17 19.68
C PRO B 372 44.89 -44.30 18.97
N ASP B 373 43.77 -44.70 19.54
CA ASP B 373 42.96 -45.76 18.97
C ASP B 373 41.67 -45.15 18.42
N PHE B 374 41.76 -44.51 17.26
CA PHE B 374 40.61 -43.88 16.66
C PHE B 374 39.45 -44.82 16.32
N THR B 375 38.28 -44.22 16.12
CA THR B 375 37.05 -44.94 15.79
C THR B 375 37.19 -45.50 14.40
N GLN B 376 37.76 -44.68 13.53
CA GLN B 376 37.95 -45.00 12.14
C GLN B 376 39.17 -44.23 11.71
N VAL B 377 39.83 -44.69 10.66
CA VAL B 377 41.01 -43.98 10.19
C VAL B 377 40.91 -43.76 8.72
N VAL B 378 41.09 -42.51 8.31
CA VAL B 378 41.09 -42.19 6.89
C VAL B 378 42.53 -41.76 6.70
N GLU B 379 43.04 -41.90 5.48
CA GLU B 379 44.43 -41.58 5.24
C GLU B 379 44.67 -40.77 3.99
N LEU B 380 45.83 -40.11 3.94
CA LEU B 380 46.20 -39.32 2.78
C LEU B 380 47.69 -39.32 2.56
N ASP B 381 48.11 -39.83 1.41
CA ASP B 381 49.52 -39.81 1.05
C ASP B 381 49.69 -38.51 0.26
N LEU B 382 50.45 -37.57 0.83
CA LEU B 382 50.66 -36.29 0.18
C LEU B 382 51.14 -36.38 -1.26
N LYS B 383 51.78 -37.48 -1.62
CA LYS B 383 52.29 -37.65 -2.98
C LYS B 383 51.12 -37.79 -3.96
N THR B 384 49.92 -37.97 -3.42
CA THR B 384 48.69 -38.15 -4.19
C THR B 384 48.07 -36.86 -4.76
N VAL B 385 48.32 -35.73 -4.09
CA VAL B 385 47.76 -34.46 -4.54
C VAL B 385 48.38 -34.08 -5.88
N VAL B 386 47.57 -33.62 -6.84
CA VAL B 386 48.12 -33.21 -8.13
C VAL B 386 47.72 -31.77 -8.46
N PRO B 387 48.70 -30.91 -8.74
CA PRO B 387 48.45 -29.50 -9.08
C PRO B 387 47.69 -29.40 -10.40
N CYS B 388 46.70 -28.50 -10.46
CA CYS B 388 45.90 -28.37 -11.68
C CYS B 388 45.55 -26.94 -12.04
N CYS B 389 45.02 -26.80 -13.24
CA CYS B 389 44.56 -25.55 -13.78
C CYS B 389 43.20 -25.89 -14.31
N SER B 390 42.37 -24.87 -14.48
CA SER B 390 41.04 -25.08 -14.97
C SER B 390 40.88 -24.22 -16.21
N GLY B 391 40.29 -24.81 -17.24
CA GLY B 391 40.10 -24.09 -18.49
C GLY B 391 40.10 -25.12 -19.61
N PRO B 392 40.24 -24.68 -20.86
CA PRO B 392 40.40 -23.28 -21.28
C PRO B 392 39.14 -22.44 -21.24
N LYS B 393 37.98 -23.09 -21.04
CA LYS B 393 36.73 -22.35 -21.01
C LYS B 393 35.88 -22.44 -19.74
N ARG B 394 35.95 -23.58 -19.04
CA ARG B 394 35.16 -23.75 -17.82
C ARG B 394 35.96 -24.04 -16.56
N PRO B 395 35.60 -23.36 -15.45
CA PRO B 395 36.29 -23.57 -14.17
C PRO B 395 36.23 -25.02 -13.69
N GLN B 396 35.24 -25.76 -14.18
CA GLN B 396 35.09 -27.16 -13.79
C GLN B 396 36.06 -28.09 -14.51
N ASP B 397 36.50 -27.70 -15.71
CA ASP B 397 37.42 -28.52 -16.49
C ASP B 397 38.83 -28.44 -15.92
N LYS B 398 39.21 -29.46 -15.17
CA LYS B 398 40.52 -29.53 -14.55
C LYS B 398 41.53 -30.20 -15.45
N VAL B 399 42.76 -29.70 -15.41
CA VAL B 399 43.85 -30.27 -16.18
C VAL B 399 45.10 -30.15 -15.34
N ALA B 400 45.76 -31.28 -15.13
CA ALA B 400 46.99 -31.33 -14.34
C ALA B 400 48.00 -30.39 -14.95
N VAL B 401 48.83 -29.77 -14.11
CA VAL B 401 49.84 -28.84 -14.60
C VAL B 401 50.82 -29.47 -15.58
N SER B 402 51.18 -30.73 -15.36
CA SER B 402 52.12 -31.42 -16.23
C SER B 402 51.51 -31.77 -17.59
N ASP B 403 50.19 -31.66 -17.71
CA ASP B 403 49.49 -31.97 -18.96
C ASP B 403 49.02 -30.74 -19.72
N MET B 404 49.32 -29.57 -19.18
CA MET B 404 48.89 -28.33 -19.82
C MET B 404 49.25 -28.30 -21.30
N LYS B 405 50.49 -28.59 -21.63
CA LYS B 405 50.92 -28.58 -23.02
C LYS B 405 50.11 -29.53 -23.89
N LYS B 406 50.22 -30.82 -23.61
CA LYS B 406 49.51 -31.83 -24.36
C LYS B 406 48.04 -31.49 -24.49
N ASP B 407 47.41 -31.22 -23.35
CA ASP B 407 46.00 -30.89 -23.31
C ASP B 407 45.66 -29.67 -24.17
N PHE B 408 46.51 -28.65 -24.14
CA PHE B 408 46.22 -27.46 -24.93
C PHE B 408 46.33 -27.77 -26.40
N GLU B 409 47.42 -28.45 -26.77
CA GLU B 409 47.62 -28.80 -28.17
C GLU B 409 46.50 -29.69 -28.71
N SER B 410 45.86 -30.46 -27.83
CA SER B 410 44.76 -31.33 -28.23
C SER B 410 43.51 -30.50 -28.43
N CYS B 411 43.40 -29.43 -27.67
CA CYS B 411 42.25 -28.54 -27.77
C CYS B 411 42.25 -27.77 -29.08
N LEU B 412 43.44 -27.50 -29.60
CA LEU B 412 43.56 -26.78 -30.87
C LEU B 412 42.86 -27.60 -31.96
N GLY B 413 43.14 -28.90 -31.97
CA GLY B 413 42.55 -29.78 -32.96
C GLY B 413 41.06 -29.98 -32.76
N ALA B 414 40.70 -30.60 -31.65
CA ALA B 414 39.33 -30.90 -31.26
C ALA B 414 38.25 -29.97 -31.82
N LYS B 415 37.10 -30.56 -32.11
CA LYS B 415 35.95 -29.83 -32.65
C LYS B 415 35.37 -28.89 -31.62
N GLN B 416 35.12 -27.65 -32.03
CA GLN B 416 34.57 -26.61 -31.18
C GLN B 416 33.71 -27.13 -30.03
N GLY B 417 34.34 -27.37 -28.89
CA GLY B 417 33.64 -27.86 -27.71
C GLY B 417 34.11 -27.02 -26.53
N PHE B 418 33.84 -27.45 -25.31
CA PHE B 418 34.31 -26.67 -24.17
C PHE B 418 35.83 -26.80 -24.10
N LYS B 419 36.34 -27.86 -24.71
CA LYS B 419 37.78 -28.13 -24.75
C LYS B 419 38.28 -28.29 -26.19
N GLY B 420 37.98 -27.28 -27.02
CA GLY B 420 38.39 -27.28 -28.41
C GLY B 420 38.09 -25.97 -29.11
N PHE B 421 38.95 -25.59 -30.05
CA PHE B 421 38.77 -24.34 -30.81
C PHE B 421 38.76 -24.64 -32.31
N GLN B 422 39.17 -25.86 -32.66
CA GLN B 422 39.25 -26.31 -34.04
C GLN B 422 39.94 -25.30 -34.95
N VAL B 423 41.13 -25.69 -35.41
CA VAL B 423 41.94 -24.86 -36.29
C VAL B 423 42.70 -25.76 -37.26
N ALA B 424 42.45 -25.58 -38.56
CA ALA B 424 43.10 -26.38 -39.61
C ALA B 424 44.46 -26.90 -39.16
N PRO B 425 44.60 -28.24 -39.03
CA PRO B 425 45.81 -28.94 -38.60
C PRO B 425 47.14 -28.30 -38.98
N ASP B 426 47.17 -27.58 -40.10
CA ASP B 426 48.38 -26.91 -40.55
C ASP B 426 48.64 -25.66 -39.72
N HIS B 427 47.56 -24.96 -39.38
CA HIS B 427 47.61 -23.73 -38.62
C HIS B 427 48.08 -23.83 -37.16
N HIS B 428 48.07 -25.04 -36.61
CA HIS B 428 48.50 -25.24 -35.23
C HIS B 428 49.76 -24.45 -34.87
N ASN B 429 50.80 -24.58 -35.68
CA ASN B 429 52.06 -23.90 -35.40
C ASN B 429 52.13 -22.47 -35.93
N ASP B 430 50.97 -21.88 -36.16
CA ASP B 430 50.89 -20.51 -36.64
C ASP B 430 51.56 -19.57 -35.64
N HIS B 431 51.59 -18.28 -36.02
CA HIS B 431 52.14 -17.22 -35.18
C HIS B 431 52.46 -15.97 -35.99
N LYS B 432 52.19 -14.81 -35.41
CA LYS B 432 52.45 -13.54 -36.05
C LYS B 432 53.38 -12.73 -35.16
N THR B 433 53.92 -11.65 -35.70
CA THR B 433 54.84 -10.79 -34.93
C THR B 433 54.31 -9.37 -34.83
N PHE B 434 54.87 -8.60 -33.89
CA PHE B 434 54.43 -7.24 -33.68
C PHE B 434 55.48 -6.44 -32.92
N ILE B 435 55.31 -5.12 -32.90
CA ILE B 435 56.24 -4.24 -32.19
C ILE B 435 55.57 -3.61 -30.98
N TYR B 436 56.28 -3.64 -29.85
CA TYR B 436 55.80 -3.06 -28.60
C TYR B 436 56.97 -2.34 -27.93
N ASN B 437 56.82 -1.04 -27.74
CA ASN B 437 57.87 -0.23 -27.10
C ASN B 437 59.25 -0.40 -27.75
N ASP B 438 59.27 -0.28 -29.08
CA ASP B 438 60.47 -0.39 -29.89
C ASP B 438 61.18 -1.74 -29.77
N SER B 439 60.38 -2.80 -29.70
CA SER B 439 60.91 -4.15 -29.61
C SER B 439 60.02 -5.11 -30.39
N GLU B 440 60.57 -6.25 -30.80
CA GLU B 440 59.81 -7.23 -31.55
C GLU B 440 59.51 -8.48 -30.74
N PHE B 441 58.28 -8.96 -30.86
CA PHE B 441 57.85 -10.16 -30.16
C PHE B 441 56.97 -10.99 -31.08
N THR B 442 57.05 -12.31 -30.93
CA THR B 442 56.22 -13.21 -31.72
C THR B 442 55.07 -13.66 -30.83
N LEU B 443 53.93 -13.98 -31.42
CA LEU B 443 52.78 -14.38 -30.63
C LEU B 443 52.18 -15.65 -31.20
N SER B 444 52.71 -16.79 -30.79
CA SER B 444 52.22 -18.07 -31.25
C SER B 444 50.89 -18.44 -30.55
N HIS B 445 50.34 -19.61 -30.89
CA HIS B 445 49.10 -20.08 -30.27
C HIS B 445 49.43 -20.49 -28.85
N GLY B 446 48.55 -20.13 -27.92
CA GLY B 446 48.78 -20.46 -26.53
C GLY B 446 49.70 -19.47 -25.85
N SER B 447 49.89 -18.32 -26.47
CA SER B 447 50.72 -17.28 -25.87
C SER B 447 49.93 -16.62 -24.74
N VAL B 448 50.63 -16.23 -23.68
CA VAL B 448 50.01 -15.60 -22.53
C VAL B 448 50.02 -14.08 -22.66
N VAL B 449 48.84 -13.46 -22.68
CA VAL B 449 48.74 -12.01 -22.78
C VAL B 449 48.29 -11.35 -21.49
N ILE B 450 47.61 -12.12 -20.63
CA ILE B 450 47.15 -11.59 -19.36
C ILE B 450 47.55 -12.56 -18.25
N ALA B 451 48.12 -12.01 -17.18
CA ALA B 451 48.54 -12.80 -16.02
C ALA B 451 48.11 -12.02 -14.80
N ALA B 452 46.88 -12.24 -14.36
CA ALA B 452 46.34 -11.53 -13.21
C ALA B 452 46.23 -12.38 -11.95
N ILE B 453 46.69 -11.81 -10.84
CA ILE B 453 46.65 -12.47 -9.54
C ILE B 453 45.68 -11.72 -8.63
N THR B 454 44.67 -12.43 -8.13
CA THR B 454 43.71 -11.83 -7.22
C THR B 454 43.56 -12.74 -6.02
N SER B 455 42.93 -12.20 -4.99
CA SER B 455 42.70 -12.90 -3.74
C SER B 455 41.77 -14.11 -3.87
N SER B 456 42.08 -15.13 -3.07
CA SER B 456 41.26 -16.34 -3.01
C SER B 456 40.44 -16.21 -1.74
N THR B 457 39.27 -16.84 -1.69
CA THR B 457 38.47 -16.75 -0.48
C THR B 457 39.03 -17.71 0.55
N ASN B 458 39.55 -18.85 0.08
CA ASN B 458 40.14 -19.84 0.98
C ASN B 458 41.24 -19.19 1.81
N THR B 459 41.22 -19.44 3.11
CA THR B 459 42.17 -18.83 4.06
C THR B 459 43.61 -19.32 4.06
N SER B 460 44.00 -20.18 3.13
CA SER B 460 45.39 -20.62 3.12
C SER B 460 46.11 -19.80 2.06
N ASN B 461 45.38 -18.89 1.43
CA ASN B 461 45.92 -18.05 0.38
C ASN B 461 47.19 -17.27 0.74
N PRO B 462 47.23 -16.64 1.92
CA PRO B 462 48.42 -15.87 2.34
C PRO B 462 49.76 -16.59 2.12
N SER B 463 49.87 -17.82 2.63
CA SER B 463 51.09 -18.56 2.45
C SER B 463 51.37 -18.77 0.95
N VAL B 464 50.32 -19.07 0.19
CA VAL B 464 50.48 -19.30 -1.23
C VAL B 464 50.92 -18.03 -1.96
N MET B 465 50.47 -16.86 -1.48
CA MET B 465 50.86 -15.60 -2.11
C MET B 465 52.33 -15.37 -1.81
N LEU B 466 52.73 -15.65 -0.58
CA LEU B 466 54.12 -15.50 -0.18
C LEU B 466 54.95 -16.40 -1.10
N GLY B 467 54.41 -17.58 -1.42
CA GLY B 467 55.11 -18.49 -2.29
C GLY B 467 55.31 -17.86 -3.66
N ALA B 468 54.30 -17.14 -4.13
CA ALA B 468 54.38 -16.48 -5.43
C ALA B 468 55.48 -15.44 -5.39
N GLY B 469 55.54 -14.71 -4.28
CA GLY B 469 56.56 -13.71 -4.12
C GLY B 469 57.95 -14.30 -4.09
N LEU B 470 58.19 -15.28 -3.23
CA LEU B 470 59.49 -15.91 -3.14
C LEU B 470 59.91 -16.47 -4.51
N LEU B 471 58.94 -16.80 -5.35
CA LEU B 471 59.25 -17.31 -6.68
C LEU B 471 59.78 -16.14 -7.51
N ALA B 472 59.12 -14.99 -7.38
CA ALA B 472 59.53 -13.80 -8.09
C ALA B 472 60.99 -13.48 -7.73
N LYS B 473 61.26 -13.35 -6.44
CA LYS B 473 62.61 -13.06 -5.98
C LYS B 473 63.65 -13.97 -6.63
N LYS B 474 63.38 -15.27 -6.63
CA LYS B 474 64.30 -16.24 -7.22
C LYS B 474 64.42 -16.11 -8.75
N ALA B 475 63.33 -15.69 -9.40
CA ALA B 475 63.34 -15.50 -10.84
C ALA B 475 64.18 -14.27 -11.16
N VAL B 476 63.87 -13.16 -10.50
CA VAL B 476 64.62 -11.91 -10.69
C VAL B 476 66.11 -12.14 -10.43
N ASP B 477 66.43 -12.87 -9.35
CA ASP B 477 67.82 -13.17 -9.01
C ASP B 477 68.52 -13.98 -10.11
N ALA B 478 67.75 -14.78 -10.83
CA ALA B 478 68.28 -15.62 -11.89
C ALA B 478 68.27 -14.94 -13.26
N GLY B 479 68.02 -13.64 -13.28
CA GLY B 479 68.01 -12.91 -14.54
C GLY B 479 66.74 -12.98 -15.38
N LEU B 480 65.78 -13.80 -14.97
CA LEU B 480 64.54 -13.93 -15.72
C LEU B 480 63.72 -12.63 -15.68
N ASN B 481 62.64 -12.58 -16.45
CA ASN B 481 61.78 -11.40 -16.53
C ASN B 481 60.46 -11.76 -17.21
N VAL B 482 59.64 -10.75 -17.50
CA VAL B 482 58.36 -10.96 -18.17
C VAL B 482 58.22 -9.96 -19.30
N LYS B 483 58.01 -10.46 -20.51
CA LYS B 483 57.86 -9.60 -21.69
C LYS B 483 56.90 -8.43 -21.36
N PRO B 484 57.30 -7.18 -21.68
CA PRO B 484 56.58 -5.91 -21.47
C PRO B 484 55.10 -5.86 -21.86
N TYR B 485 54.77 -6.45 -22.99
CA TYR B 485 53.40 -6.43 -23.50
C TYR B 485 52.39 -7.26 -22.71
N VAL B 486 52.87 -8.04 -21.75
CA VAL B 486 51.98 -8.87 -20.95
C VAL B 486 51.28 -8.04 -19.88
N LYS B 487 49.94 -8.09 -19.90
CA LYS B 487 49.14 -7.34 -18.93
C LYS B 487 49.16 -8.11 -17.60
N THR B 488 50.00 -7.65 -16.67
CA THR B 488 50.15 -8.30 -15.38
C THR B 488 49.65 -7.43 -14.22
N SER B 489 48.82 -8.01 -13.35
CA SER B 489 48.27 -7.30 -12.20
C SER B 489 48.32 -8.10 -10.90
N LEU B 490 48.20 -7.40 -9.79
CA LEU B 490 48.23 -8.04 -8.48
C LEU B 490 47.38 -7.32 -7.46
N SER B 491 46.19 -7.86 -7.18
CA SER B 491 45.31 -7.29 -6.18
C SER B 491 45.06 -8.40 -5.16
N PRO B 492 45.93 -8.52 -4.15
CA PRO B 492 45.89 -9.51 -3.07
C PRO B 492 44.71 -9.30 -2.15
N GLY B 493 44.10 -8.13 -2.28
CA GLY B 493 42.99 -7.80 -1.43
C GLY B 493 43.54 -7.30 -0.12
N SER B 494 42.68 -7.25 0.90
CA SER B 494 43.10 -6.77 2.22
C SER B 494 43.24 -7.96 3.17
N GLY B 495 43.70 -7.71 4.37
CA GLY B 495 43.82 -8.80 5.34
C GLY B 495 45.20 -9.25 5.76
N VAL B 496 45.28 -10.54 6.12
CA VAL B 496 46.51 -11.17 6.57
C VAL B 496 47.56 -11.20 5.46
N VAL B 497 47.10 -11.37 4.23
CA VAL B 497 48.02 -11.42 3.10
C VAL B 497 48.93 -10.19 3.08
N THR B 498 48.42 -9.04 3.51
CA THR B 498 49.22 -7.83 3.55
C THR B 498 50.52 -8.07 4.33
N TYR B 499 50.40 -8.70 5.48
CA TYR B 499 51.57 -8.97 6.31
C TYR B 499 52.53 -9.90 5.59
N TYR B 500 51.99 -10.94 4.95
CA TYR B 500 52.84 -11.89 4.24
C TYR B 500 53.66 -11.28 3.12
N LEU B 501 53.10 -10.28 2.43
CA LEU B 501 53.82 -9.64 1.33
C LEU B 501 54.86 -8.61 1.84
N ARG B 502 54.39 -7.70 2.69
CA ARG B 502 55.22 -6.65 3.25
C ARG B 502 56.40 -7.18 4.08
N GLU B 503 56.09 -7.91 5.14
CA GLU B 503 57.10 -8.47 6.05
C GLU B 503 58.19 -9.31 5.40
N SER B 504 57.87 -9.92 4.27
CA SER B 504 58.85 -10.78 3.59
C SER B 504 59.72 -10.00 2.59
N GLY B 505 59.45 -8.70 2.47
CA GLY B 505 60.19 -7.87 1.53
C GLY B 505 60.21 -8.57 0.17
N VAL B 506 59.01 -8.80 -0.37
CA VAL B 506 58.89 -9.48 -1.65
C VAL B 506 58.25 -8.58 -2.69
N MET B 507 57.58 -7.54 -2.26
CA MET B 507 56.93 -6.62 -3.19
C MET B 507 57.89 -6.00 -4.20
N PRO B 508 59.12 -5.69 -3.77
CA PRO B 508 60.06 -5.10 -4.73
C PRO B 508 60.24 -6.02 -5.94
N TYR B 509 60.47 -7.31 -5.69
CA TYR B 509 60.66 -8.28 -6.76
C TYR B 509 59.39 -8.51 -7.61
N LEU B 510 58.25 -8.60 -6.94
CA LEU B 510 57.00 -8.79 -7.67
C LEU B 510 56.78 -7.59 -8.58
N SER B 511 57.15 -6.42 -8.09
CA SER B 511 57.01 -5.19 -8.88
C SER B 511 57.89 -5.25 -10.12
N GLN B 512 59.12 -5.68 -9.92
CA GLN B 512 60.08 -5.77 -11.00
C GLN B 512 59.58 -6.66 -12.13
N LEU B 513 58.77 -7.66 -11.80
CA LEU B 513 58.25 -8.57 -12.82
C LEU B 513 56.93 -8.10 -13.43
N GLY B 514 56.43 -6.94 -12.99
CA GLY B 514 55.21 -6.41 -13.55
C GLY B 514 54.00 -6.53 -12.64
N PHE B 515 54.20 -7.05 -11.44
CA PHE B 515 53.10 -7.21 -10.50
C PHE B 515 53.13 -6.20 -9.37
N ASP B 516 52.31 -5.15 -9.53
CA ASP B 516 52.23 -4.08 -8.54
C ASP B 516 50.83 -4.01 -7.95
N VAL B 517 50.77 -3.69 -6.67
CA VAL B 517 49.50 -3.61 -5.94
C VAL B 517 48.43 -2.68 -6.52
N VAL B 518 47.40 -3.29 -7.10
CA VAL B 518 46.28 -2.55 -7.69
C VAL B 518 45.03 -2.65 -6.80
N PRO B 531 42.27 -4.08 -20.81
CA PRO B 531 42.67 -3.45 -22.07
C PRO B 531 44.12 -3.79 -22.42
N LEU B 532 44.31 -4.70 -23.37
CA LEU B 532 45.65 -5.09 -23.77
C LEU B 532 46.20 -4.18 -24.88
N PRO B 533 47.53 -4.00 -24.93
CA PRO B 533 48.20 -3.16 -25.93
C PRO B 533 47.62 -3.28 -27.33
N GLU B 534 47.50 -2.14 -28.00
CA GLU B 534 46.96 -2.11 -29.36
C GLU B 534 47.69 -3.09 -30.27
N PRO B 535 49.04 -3.13 -30.20
CA PRO B 535 49.84 -4.05 -31.01
C PRO B 535 49.44 -5.51 -30.83
N VAL B 536 49.27 -5.90 -29.57
CA VAL B 536 48.90 -7.27 -29.19
C VAL B 536 47.53 -7.69 -29.68
N VAL B 537 46.53 -6.81 -29.57
CA VAL B 537 45.19 -7.13 -30.02
C VAL B 537 45.20 -7.36 -31.52
N GLU B 538 46.06 -6.60 -32.21
CA GLU B 538 46.19 -6.70 -33.66
C GLU B 538 46.85 -8.01 -34.06
N ALA B 539 47.96 -8.34 -33.41
CA ALA B 539 48.68 -9.57 -33.71
C ALA B 539 47.80 -10.78 -33.46
N ILE B 540 46.95 -10.69 -32.43
CA ILE B 540 46.04 -11.78 -32.08
C ILE B 540 45.04 -12.02 -33.19
N THR B 541 44.32 -10.97 -33.57
CA THR B 541 43.30 -11.04 -34.61
C THR B 541 43.87 -11.31 -36.02
N GLN B 542 44.94 -10.60 -36.36
CA GLN B 542 45.59 -10.75 -37.67
C GLN B 542 46.11 -12.17 -37.87
N GLY B 543 46.47 -12.83 -36.77
CA GLY B 543 46.96 -14.19 -36.87
C GLY B 543 45.84 -15.16 -36.51
N ASP B 544 44.68 -14.60 -36.17
CA ASP B 544 43.52 -15.39 -35.78
C ASP B 544 44.02 -16.43 -34.77
N LEU B 545 44.62 -15.93 -33.70
CA LEU B 545 45.21 -16.78 -32.68
C LEU B 545 44.40 -16.98 -31.41
N VAL B 546 44.55 -18.17 -30.84
CA VAL B 546 43.89 -18.51 -29.58
C VAL B 546 44.89 -18.09 -28.49
N ALA B 547 44.75 -16.85 -28.04
CA ALA B 547 45.62 -16.27 -27.00
C ALA B 547 45.16 -16.71 -25.61
N VAL B 548 46.08 -16.79 -24.67
CA VAL B 548 45.72 -17.24 -23.33
C VAL B 548 45.78 -16.23 -22.19
N GLY B 549 44.83 -16.37 -21.28
CA GLY B 549 44.78 -15.52 -20.11
C GLY B 549 44.98 -16.43 -18.91
N VAL B 550 45.84 -16.01 -17.98
CA VAL B 550 46.11 -16.79 -16.78
C VAL B 550 45.59 -16.03 -15.58
N LEU B 551 44.81 -16.69 -14.74
CA LEU B 551 44.24 -16.03 -13.57
C LEU B 551 44.34 -16.83 -12.29
N SER B 552 44.63 -16.13 -11.20
CA SER B 552 44.73 -16.74 -9.89
C SER B 552 43.59 -16.11 -9.09
N GLY B 553 43.03 -16.87 -8.16
CA GLY B 553 41.92 -16.37 -7.38
C GLY B 553 40.63 -16.90 -7.95
N ASN B 554 39.73 -17.33 -7.07
CA ASN B 554 38.45 -17.86 -7.48
C ASN B 554 37.41 -16.75 -7.58
N ARG B 555 37.72 -15.62 -6.93
CA ARG B 555 36.84 -14.46 -6.92
C ARG B 555 36.39 -14.02 -8.32
N ASN B 556 35.32 -14.62 -8.82
CA ASN B 556 34.76 -14.28 -10.14
C ASN B 556 35.67 -14.63 -11.31
N PHE B 557 35.18 -15.51 -12.19
CA PHE B 557 35.93 -15.96 -13.35
C PHE B 557 35.59 -15.18 -14.63
N GLU B 558 34.39 -15.42 -15.16
CA GLU B 558 33.91 -14.78 -16.38
C GLU B 558 33.88 -13.24 -16.33
N GLY B 559 34.35 -12.69 -15.22
CA GLY B 559 34.38 -11.25 -15.07
C GLY B 559 35.49 -10.61 -15.89
N ARG B 560 36.65 -11.24 -15.91
CA ARG B 560 37.77 -10.71 -16.68
C ARG B 560 38.26 -11.67 -17.75
N VAL B 561 37.36 -12.04 -18.66
CA VAL B 561 37.67 -12.92 -19.79
C VAL B 561 37.68 -12.02 -21.03
N HIS B 562 38.81 -11.34 -21.22
CA HIS B 562 38.98 -10.43 -22.35
C HIS B 562 38.41 -10.98 -23.64
N PRO B 563 37.80 -10.10 -24.46
CA PRO B 563 37.23 -10.58 -25.72
C PRO B 563 38.35 -11.17 -26.56
N ASN B 564 39.59 -10.78 -26.26
CA ASN B 564 40.76 -11.25 -27.00
C ASN B 564 41.38 -12.55 -26.51
N THR B 565 40.98 -13.00 -25.32
CA THR B 565 41.51 -14.24 -24.79
C THR B 565 40.55 -15.38 -25.03
N ARG B 566 40.77 -16.14 -26.10
CA ARG B 566 39.91 -17.27 -26.42
C ARG B 566 40.10 -18.38 -25.40
N ALA B 567 41.28 -18.41 -24.79
CA ALA B 567 41.60 -19.40 -23.78
C ALA B 567 41.92 -18.74 -22.45
N ASN B 568 41.41 -19.31 -21.37
CA ASN B 568 41.63 -18.79 -20.04
C ASN B 568 41.73 -19.91 -19.01
N TYR B 569 42.72 -19.81 -18.14
CA TYR B 569 42.95 -20.80 -17.10
C TYR B 569 43.04 -20.22 -15.71
N LEU B 570 42.64 -21.03 -14.73
CA LEU B 570 42.73 -20.65 -13.34
C LEU B 570 43.86 -21.50 -12.80
N ALA B 571 44.79 -20.87 -12.08
CA ALA B 571 45.93 -21.58 -11.50
C ALA B 571 46.41 -20.86 -10.24
N SER B 572 47.32 -21.48 -9.51
CA SER B 572 47.83 -20.91 -8.27
C SER B 572 48.63 -19.63 -8.51
N PRO B 573 48.69 -18.75 -7.50
CA PRO B 573 49.43 -17.49 -7.64
C PRO B 573 50.83 -17.68 -8.24
N PRO B 574 51.67 -18.52 -7.62
CA PRO B 574 53.00 -18.69 -8.21
C PRO B 574 52.96 -19.19 -9.66
N LEU B 575 52.05 -20.10 -9.97
CA LEU B 575 51.95 -20.63 -11.32
C LEU B 575 51.63 -19.52 -12.32
N VAL B 576 50.84 -18.55 -11.89
CA VAL B 576 50.48 -17.43 -12.75
C VAL B 576 51.77 -16.73 -13.15
N ILE B 577 52.55 -16.32 -12.15
CA ILE B 577 53.81 -15.64 -12.43
C ILE B 577 54.65 -16.49 -13.36
N ALA B 578 54.79 -17.78 -13.06
CA ALA B 578 55.58 -18.68 -13.89
C ALA B 578 55.17 -18.59 -15.35
N TYR B 579 53.89 -18.87 -15.63
CA TYR B 579 53.41 -18.82 -16.99
C TYR B 579 53.64 -17.46 -17.64
N ALA B 580 53.81 -16.42 -16.82
CA ALA B 580 54.06 -15.09 -17.36
C ALA B 580 55.54 -14.96 -17.73
N ILE B 581 56.40 -15.67 -17.00
CA ILE B 581 57.82 -15.65 -17.26
C ILE B 581 58.03 -16.42 -18.57
N ALA B 582 57.28 -17.51 -18.70
CA ALA B 582 57.37 -18.38 -19.87
C ALA B 582 56.65 -17.82 -21.08
N GLY B 583 55.73 -16.90 -20.85
CA GLY B 583 54.98 -16.29 -21.94
C GLY B 583 54.09 -17.25 -22.72
N THR B 584 54.02 -18.51 -22.33
CA THR B 584 53.17 -19.48 -23.02
C THR B 584 52.81 -20.69 -22.18
N ILE B 585 51.65 -21.29 -22.45
CA ILE B 585 51.25 -22.48 -21.71
C ILE B 585 51.60 -23.73 -22.50
N ARG B 586 52.06 -23.55 -23.74
CA ARG B 586 52.46 -24.70 -24.56
C ARG B 586 53.87 -25.09 -24.19
N ILE B 587 54.14 -25.13 -22.89
CA ILE B 587 55.46 -25.47 -22.39
C ILE B 587 55.42 -26.67 -21.44
N ASP B 588 56.54 -27.39 -21.38
CA ASP B 588 56.67 -28.56 -20.51
C ASP B 588 57.79 -28.22 -19.53
N PHE B 589 57.42 -27.72 -18.36
CA PHE B 589 58.36 -27.31 -17.33
C PHE B 589 59.46 -28.31 -16.95
N GLU B 590 59.21 -29.59 -17.17
CA GLU B 590 60.20 -30.62 -16.82
C GLU B 590 61.39 -30.65 -17.77
N LYS B 591 61.13 -30.47 -19.07
CA LYS B 591 62.20 -30.49 -20.05
C LYS B 591 62.24 -29.29 -20.98
N GLU B 592 62.07 -28.10 -20.41
CA GLU B 592 62.10 -26.86 -21.18
C GLU B 592 62.39 -25.68 -20.27
N PRO B 593 63.43 -24.90 -20.58
CA PRO B 593 63.84 -23.73 -19.82
C PRO B 593 62.75 -22.68 -19.75
N LEU B 594 62.67 -21.98 -18.62
CA LEU B 594 61.68 -20.91 -18.46
C LEU B 594 62.18 -19.76 -19.32
N GLY B 595 63.50 -19.68 -19.43
CA GLY B 595 64.12 -18.63 -20.21
C GLY B 595 65.62 -18.74 -20.06
N THR B 596 66.36 -18.23 -21.04
CA THR B 596 67.80 -18.28 -20.99
C THR B 596 68.36 -17.09 -20.23
N ASN B 597 69.12 -17.39 -19.19
CA ASN B 597 69.74 -16.38 -18.35
C ASN B 597 70.20 -15.19 -19.18
N ALA B 598 69.84 -13.98 -18.75
CA ALA B 598 70.22 -12.76 -19.45
C ALA B 598 71.72 -12.80 -19.73
N LYS B 599 72.41 -13.72 -19.06
CA LYS B 599 73.84 -13.90 -19.20
C LYS B 599 74.15 -15.17 -20.00
N GLY B 600 74.39 -16.26 -19.27
CA GLY B 600 74.74 -17.52 -19.92
C GLY B 600 73.66 -18.58 -20.09
N GLN B 601 73.64 -19.55 -19.19
CA GLN B 601 72.73 -20.70 -19.24
C GLN B 601 71.23 -20.45 -19.13
N GLN B 602 70.48 -21.56 -19.12
CA GLN B 602 69.02 -21.57 -19.03
C GLN B 602 68.52 -21.93 -17.64
N VAL B 603 67.39 -21.32 -17.26
CA VAL B 603 66.77 -21.53 -15.96
C VAL B 603 65.47 -22.32 -16.06
N PHE B 604 65.32 -23.33 -15.22
CA PHE B 604 64.09 -24.13 -15.22
C PHE B 604 63.18 -23.76 -14.06
N LEU B 605 61.89 -24.02 -14.22
CA LEU B 605 60.92 -23.72 -13.17
C LEU B 605 61.39 -24.26 -11.83
N ARG B 606 61.86 -25.50 -11.83
CA ARG B 606 62.33 -26.14 -10.61
C ARG B 606 63.44 -25.35 -9.95
N ASP B 607 64.15 -24.56 -10.76
CA ASP B 607 65.24 -23.75 -10.23
C ASP B 607 64.75 -22.57 -9.40
N ILE B 608 63.57 -22.04 -9.69
CA ILE B 608 63.06 -20.88 -8.96
C ILE B 608 61.80 -21.08 -8.12
N TRP B 609 61.30 -22.31 -8.06
CA TRP B 609 60.08 -22.61 -7.29
C TRP B 609 60.42 -22.92 -5.83
N PRO B 610 59.92 -22.09 -4.90
CA PRO B 610 60.17 -22.28 -3.47
C PRO B 610 59.52 -23.52 -2.88
N THR B 611 60.27 -24.28 -2.09
CA THR B 611 59.71 -25.46 -1.45
C THR B 611 58.82 -24.96 -0.32
N ARG B 612 57.88 -25.80 0.11
CA ARG B 612 56.98 -25.41 1.19
C ARG B 612 57.78 -25.03 2.45
N GLU B 613 58.91 -25.70 2.64
CA GLU B 613 59.76 -25.45 3.79
C GLU B 613 60.36 -24.05 3.74
N GLU B 614 60.84 -23.66 2.57
CA GLU B 614 61.43 -22.33 2.41
C GLU B 614 60.40 -21.29 2.79
N ILE B 615 59.19 -21.48 2.26
CA ILE B 615 58.08 -20.56 2.52
C ILE B 615 57.80 -20.52 4.01
N GLN B 616 57.78 -21.69 4.65
CA GLN B 616 57.51 -21.74 6.07
C GLN B 616 58.60 -21.08 6.91
N ALA B 617 59.82 -21.08 6.39
CA ALA B 617 60.95 -20.47 7.10
C ALA B 617 60.80 -18.95 7.11
N VAL B 618 60.52 -18.37 5.95
CA VAL B 618 60.32 -16.93 5.85
C VAL B 618 59.13 -16.55 6.70
N GLU B 619 58.11 -17.41 6.67
CA GLU B 619 56.89 -17.17 7.43
C GLU B 619 57.18 -17.06 8.92
N ARG B 620 57.83 -18.08 9.47
CA ARG B 620 58.09 -18.09 10.90
C ARG B 620 59.11 -17.11 11.43
N GLN B 621 60.03 -16.62 10.60
CA GLN B 621 61.00 -15.68 11.15
C GLN B 621 60.75 -14.21 10.80
N TYR B 622 59.85 -13.94 9.86
CA TYR B 622 59.56 -12.55 9.51
C TYR B 622 58.10 -12.16 9.55
N VAL B 623 57.25 -13.01 8.99
CA VAL B 623 55.83 -12.72 8.92
C VAL B 623 55.04 -12.86 10.22
N ILE B 624 55.14 -14.01 10.89
CA ILE B 624 54.39 -14.18 12.12
C ILE B 624 54.81 -13.26 13.27
N PRO B 625 56.12 -13.17 13.54
CA PRO B 625 56.59 -12.30 14.63
C PRO B 625 56.10 -10.86 14.45
N GLY B 626 56.24 -10.34 13.24
CA GLY B 626 55.80 -8.98 12.99
C GLY B 626 54.31 -8.79 13.20
N MET B 627 53.54 -9.73 12.65
CA MET B 627 52.08 -9.70 12.74
C MET B 627 51.56 -9.62 14.17
N PHE B 628 52.15 -10.40 15.07
CA PHE B 628 51.70 -10.37 16.45
C PHE B 628 52.23 -9.22 17.28
N THR B 629 53.39 -8.67 16.91
CA THR B 629 53.93 -7.53 17.64
C THR B 629 52.95 -6.38 17.46
N GLU B 630 52.53 -6.16 16.22
CA GLU B 630 51.60 -5.09 15.91
C GLU B 630 50.32 -5.20 16.73
N VAL B 631 49.91 -6.43 17.03
CA VAL B 631 48.69 -6.66 17.79
C VAL B 631 48.82 -6.34 19.29
N TYR B 632 49.90 -6.82 19.91
CA TYR B 632 50.11 -6.52 21.34
C TYR B 632 49.99 -5.01 21.50
N GLN B 633 50.56 -4.28 20.54
CA GLN B 633 50.56 -2.82 20.53
C GLN B 633 49.20 -2.19 20.28
N LYS B 634 48.54 -2.57 19.19
CA LYS B 634 47.24 -2.02 18.87
C LYS B 634 46.22 -2.26 19.98
N ILE B 635 46.46 -3.28 20.81
CA ILE B 635 45.57 -3.60 21.93
C ILE B 635 46.00 -2.79 23.15
N GLU B 636 47.30 -2.86 23.46
CA GLU B 636 47.85 -2.16 24.59
C GLU B 636 47.51 -0.66 24.59
N THR B 637 47.85 0.02 23.51
CA THR B 637 47.62 1.46 23.38
C THR B 637 46.17 1.90 23.20
N VAL B 638 45.25 0.95 23.00
CA VAL B 638 43.85 1.32 22.80
C VAL B 638 43.01 1.15 24.06
N ASN B 639 43.43 0.23 24.93
CA ASN B 639 42.73 -0.02 26.18
C ASN B 639 43.18 1.02 27.21
N ALA B 640 44.15 1.84 26.82
CA ALA B 640 44.71 2.86 27.70
C ALA B 640 43.87 4.12 27.89
N SER B 641 43.11 4.48 26.88
CA SER B 641 42.28 5.69 26.95
C SER B 641 41.23 5.63 28.07
N TRP B 642 41.40 4.70 29.01
CA TRP B 642 40.47 4.56 30.12
C TRP B 642 41.18 4.84 31.44
N LYS B 651 32.19 -0.90 40.64
CA LYS B 651 32.00 -2.35 40.57
C LYS B 651 30.54 -2.80 40.53
N LEU B 652 29.64 -1.85 40.71
CA LEU B 652 28.20 -2.09 40.63
C LEU B 652 27.81 -1.21 39.46
N TYR B 653 26.88 -1.64 38.63
CA TYR B 653 26.53 -0.80 37.49
C TYR B 653 25.52 0.28 37.81
N LEU B 654 25.81 1.49 37.36
CA LEU B 654 24.92 2.61 37.60
C LEU B 654 23.86 2.67 36.51
N TRP B 655 22.88 1.78 36.61
CA TRP B 655 21.81 1.71 35.62
C TRP B 655 21.22 3.08 35.36
N ASN B 656 21.09 3.40 34.08
CA ASN B 656 20.52 4.67 33.64
C ASN B 656 19.05 4.44 33.26
N PRO B 657 18.11 5.07 33.98
CA PRO B 657 16.68 4.93 33.70
C PRO B 657 16.25 5.46 32.34
N LYS B 658 17.00 6.41 31.82
CA LYS B 658 16.68 7.01 30.52
C LYS B 658 17.13 6.13 29.36
N SER B 659 17.91 5.08 29.66
CA SER B 659 18.42 4.18 28.64
C SER B 659 17.40 3.21 28.07
N THR B 660 17.58 2.89 26.79
CA THR B 660 16.71 1.96 26.09
C THR B 660 17.53 0.75 25.62
N TYR B 661 18.82 0.73 25.96
CA TYR B 661 19.70 -0.37 25.59
C TYR B 661 20.10 -1.26 26.75
N ILE B 662 20.24 -0.68 27.94
CA ILE B 662 20.63 -1.45 29.11
C ILE B 662 19.64 -1.18 30.23
N LYS B 663 19.13 -2.25 30.82
CA LYS B 663 18.16 -2.11 31.90
C LYS B 663 18.34 -3.25 32.88
N SER B 664 18.03 -3.00 34.14
CA SER B 664 18.15 -4.05 35.13
C SER B 664 16.94 -4.98 35.03
N PRO B 665 17.19 -6.29 34.86
CA PRO B 665 16.13 -7.30 34.75
C PRO B 665 15.40 -7.51 36.08
N PRO B 666 14.12 -7.90 36.00
CA PRO B 666 13.26 -8.15 37.17
C PRO B 666 13.53 -9.50 37.86
N PHE B 667 14.28 -10.36 37.19
CA PHE B 667 14.59 -11.70 37.69
C PHE B 667 14.72 -11.89 39.20
N PHE B 668 15.28 -10.93 39.92
CA PHE B 668 15.49 -11.13 41.35
C PHE B 668 14.64 -10.36 42.35
N GLU B 669 13.47 -9.91 41.92
CA GLU B 669 12.61 -9.17 42.84
C GLU B 669 12.14 -10.08 43.97
N ASN B 670 12.29 -9.60 45.20
CA ASN B 670 11.87 -10.37 46.36
C ASN B 670 12.52 -11.75 46.43
N LEU B 671 13.80 -11.83 46.07
CA LEU B 671 14.51 -13.09 46.14
C LEU B 671 14.90 -13.23 47.58
N THR B 672 14.58 -14.36 48.21
CA THR B 672 14.93 -14.54 49.60
C THR B 672 16.11 -15.51 49.71
N LEU B 673 17.01 -15.24 50.64
CA LEU B 673 18.15 -16.11 50.81
C LEU B 673 17.73 -17.56 51.08
N ASP B 674 16.63 -17.75 51.81
CA ASP B 674 16.16 -19.11 52.09
C ASP B 674 15.35 -19.67 50.94
N LEU B 675 15.39 -21.00 50.76
CA LEU B 675 14.62 -21.64 49.70
C LEU B 675 13.21 -21.92 50.20
N GLN B 676 12.21 -21.46 49.47
CA GLN B 676 10.84 -21.72 49.86
C GLN B 676 10.41 -22.95 49.08
N PRO B 677 9.49 -23.74 49.64
CA PRO B 677 9.02 -24.94 48.94
C PRO B 677 8.41 -24.58 47.59
N PRO B 678 8.60 -25.43 46.57
CA PRO B 678 8.05 -25.17 45.24
C PRO B 678 6.56 -24.86 45.29
N LYS B 679 6.12 -23.88 44.53
CA LYS B 679 4.70 -23.53 44.53
C LYS B 679 3.98 -24.17 43.36
N SER B 680 2.80 -24.72 43.65
CA SER B 680 2.00 -25.35 42.62
C SER B 680 1.43 -24.31 41.68
N ILE B 681 1.08 -24.72 40.47
CA ILE B 681 0.49 -23.82 39.50
C ILE B 681 -1.01 -24.07 39.66
N VAL B 682 -1.76 -23.05 40.07
CA VAL B 682 -3.19 -23.19 40.32
C VAL B 682 -4.10 -22.38 39.40
N ASP B 683 -5.11 -23.07 38.86
CA ASP B 683 -6.07 -22.46 37.95
C ASP B 683 -5.40 -21.51 36.99
N ALA B 684 -4.41 -22.03 36.28
CA ALA B 684 -3.67 -21.25 35.31
C ALA B 684 -4.44 -21.19 33.99
N TYR B 685 -4.09 -20.22 33.15
CA TYR B 685 -4.72 -20.04 31.85
C TYR B 685 -3.66 -20.36 30.81
N VAL B 686 -4.09 -20.85 29.65
CA VAL B 686 -3.16 -21.16 28.57
C VAL B 686 -2.99 -19.91 27.73
N LEU B 687 -1.79 -19.34 27.73
CA LEU B 687 -1.47 -18.13 26.98
C LEU B 687 -1.41 -18.36 25.48
N LEU B 688 -0.95 -19.54 25.08
CA LEU B 688 -0.84 -19.87 23.68
C LEU B 688 -1.12 -21.34 23.52
N ASN B 689 -1.82 -21.71 22.46
CA ASN B 689 -2.11 -23.11 22.18
C ASN B 689 -1.38 -23.36 20.87
N LEU B 690 -0.15 -23.87 20.95
CA LEU B 690 0.66 -24.06 19.76
C LEU B 690 0.75 -25.47 19.19
N GLY B 691 1.22 -25.55 17.94
CA GLY B 691 1.33 -26.82 17.25
C GLY B 691 2.71 -27.42 17.27
N ASP B 692 3.11 -28.05 16.16
CA ASP B 692 4.41 -28.67 16.07
C ASP B 692 5.49 -27.73 15.54
N SER B 693 6.73 -28.11 15.78
CA SER B 693 7.88 -27.35 15.31
C SER B 693 7.85 -25.85 15.58
N VAL B 694 7.59 -25.45 16.84
CA VAL B 694 7.62 -24.03 17.16
C VAL B 694 9.09 -23.71 17.37
N THR B 695 9.66 -22.93 16.45
CA THR B 695 11.07 -22.59 16.49
C THR B 695 11.41 -21.49 17.47
N THR B 696 12.67 -21.48 17.89
CA THR B 696 13.17 -20.48 18.81
C THR B 696 12.94 -19.07 18.25
N ASP B 697 12.90 -18.97 16.92
CA ASP B 697 12.68 -17.66 16.32
C ASP B 697 11.22 -17.25 16.43
N HIS B 698 10.36 -18.22 16.69
CA HIS B 698 8.94 -17.93 16.88
C HIS B 698 8.80 -17.43 18.32
N ILE B 699 9.51 -18.08 19.21
CA ILE B 699 9.48 -17.72 20.62
C ILE B 699 10.15 -16.38 20.86
N SER B 700 11.25 -16.13 20.16
CA SER B 700 12.00 -14.89 20.33
C SER B 700 12.58 -14.44 19.00
N PRO B 701 11.77 -13.77 18.16
CA PRO B 701 12.21 -13.30 16.85
C PRO B 701 13.47 -12.43 16.79
N ALA B 702 14.11 -12.50 15.62
CA ALA B 702 15.31 -11.75 15.33
C ALA B 702 14.89 -10.74 14.27
N GLY B 703 15.80 -9.85 13.88
CA GLY B 703 15.46 -8.87 12.87
C GLY B 703 14.79 -7.64 13.41
N ASN B 704 14.29 -6.79 12.52
CA ASN B 704 13.65 -5.55 12.91
C ASN B 704 12.32 -5.69 13.60
N ILE B 705 11.94 -4.62 14.27
CA ILE B 705 10.71 -4.52 15.03
C ILE B 705 9.56 -4.00 14.14
N ALA B 706 8.45 -4.72 14.14
CA ALA B 706 7.28 -4.35 13.34
C ALA B 706 6.71 -3.07 13.94
N ARG B 707 6.12 -2.21 13.11
CA ARG B 707 5.59 -0.98 13.64
C ARG B 707 4.29 -1.16 14.45
N ASN B 708 3.66 -2.32 14.27
CA ASN B 708 2.41 -2.66 14.96
C ASN B 708 2.67 -3.58 16.16
N SER B 709 3.81 -3.42 16.83
CA SER B 709 4.13 -4.30 17.94
C SER B 709 4.28 -3.66 19.31
N PRO B 710 4.12 -4.47 20.37
CA PRO B 710 4.23 -4.02 21.77
C PRO B 710 5.59 -3.35 21.98
N ALA B 711 6.58 -3.82 21.23
CA ALA B 711 7.91 -3.27 21.32
C ALA B 711 7.93 -1.88 20.72
N ALA B 712 7.24 -1.71 19.59
CA ALA B 712 7.20 -0.42 18.92
C ALA B 712 6.49 0.63 19.76
N ARG B 713 5.37 0.24 20.34
CA ARG B 713 4.61 1.16 21.18
C ARG B 713 5.47 1.58 22.37
N TYR B 714 6.16 0.62 22.97
CA TYR B 714 7.03 0.89 24.09
C TYR B 714 8.08 1.92 23.66
N LEU B 715 8.70 1.68 22.52
CA LEU B 715 9.73 2.59 22.02
C LEU B 715 9.18 3.95 21.63
N THR B 716 7.95 3.97 21.13
CA THR B 716 7.34 5.23 20.76
C THR B 716 7.15 6.06 22.03
N ASN B 717 6.51 5.46 23.03
CA ASN B 717 6.27 6.12 24.32
C ASN B 717 7.50 6.68 25.00
N ARG B 718 8.67 6.51 24.39
CA ARG B 718 9.89 7.02 25.00
C ARG B 718 10.62 8.01 24.10
N GLY B 719 9.92 8.52 23.10
CA GLY B 719 10.50 9.49 22.21
C GLY B 719 11.26 8.95 21.02
N LEU B 720 11.12 7.66 20.75
CA LEU B 720 11.82 7.10 19.61
C LEU B 720 10.93 7.02 18.40
N THR B 721 11.53 7.24 17.23
CA THR B 721 10.82 7.19 15.96
C THR B 721 11.14 5.82 15.33
N PRO B 722 10.32 5.35 14.39
CA PRO B 722 10.58 4.05 13.77
C PRO B 722 12.04 3.90 13.32
N ARG B 723 12.50 4.89 12.57
CA ARG B 723 13.86 4.90 12.04
C ARG B 723 14.94 4.59 13.07
N GLU B 724 14.67 4.83 14.34
CA GLU B 724 15.65 4.59 15.40
C GLU B 724 15.35 3.44 16.35
N PHE B 725 14.41 2.56 15.99
CA PHE B 725 14.07 1.44 16.86
C PHE B 725 15.22 0.44 16.94
N ASN B 726 15.80 0.15 15.78
CA ASN B 726 16.90 -0.81 15.66
C ASN B 726 16.27 -2.19 15.79
N SER B 727 17.09 -3.24 15.81
CA SER B 727 16.61 -4.61 15.88
C SER B 727 16.47 -5.14 17.29
N TYR B 728 15.71 -6.23 17.42
CA TYR B 728 15.50 -6.88 18.72
C TYR B 728 16.87 -7.33 19.23
N GLY B 729 17.70 -7.77 18.30
CA GLY B 729 19.03 -8.23 18.64
C GLY B 729 19.80 -7.16 19.37
N SER B 730 19.75 -5.93 18.84
CA SER B 730 20.45 -4.81 19.45
C SER B 730 19.91 -4.42 20.81
N ARG B 731 18.68 -4.85 21.09
CA ARG B 731 18.02 -4.53 22.35
C ARG B 731 18.08 -5.66 23.38
N ARG B 732 18.99 -6.60 23.20
CA ARG B 732 19.10 -7.74 24.13
C ARG B 732 19.48 -7.40 25.56
N GLY B 733 19.91 -6.16 25.78
CA GLY B 733 20.28 -5.76 27.13
C GLY B 733 19.12 -5.05 27.81
N ASN B 734 17.95 -5.08 27.19
CA ASN B 734 16.76 -4.44 27.75
C ASN B 734 15.58 -5.43 27.80
N ASP B 735 15.35 -6.04 28.96
CA ASP B 735 14.28 -7.01 29.12
C ASP B 735 12.92 -6.48 28.69
N ALA B 736 12.74 -5.17 28.83
CA ALA B 736 11.48 -4.54 28.46
C ALA B 736 11.17 -4.80 26.98
N ILE B 737 12.13 -4.53 26.11
CA ILE B 737 11.91 -4.73 24.69
C ILE B 737 11.86 -6.21 24.32
N MET B 738 12.75 -7.02 24.88
CA MET B 738 12.77 -8.45 24.57
C MET B 738 11.51 -9.18 25.05
N ALA B 739 10.99 -8.77 26.21
CA ALA B 739 9.79 -9.40 26.75
C ALA B 739 8.63 -9.09 25.81
N ARG B 740 8.61 -7.86 25.33
CA ARG B 740 7.57 -7.43 24.41
C ARG B 740 7.72 -8.10 23.05
N GLY B 741 8.91 -8.62 22.78
CA GLY B 741 9.14 -9.28 21.51
C GLY B 741 8.92 -10.78 21.60
N THR B 742 8.71 -11.30 22.81
CA THR B 742 8.51 -12.74 22.97
C THR B 742 7.20 -13.14 22.30
N PHE B 743 7.28 -14.07 21.37
CA PHE B 743 6.13 -14.55 20.62
C PHE B 743 5.52 -13.45 19.75
N ALA B 744 6.39 -12.57 19.26
CA ALA B 744 5.95 -11.47 18.40
C ALA B 744 6.23 -11.76 16.93
N ASN B 745 6.54 -13.02 16.63
CA ASN B 745 6.82 -13.42 15.26
C ASN B 745 5.51 -13.42 14.47
N ILE B 746 5.45 -12.62 13.42
CA ILE B 746 4.26 -12.52 12.57
C ILE B 746 3.86 -13.87 12.00
N ARG B 747 4.82 -14.79 11.94
CA ARG B 747 4.56 -16.10 11.38
C ARG B 747 4.06 -17.08 12.42
N LEU B 748 3.90 -16.60 13.66
CA LEU B 748 3.44 -17.46 14.74
C LEU B 748 2.07 -18.04 14.41
N LEU B 749 1.88 -19.33 14.65
CA LEU B 749 0.61 -19.96 14.34
C LEU B 749 -0.13 -20.46 15.58
N ASN B 750 -0.81 -19.54 16.26
CA ASN B 750 -1.57 -19.85 17.47
C ASN B 750 -2.83 -20.60 17.07
N ARG B 751 -3.04 -21.79 17.65
CA ARG B 751 -4.22 -22.57 17.32
C ARG B 751 -5.52 -21.89 17.75
N PHE B 752 -5.45 -21.04 18.76
CA PHE B 752 -6.63 -20.31 19.22
C PHE B 752 -7.16 -19.46 18.07
N LEU B 753 -6.32 -19.20 17.08
CA LEU B 753 -6.69 -18.36 15.94
C LEU B 753 -6.60 -19.04 14.57
N ASN B 754 -5.97 -20.20 14.51
CA ASN B 754 -5.84 -20.90 13.24
C ASN B 754 -5.40 -19.97 12.11
N LYS B 755 -4.29 -19.27 12.32
CA LYS B 755 -3.72 -18.37 11.33
C LYS B 755 -2.48 -17.69 11.88
N GLN B 756 -1.54 -17.38 10.98
CA GLN B 756 -0.30 -16.74 11.37
C GLN B 756 -0.54 -15.33 11.90
N ALA B 757 -0.21 -15.11 13.17
CA ALA B 757 -0.38 -13.82 13.79
C ALA B 757 0.29 -13.80 15.16
N PRO B 758 0.98 -12.69 15.47
CA PRO B 758 1.65 -12.57 16.76
C PRO B 758 0.65 -12.28 17.87
N GLN B 759 -0.36 -13.12 18.01
CA GLN B 759 -1.37 -12.87 19.04
C GLN B 759 -2.01 -14.07 19.70
N THR B 760 -2.87 -13.77 20.65
CA THR B 760 -3.60 -14.78 21.35
C THR B 760 -4.90 -14.17 21.88
N ILE B 761 -5.75 -15.01 22.47
CA ILE B 761 -7.00 -14.54 23.02
C ILE B 761 -6.87 -14.40 24.52
N HIS B 762 -7.19 -13.23 25.04
CA HIS B 762 -7.16 -13.02 26.48
C HIS B 762 -8.51 -13.58 26.92
N LEU B 763 -8.51 -14.85 27.27
CA LEU B 763 -9.73 -15.55 27.64
C LEU B 763 -10.75 -14.86 28.56
N PRO B 764 -10.29 -14.12 29.57
CA PRO B 764 -11.33 -13.49 30.40
C PRO B 764 -12.20 -12.52 29.60
N SER B 765 -11.56 -11.72 28.75
CA SER B 765 -12.27 -10.74 27.94
C SER B 765 -12.70 -11.30 26.60
N GLY B 766 -11.91 -12.20 26.04
CA GLY B 766 -12.24 -12.76 24.76
C GLY B 766 -11.60 -11.89 23.70
N GLU B 767 -10.94 -10.83 24.15
CA GLU B 767 -10.25 -9.91 23.25
C GLU B 767 -9.02 -10.59 22.65
N THR B 768 -8.60 -10.15 21.47
CA THR B 768 -7.41 -10.74 20.90
C THR B 768 -6.38 -9.61 20.84
N LEU B 769 -5.29 -9.78 21.58
CA LEU B 769 -4.25 -8.77 21.66
C LEU B 769 -2.89 -9.38 21.33
N ASP B 770 -1.90 -8.52 21.11
CA ASP B 770 -0.57 -9.00 20.86
C ASP B 770 -0.22 -9.83 22.10
N VAL B 771 0.53 -10.93 21.93
CA VAL B 771 0.87 -11.81 23.05
C VAL B 771 1.35 -11.13 24.33
N PHE B 772 2.36 -10.27 24.24
CA PHE B 772 2.86 -9.57 25.42
C PHE B 772 1.72 -8.91 26.17
N ASP B 773 0.92 -8.16 25.41
CA ASP B 773 -0.22 -7.44 25.95
C ASP B 773 -1.19 -8.34 26.68
N ALA B 774 -1.52 -9.48 26.10
CA ALA B 774 -2.43 -10.40 26.77
C ALA B 774 -1.80 -10.90 28.08
N ALA B 775 -0.48 -11.15 28.03
CA ALA B 775 0.29 -11.63 29.18
C ALA B 775 0.31 -10.61 30.31
N GLU B 776 0.42 -9.34 29.93
CA GLU B 776 0.44 -8.24 30.88
C GLU B 776 -0.85 -8.30 31.68
N ARG B 777 -1.97 -8.18 30.95
CA ARG B 777 -3.31 -8.24 31.53
C ARG B 777 -3.43 -9.42 32.48
N TYR B 778 -3.02 -10.60 32.05
CA TYR B 778 -3.08 -11.81 32.86
C TYR B 778 -2.31 -11.69 34.17
N GLN B 779 -1.16 -11.03 34.13
CA GLN B 779 -0.36 -10.89 35.33
C GLN B 779 -1.00 -9.89 36.28
N GLN B 780 -1.62 -8.86 35.71
CA GLN B 780 -2.29 -7.84 36.52
C GLN B 780 -3.42 -8.52 37.30
N GLU B 781 -4.18 -9.37 36.61
CA GLU B 781 -5.29 -10.07 37.21
C GLU B 781 -4.84 -11.17 38.17
N GLY B 782 -3.54 -11.44 38.20
CA GLY B 782 -2.99 -12.45 39.08
C GLY B 782 -3.18 -13.91 38.66
N HIS B 783 -3.32 -14.13 37.35
CA HIS B 783 -3.52 -15.49 36.82
C HIS B 783 -2.22 -16.19 36.37
N PRO B 784 -1.95 -17.39 36.90
CA PRO B 784 -0.73 -18.06 36.44
C PRO B 784 -0.93 -18.40 34.96
N LEU B 785 0.15 -18.62 34.24
CA LEU B 785 0.06 -18.94 32.81
C LEU B 785 0.88 -20.17 32.42
N ILE B 786 0.46 -20.82 31.34
CA ILE B 786 1.19 -21.96 30.79
C ILE B 786 0.97 -21.98 29.28
N VAL B 787 1.84 -22.70 28.57
CA VAL B 787 1.75 -22.80 27.12
C VAL B 787 1.58 -24.25 26.72
N LEU B 788 0.70 -24.49 25.74
CA LEU B 788 0.51 -25.84 25.22
C LEU B 788 1.25 -25.88 23.90
N ALA B 789 1.86 -27.02 23.58
CA ALA B 789 2.60 -27.13 22.33
C ALA B 789 2.65 -28.55 21.78
N GLY B 790 2.84 -28.66 20.47
CA GLY B 790 2.93 -29.95 19.82
C GLY B 790 4.25 -30.66 20.03
N LYS B 791 4.89 -31.04 18.93
CA LYS B 791 6.16 -31.75 18.99
C LYS B 791 7.35 -30.84 18.66
N GLU B 792 8.54 -31.28 19.06
CA GLU B 792 9.77 -30.54 18.82
C GLU B 792 9.68 -29.06 19.17
N TYR B 793 9.28 -28.77 20.39
CA TYR B 793 9.15 -27.41 20.84
C TYR B 793 10.53 -26.80 21.03
N GLY B 794 10.72 -25.58 20.51
CA GLY B 794 11.99 -24.90 20.68
C GLY B 794 13.16 -25.36 19.83
N SER B 795 12.86 -25.83 18.64
CA SER B 795 13.94 -26.25 17.76
C SER B 795 14.42 -24.96 17.09
N GLY B 796 15.53 -25.03 16.37
CA GLY B 796 16.01 -23.84 15.70
C GLY B 796 17.32 -23.28 16.24
N SER B 797 17.87 -22.31 15.52
CA SER B 797 19.14 -21.72 15.93
C SER B 797 19.03 -20.95 17.23
N SER B 798 20.19 -20.68 17.82
CA SER B 798 20.28 -19.98 19.09
C SER B 798 19.56 -18.64 19.17
N ARG B 799 18.78 -18.48 20.22
CA ARG B 799 18.06 -17.24 20.48
C ARG B 799 18.22 -16.97 21.98
N ASP B 800 19.08 -15.99 22.29
CA ASP B 800 19.38 -15.59 23.67
C ASP B 800 18.19 -15.51 24.63
N TRP B 801 17.05 -15.02 24.16
CA TRP B 801 15.88 -14.84 25.01
C TRP B 801 14.73 -15.84 24.87
N ALA B 802 15.00 -17.03 24.31
CA ALA B 802 13.95 -18.03 24.15
C ALA B 802 13.43 -18.60 25.46
N ALA B 803 14.15 -18.35 26.55
CA ALA B 803 13.74 -18.84 27.85
C ALA B 803 13.40 -17.68 28.78
N LYS B 804 14.20 -16.62 28.73
CA LYS B 804 13.99 -15.46 29.57
C LYS B 804 12.73 -14.73 29.19
N GLY B 805 12.47 -14.64 27.88
CA GLY B 805 11.27 -13.98 27.40
C GLY B 805 10.03 -14.60 27.99
N PRO B 806 9.83 -15.92 27.79
CA PRO B 806 8.68 -16.61 28.34
C PRO B 806 8.59 -16.44 29.86
N PHE B 807 9.74 -16.31 30.49
CA PHE B 807 9.76 -16.14 31.93
C PHE B 807 9.17 -14.79 32.31
N LEU B 808 9.42 -13.78 31.50
CA LEU B 808 8.91 -12.45 31.79
C LEU B 808 7.45 -12.25 31.36
N LEU B 809 6.89 -13.21 30.64
CA LEU B 809 5.49 -13.11 30.22
C LEU B 809 4.62 -13.80 31.25
N GLY B 810 5.25 -14.34 32.29
CA GLY B 810 4.50 -15.00 33.33
C GLY B 810 4.29 -16.48 33.16
N ILE B 811 4.88 -17.05 32.10
CA ILE B 811 4.75 -18.48 31.85
C ILE B 811 5.49 -19.29 32.91
N LYS B 812 4.75 -20.11 33.64
CA LYS B 812 5.33 -20.94 34.69
C LYS B 812 5.59 -22.35 34.20
N ALA B 813 4.99 -22.72 33.07
CA ALA B 813 5.20 -24.07 32.56
C ALA B 813 4.81 -24.23 31.11
N VAL B 814 5.28 -25.31 30.50
CA VAL B 814 4.99 -25.63 29.11
C VAL B 814 4.59 -27.09 29.08
N LEU B 815 3.61 -27.42 28.25
CA LEU B 815 3.14 -28.79 28.11
C LEU B 815 3.25 -29.09 26.63
N ALA B 816 4.21 -29.94 26.29
CA ALA B 816 4.45 -30.31 24.90
C ALA B 816 4.53 -31.82 24.72
N GLU B 817 4.43 -32.25 23.48
CA GLU B 817 4.52 -33.67 23.16
C GLU B 817 6.01 -33.96 23.11
N SER B 818 6.77 -32.98 22.64
CA SER B 818 8.20 -33.16 22.48
C SER B 818 9.04 -31.87 22.66
N TYR B 819 10.24 -32.01 23.20
CA TYR B 819 11.13 -30.87 23.40
C TYR B 819 12.45 -31.07 22.70
N GLU B 820 12.97 -29.98 22.16
CA GLU B 820 14.26 -30.00 21.52
C GLU B 820 15.22 -29.96 22.73
N ARG B 821 16.23 -30.81 22.73
CA ARG B 821 17.20 -30.91 23.83
C ARG B 821 17.65 -29.63 24.52
N ILE B 822 18.38 -28.77 23.80
CA ILE B 822 18.90 -27.54 24.35
C ILE B 822 17.84 -26.68 25.02
N HIS B 823 16.82 -26.30 24.25
CA HIS B 823 15.75 -25.47 24.77
C HIS B 823 15.16 -25.98 26.07
N ARG B 824 14.95 -27.30 26.17
CA ARG B 824 14.38 -27.84 27.40
C ARG B 824 15.26 -27.40 28.55
N SER B 825 16.57 -27.51 28.35
CA SER B 825 17.53 -27.12 29.37
C SER B 825 17.42 -25.63 29.70
N ASN B 826 17.35 -24.82 28.65
CA ASN B 826 17.25 -23.38 28.80
C ASN B 826 16.04 -23.01 29.68
N LEU B 827 14.91 -23.69 29.47
CA LEU B 827 13.71 -23.41 30.26
C LEU B 827 13.95 -23.72 31.72
N VAL B 828 14.52 -24.90 32.00
CA VAL B 828 14.83 -25.30 33.36
C VAL B 828 15.68 -24.20 33.99
N GLY B 829 16.69 -23.76 33.25
CA GLY B 829 17.57 -22.73 33.74
C GLY B 829 16.85 -21.49 34.25
N MET B 830 15.74 -21.12 33.62
CA MET B 830 15.00 -19.93 34.04
C MET B 830 13.87 -20.21 35.03
N GLY B 831 13.82 -21.42 35.57
CA GLY B 831 12.80 -21.75 36.54
C GLY B 831 11.50 -22.31 35.98
N VAL B 832 11.33 -22.22 34.66
CA VAL B 832 10.13 -22.73 34.00
C VAL B 832 10.05 -24.26 34.01
N ILE B 833 8.86 -24.80 34.27
CA ILE B 833 8.66 -26.24 34.33
C ILE B 833 8.34 -26.89 32.98
N PRO B 834 9.20 -27.81 32.53
CA PRO B 834 8.87 -28.41 31.24
C PRO B 834 8.08 -29.72 31.43
N LEU B 835 6.82 -29.70 31.02
CA LEU B 835 5.96 -30.87 31.15
C LEU B 835 5.82 -31.59 29.81
N GLU B 836 5.78 -32.91 29.84
CA GLU B 836 5.65 -33.67 28.62
C GLU B 836 4.51 -34.68 28.73
N TYR B 837 3.67 -34.75 27.69
CA TYR B 837 2.55 -35.70 27.65
C TYR B 837 3.10 -37.12 27.72
N LEU B 838 2.28 -38.06 28.16
CA LEU B 838 2.71 -39.43 28.22
C LEU B 838 2.81 -39.95 26.78
N PRO B 839 3.64 -40.97 26.55
CA PRO B 839 3.79 -41.52 25.21
C PRO B 839 2.41 -41.86 24.63
N GLY B 840 2.09 -41.27 23.48
CA GLY B 840 0.83 -41.55 22.85
C GLY B 840 -0.25 -40.50 23.04
N GLU B 841 -0.11 -39.66 24.06
CA GLU B 841 -1.12 -38.64 24.31
C GLU B 841 -0.71 -37.25 23.90
N ASN B 842 -1.71 -36.38 23.73
CA ASN B 842 -1.47 -35.00 23.36
C ASN B 842 -2.79 -34.23 23.40
N ALA B 843 -2.72 -32.93 23.10
CA ALA B 843 -3.89 -32.07 23.12
C ALA B 843 -5.17 -32.72 22.56
N ASP B 844 -5.13 -33.15 21.30
CA ASP B 844 -6.30 -33.77 20.66
C ASP B 844 -6.76 -35.07 21.30
N SER B 845 -5.82 -35.95 21.58
CA SER B 845 -6.14 -37.21 22.23
C SER B 845 -6.93 -36.97 23.51
N LEU B 846 -6.48 -36.00 24.30
CA LEU B 846 -7.10 -35.66 25.57
C LEU B 846 -8.30 -34.73 25.47
N GLY B 847 -8.52 -34.15 24.30
CA GLY B 847 -9.65 -33.26 24.14
C GLY B 847 -9.35 -31.81 24.51
N LEU B 848 -8.24 -31.59 25.22
CA LEU B 848 -7.84 -30.26 25.64
C LEU B 848 -8.13 -29.21 24.56
N THR B 849 -8.86 -28.15 24.94
CA THR B 849 -9.19 -27.07 24.01
C THR B 849 -8.27 -25.86 24.22
N GLY B 850 -7.75 -25.73 25.44
CA GLY B 850 -6.87 -24.62 25.74
C GLY B 850 -7.63 -23.49 26.40
N ARG B 851 -8.90 -23.74 26.70
CA ARG B 851 -9.73 -22.73 27.33
C ARG B 851 -10.06 -23.11 28.75
N GLU B 852 -9.70 -24.33 29.13
CA GLU B 852 -9.92 -24.80 30.49
C GLU B 852 -8.89 -24.11 31.38
N ARG B 853 -9.02 -24.25 32.69
CA ARG B 853 -8.01 -23.65 33.55
C ARG B 853 -7.25 -24.82 34.15
N TYR B 854 -5.93 -24.76 34.03
CA TYR B 854 -5.05 -25.82 34.48
C TYR B 854 -4.43 -25.66 35.85
N THR B 855 -4.41 -26.77 36.58
CA THR B 855 -3.85 -26.83 37.92
C THR B 855 -2.88 -27.99 38.01
N ILE B 856 -1.65 -27.70 38.44
CA ILE B 856 -0.63 -28.71 38.59
C ILE B 856 -0.05 -28.61 39.99
N ILE B 857 -0.15 -29.69 40.76
CA ILE B 857 0.32 -29.71 42.14
C ILE B 857 1.70 -30.34 42.27
N ILE B 858 2.71 -29.51 42.45
CA ILE B 858 4.08 -29.99 42.58
C ILE B 858 4.40 -30.51 43.97
N PRO B 859 5.00 -31.70 44.06
CA PRO B 859 5.36 -32.30 45.35
C PRO B 859 6.71 -31.70 45.75
N GLU B 860 7.04 -31.70 47.04
CA GLU B 860 8.32 -31.14 47.46
C GLU B 860 9.44 -32.18 47.32
N ASN B 861 9.05 -33.44 47.14
CA ASN B 861 10.00 -34.54 46.98
C ASN B 861 10.03 -34.99 45.51
N LEU B 862 10.38 -34.04 44.64
CA LEU B 862 10.49 -34.26 43.20
C LEU B 862 11.64 -35.20 42.88
N THR B 863 11.42 -36.06 41.89
CA THR B 863 12.43 -37.00 41.43
C THR B 863 12.51 -36.81 39.93
N PRO B 864 13.68 -37.01 39.35
CA PRO B 864 13.83 -36.85 37.90
C PRO B 864 12.70 -37.51 37.11
N ARG B 865 12.25 -36.83 36.06
CA ARG B 865 11.19 -37.36 35.20
C ARG B 865 9.97 -37.92 35.91
N MET B 866 9.72 -37.45 37.13
CA MET B 866 8.56 -37.89 37.89
C MET B 866 7.25 -37.62 37.16
N HIS B 867 6.21 -38.35 37.51
CA HIS B 867 4.91 -38.14 36.89
C HIS B 867 4.02 -37.32 37.83
N VAL B 868 3.25 -36.39 37.26
CA VAL B 868 2.36 -35.58 38.06
C VAL B 868 0.98 -35.54 37.43
N GLN B 869 -0.01 -35.15 38.22
CA GLN B 869 -1.36 -35.07 37.73
C GLN B 869 -1.69 -33.65 37.31
N VAL B 870 -2.56 -33.51 36.32
CA VAL B 870 -2.99 -32.21 35.85
C VAL B 870 -4.50 -32.25 35.94
N LYS B 871 -5.10 -31.46 36.82
CA LYS B 871 -6.55 -31.46 36.93
C LYS B 871 -7.12 -30.17 36.37
N LEU B 872 -8.08 -30.34 35.46
CA LEU B 872 -8.75 -29.23 34.81
C LEU B 872 -9.95 -28.75 35.61
N ASP B 873 -10.40 -27.53 35.33
CA ASP B 873 -11.55 -26.96 36.01
C ASP B 873 -12.84 -27.48 35.41
N THR B 874 -12.75 -28.56 34.62
CA THR B 874 -13.93 -29.15 34.02
C THR B 874 -14.02 -30.57 34.57
N GLY B 875 -13.31 -30.80 35.67
CA GLY B 875 -13.29 -32.10 36.31
C GLY B 875 -12.27 -33.03 35.69
N LYS B 876 -11.97 -32.86 34.41
CA LYS B 876 -11.01 -33.72 33.73
C LYS B 876 -9.67 -33.84 34.46
N THR B 877 -8.98 -34.94 34.21
CA THR B 877 -7.70 -35.22 34.85
C THR B 877 -6.78 -36.02 33.93
N PHE B 878 -5.48 -35.86 34.08
CA PHE B 878 -4.51 -36.61 33.29
C PHE B 878 -3.08 -36.48 33.81
N GLN B 879 -2.22 -37.43 33.43
CA GLN B 879 -0.82 -37.44 33.86
C GLN B 879 0.06 -36.70 32.86
N ALA B 880 1.28 -36.40 33.27
CA ALA B 880 2.25 -35.71 32.43
C ALA B 880 3.59 -35.92 33.10
N VAL B 881 4.66 -35.87 32.32
CA VAL B 881 5.98 -36.04 32.87
C VAL B 881 6.59 -34.68 33.17
N ILE B 882 7.08 -34.51 34.39
CA ILE B 882 7.71 -33.25 34.76
C ILE B 882 9.17 -33.49 34.37
N ARG B 883 9.54 -32.89 33.25
CA ARG B 883 10.87 -33.08 32.68
C ARG B 883 12.11 -32.40 33.24
N PHE B 884 12.42 -32.73 34.48
CA PHE B 884 13.64 -32.27 35.12
C PHE B 884 14.40 -33.59 35.04
N ASP B 885 15.48 -33.62 34.28
CA ASP B 885 16.19 -34.86 34.10
C ASP B 885 17.30 -35.25 35.08
N THR B 886 17.81 -34.29 35.86
CA THR B 886 18.88 -34.61 36.79
C THR B 886 18.76 -33.82 38.08
N ASP B 887 19.54 -34.24 39.08
CA ASP B 887 19.54 -33.58 40.39
C ASP B 887 20.04 -32.13 40.28
N VAL B 888 20.92 -31.88 39.32
CA VAL B 888 21.41 -30.52 39.13
C VAL B 888 20.22 -29.70 38.70
N GLU B 889 19.49 -30.22 37.72
CA GLU B 889 18.30 -29.55 37.20
C GLU B 889 17.26 -29.34 38.29
N LEU B 890 17.10 -30.32 39.18
CA LEU B 890 16.14 -30.17 40.27
C LEU B 890 16.60 -29.04 41.17
N THR B 891 17.92 -28.92 41.34
CA THR B 891 18.43 -27.87 42.19
C THR B 891 18.09 -26.51 41.61
N TYR B 892 18.31 -26.36 40.31
CA TYR B 892 17.98 -25.10 39.67
C TYR B 892 16.49 -24.80 39.87
N PHE B 893 15.65 -25.82 39.73
CA PHE B 893 14.22 -25.63 39.92
C PHE B 893 13.92 -25.11 41.32
N HIS B 894 14.45 -25.78 42.34
CA HIS B 894 14.21 -25.35 43.71
C HIS B 894 14.69 -23.95 43.99
N ASN B 895 15.75 -23.54 43.31
CA ASN B 895 16.31 -22.21 43.51
C ASN B 895 15.65 -21.18 42.63
N GLY B 896 14.79 -21.63 41.72
CA GLY B 896 14.10 -20.73 40.83
C GLY B 896 14.89 -20.37 39.59
N GLY B 897 15.97 -21.10 39.33
CA GLY B 897 16.78 -20.81 38.16
C GLY B 897 18.26 -20.85 38.47
N ILE B 898 19.07 -21.02 37.44
CA ILE B 898 20.51 -21.09 37.61
C ILE B 898 21.10 -19.79 38.13
N LEU B 899 20.57 -18.65 37.70
CA LEU B 899 21.08 -17.37 38.17
C LEU B 899 20.82 -17.22 39.67
N ASN B 900 19.60 -17.55 40.10
CA ASN B 900 19.25 -17.47 41.51
C ASN B 900 20.16 -18.38 42.32
N TYR B 901 20.35 -19.61 41.85
CA TYR B 901 21.20 -20.56 42.54
C TYR B 901 22.57 -19.94 42.79
N MET B 902 23.12 -19.31 41.75
CA MET B 902 24.42 -18.66 41.84
C MET B 902 24.42 -17.55 42.88
N ILE B 903 23.34 -16.79 42.95
CA ILE B 903 23.24 -15.70 43.93
C ILE B 903 23.30 -16.22 45.38
N ARG B 904 22.57 -17.29 45.67
CA ARG B 904 22.56 -17.85 47.03
C ARG B 904 23.90 -18.48 47.41
N LYS B 905 24.51 -19.15 46.45
CA LYS B 905 25.79 -19.80 46.69
C LYS B 905 26.87 -18.77 47.02
N MET B 906 26.63 -17.51 46.62
CA MET B 906 27.62 -16.46 46.87
C MET B 906 27.37 -15.59 48.07
N ALA B 907 26.11 -15.34 48.41
CA ALA B 907 25.79 -14.49 49.56
C ALA B 907 25.82 -15.27 50.87
N LYS B 908 27.02 -15.58 51.37
CA LYS B 908 27.16 -16.32 52.62
C LYS B 908 28.35 -15.85 53.46
#